data_4UO7
#
_entry.id   4UO7
#
_cell.length_a   167.306
_cell.length_b   348.485
_cell.length_c   95.813
_cell.angle_alpha   90.00
_cell.angle_beta   90.00
_cell.angle_gamma   90.00
#
_symmetry.space_group_name_H-M   'C 2 2 21'
#
loop_
_entity.id
_entity.type
_entity.pdbx_description
1 polymer 'HAEMAGGLUTININ HA1'
2 polymer 'HAEMAGGLUTININ HA2'
3 branched 2-acetamido-2-deoxy-beta-D-glucopyranose-(1-4)-2-acetamido-2-deoxy-beta-D-glucopyranose
4 branched beta-D-mannopyranose-(1-4)-2-acetamido-2-deoxy-beta-D-glucopyranose-(1-4)-2-acetamido-2-deoxy-beta-D-glucopyranose
5 branched alpha-D-mannopyranose-(1-3)-[alpha-D-mannopyranose-(1-6)]beta-D-mannopyranose-(1-4)-2-acetamido-2-deoxy-beta-D-glucopyranose-(1-4)-2-acetamido-2-deoxy-beta-D-glucopyranose
6 branched 'N-acetyl-alpha-neuraminic acid-(2-3)-beta-D-galactopyranose-(1-4)-[alpha-L-fucopyranose-(1-3)]2-acetamido-2-deoxy-6-O-sulfo-beta-D-glucopyranose'
7 non-polymer 'SULFATE ION'
8 non-polymer 2-acetamido-2-deoxy-beta-D-glucopyranose
9 water water
#
loop_
_entity_poly.entity_id
_entity_poly.type
_entity_poly.pdbx_seq_one_letter_code
_entity_poly.pdbx_strand_id
1 'polypeptide(L)'
;QNPISGNNTATLCLGHHAVANGTLVKTMSDDQIEVTNATELVQSISMGKICNKSYRILDGRNCTLIDAMLGDPHCDAFQY
ESWDLFIERSNAFSNCYPYDIPDYASLRSIVASSGTVEFTAEGFTWTGVTQNGRSGACKRGSADSFFSRLNWLTKSGSSY
PTLNVTMPNNKNFDKLYIWGIHHPSSNQEQTKLYIQESGRVTVSTKRSQQTIIPNIGSRPLVRGQSGRISIYWTIVKPGD
ILMINSNGNLVAPRGYFKLNTGKSSVMRSDVPIDICVSECITPNGSISNDKPFQNVNKVTYGKCPKYIRQNTLKLATGMR
NVPEKQTR
;
A,C,E
2 'polypeptide(L)'
;GIFGAIAGFIENGWEGMVDGWYGFRYQNSEGTGQAADLKSTQAAIDQINGKLNRVIERTNEKFHQIEKEFSEVEGRIQDL
EKYVEDTKIDLWSYNAELLVALENQHTIDLTDAEMNKLFEKTRRQLRENAEDMGDGCFKIYHKCDNACIESIRTGTYDHY
IYRDEALNNRFQSGR
;
B,D,F
#
# COMPACT_ATOMS: atom_id res chain seq x y z
N ASN A 7 -6.91 9.09 67.49
CA ASN A 7 -5.52 9.33 68.00
C ASN A 7 -5.06 10.80 67.91
N ASN A 8 -5.99 11.72 67.62
CA ASN A 8 -5.68 13.10 67.20
C ASN A 8 -5.08 13.19 65.79
N THR A 9 -5.19 12.10 65.02
CA THR A 9 -4.65 12.02 63.67
C THR A 9 -5.46 11.00 62.88
N ALA A 10 -5.15 10.88 61.58
CA ALA A 10 -5.76 9.87 60.74
C ALA A 10 -4.95 9.73 59.46
N THR A 11 -4.55 8.52 59.13
CA THR A 11 -3.78 8.26 57.90
C THR A 11 -4.72 7.85 56.78
N LEU A 12 -4.65 8.59 55.66
CA LEU A 12 -5.52 8.35 54.51
C LEU A 12 -4.67 7.98 53.30
N CYS A 13 -4.87 6.76 52.80
CA CYS A 13 -4.02 6.22 51.75
C CYS A 13 -4.76 6.07 50.46
N LEU A 14 -4.10 6.45 49.36
CA LEU A 14 -4.63 6.25 48.02
C LEU A 14 -4.00 5.03 47.37
N GLY A 15 -4.77 4.35 46.53
CA GLY A 15 -4.29 3.14 45.88
C GLY A 15 -5.04 2.77 44.63
N HIS A 16 -4.37 2.00 43.78
CA HIS A 16 -5.00 1.45 42.59
C HIS A 16 -5.24 -0.03 42.84
N HIS A 17 -6.03 -0.65 41.97
CA HIS A 17 -6.37 -2.05 42.16
C HIS A 17 -5.38 -2.96 41.44
N ALA A 18 -5.54 -4.26 41.64
CA ALA A 18 -4.68 -5.28 41.02
C ALA A 18 -5.43 -6.62 40.97
N VAL A 19 -4.94 -7.53 40.15
CA VAL A 19 -5.61 -8.81 39.96
C VAL A 19 -4.61 -9.97 40.12
N ALA A 20 -5.12 -11.19 40.12
CA ALA A 20 -4.32 -12.39 40.36
C ALA A 20 -3.97 -13.17 39.08
N ASN A 21 -3.93 -12.49 37.94
CA ASN A 21 -3.52 -13.11 36.69
C ASN A 21 -3.11 -12.04 35.69
N GLY A 22 -2.04 -11.31 36.02
CA GLY A 22 -1.55 -10.23 35.17
C GLY A 22 -1.08 -10.73 33.80
N THR A 23 -1.54 -10.05 32.75
CA THR A 23 -1.19 -10.39 31.37
C THR A 23 -0.10 -9.47 30.83
N LEU A 24 0.79 -10.03 30.01
CA LEU A 24 1.91 -9.31 29.44
C LEU A 24 1.54 -8.67 28.11
N VAL A 25 1.83 -7.37 27.99
CA VAL A 25 1.60 -6.61 26.77
C VAL A 25 2.87 -5.90 26.35
N LYS A 26 2.82 -5.24 25.19
CA LYS A 26 3.96 -4.53 24.64
C LYS A 26 3.61 -3.06 24.45
N THR A 27 4.47 -2.18 24.97
CA THR A 27 4.30 -0.74 24.83
C THR A 27 5.41 -0.20 23.93
N MET A 28 5.51 1.12 23.81
CA MET A 28 6.65 1.74 23.11
C MET A 28 7.89 1.80 23.99
N SER A 29 7.66 1.76 25.30
CA SER A 29 8.75 1.81 26.28
C SER A 29 9.31 0.45 26.60
N ASP A 30 8.43 -0.55 26.66
CA ASP A 30 8.79 -1.88 27.15
C ASP A 30 8.42 -2.98 26.17
N ASP A 31 9.21 -4.05 26.18
CA ASP A 31 8.97 -5.19 25.31
C ASP A 31 7.81 -6.01 25.86
N GLN A 32 7.89 -6.36 27.14
CA GLN A 32 6.86 -7.15 27.82
C GLN A 32 6.57 -6.58 29.21
N ILE A 33 5.40 -5.97 29.39
CA ILE A 33 4.99 -5.37 30.65
C ILE A 33 3.60 -5.86 31.06
N GLU A 34 3.41 -6.06 32.37
CA GLU A 34 2.21 -6.72 32.89
C GLU A 34 1.06 -5.75 33.18
N VAL A 35 -0.13 -6.09 32.67
CA VAL A 35 -1.33 -5.28 32.87
C VAL A 35 -2.49 -6.10 33.44
N THR A 36 -3.48 -5.41 34.01
CA THR A 36 -4.60 -6.05 34.71
C THR A 36 -5.49 -6.83 33.75
N ASN A 37 -5.54 -6.41 32.50
CA ASN A 37 -6.33 -7.11 31.52
C ASN A 37 -5.95 -6.77 30.08
N ALA A 38 -5.96 -7.79 29.24
CA ALA A 38 -5.70 -7.63 27.83
C ALA A 38 -6.88 -8.10 27.02
N THR A 39 -6.76 -7.96 25.71
CA THR A 39 -7.74 -8.49 24.77
C THR A 39 -7.02 -8.84 23.46
N GLU A 40 -7.44 -9.93 22.84
CA GLU A 40 -6.79 -10.40 21.64
C GLU A 40 -7.29 -9.57 20.48
N LEU A 41 -6.41 -9.28 19.53
CA LEU A 41 -6.78 -8.54 18.33
C LEU A 41 -6.77 -9.39 17.05
N VAL A 42 -5.89 -10.40 16.99
CA VAL A 42 -5.81 -11.25 15.81
C VAL A 42 -6.61 -12.54 15.98
N GLN A 43 -7.39 -12.88 14.96
CA GLN A 43 -8.12 -14.15 14.90
C GLN A 43 -7.21 -15.27 14.39
N SER A 44 -6.98 -16.28 15.23
CA SER A 44 -6.06 -17.38 14.90
C SER A 44 -6.75 -18.57 14.26
N ILE A 45 -7.98 -18.84 14.71
CA ILE A 45 -8.67 -20.07 14.35
C ILE A 45 -9.96 -19.81 13.56
N SER A 46 -10.22 -20.71 12.62
CA SER A 46 -11.46 -20.74 11.85
C SER A 46 -12.45 -21.66 12.56
N MET A 47 -13.65 -21.78 12.00
CA MET A 47 -14.66 -22.69 12.54
C MET A 47 -14.50 -24.08 11.94
N GLY A 48 -13.76 -24.19 10.83
CA GLY A 48 -13.55 -25.46 10.14
C GLY A 48 -14.70 -25.88 9.23
N LYS A 49 -15.68 -24.99 9.05
CA LYS A 49 -16.84 -25.21 8.20
C LYS A 49 -17.29 -23.89 7.60
N ILE A 50 -17.70 -23.92 6.35
CA ILE A 50 -18.18 -22.71 5.66
C ILE A 50 -19.67 -22.59 5.98
N CYS A 51 -20.10 -21.37 6.31
CA CYS A 51 -21.43 -21.16 6.87
C CYS A 51 -22.39 -20.49 5.89
N ASN A 52 -23.50 -21.20 5.61
CA ASN A 52 -24.39 -20.89 4.48
C ASN A 52 -25.62 -20.02 4.79
N LYS A 53 -25.83 -19.68 6.05
CA LYS A 53 -26.72 -18.57 6.41
C LYS A 53 -25.93 -17.26 6.27
N SER A 54 -26.64 -16.17 5.99
CA SER A 54 -26.06 -14.87 5.63
C SER A 54 -25.83 -14.76 4.10
N TYR A 55 -24.80 -15.42 3.57
CA TYR A 55 -24.55 -15.42 2.12
C TYR A 55 -25.08 -16.68 1.49
N ARG A 56 -25.61 -16.55 0.28
CA ARG A 56 -26.12 -17.70 -0.44
C ARG A 56 -24.95 -18.36 -1.11
N ILE A 57 -24.42 -19.41 -0.49
CA ILE A 57 -23.20 -20.05 -1.00
C ILE A 57 -23.50 -21.40 -1.66
N LEU A 58 -22.71 -21.73 -2.67
CA LEU A 58 -23.01 -22.82 -3.58
C LEU A 58 -21.83 -23.77 -3.69
N ASP A 59 -22.05 -25.04 -3.35
CA ASP A 59 -21.00 -26.05 -3.42
C ASP A 59 -20.81 -26.51 -4.86
N GLY A 60 -19.65 -26.23 -5.43
CA GLY A 60 -19.32 -26.70 -6.78
C GLY A 60 -19.32 -28.22 -6.93
N ARG A 61 -19.02 -28.93 -5.86
CA ARG A 61 -19.00 -30.40 -5.86
C ARG A 61 -18.04 -30.96 -6.92
N ASN A 62 -18.56 -31.63 -7.94
CA ASN A 62 -17.72 -32.14 -9.01
C ASN A 62 -17.51 -31.16 -10.15
N CYS A 63 -18.15 -29.99 -10.07
CA CYS A 63 -18.09 -29.01 -11.13
C CYS A 63 -17.20 -27.86 -10.80
N THR A 64 -16.48 -27.39 -11.82
CA THR A 64 -15.78 -26.13 -11.77
C THR A 64 -16.77 -25.09 -12.25
N LEU A 65 -16.44 -23.82 -12.05
CA LEU A 65 -17.32 -22.72 -12.43
C LEU A 65 -17.54 -22.64 -13.94
N ILE A 66 -16.53 -22.99 -14.72
CA ILE A 66 -16.61 -22.91 -16.19
C ILE A 66 -17.34 -24.10 -16.80
N ASP A 67 -17.08 -25.31 -16.32
CA ASP A 67 -17.86 -26.48 -16.76
C ASP A 67 -19.35 -26.26 -16.48
N ALA A 68 -19.66 -25.51 -15.42
CA ALA A 68 -21.03 -25.28 -15.00
C ALA A 68 -21.81 -24.45 -15.99
N MET A 69 -21.18 -23.46 -16.60
CA MET A 69 -21.87 -22.60 -17.55
C MET A 69 -21.79 -23.11 -19.00
N LEU A 70 -20.70 -23.76 -19.37
CA LEU A 70 -20.60 -24.36 -20.69
C LEU A 70 -21.64 -25.45 -20.88
N GLY A 71 -22.00 -26.16 -19.81
CA GLY A 71 -23.00 -27.21 -19.88
C GLY A 71 -22.42 -28.60 -19.99
N ASP A 72 -21.40 -28.86 -19.17
CA ASP A 72 -20.82 -30.18 -18.99
C ASP A 72 -21.92 -31.10 -18.42
N PRO A 73 -22.14 -32.27 -19.04
CA PRO A 73 -23.20 -33.19 -18.60
C PRO A 73 -23.37 -33.34 -17.09
N HIS A 74 -22.28 -33.51 -16.35
CA HIS A 74 -22.39 -33.71 -14.91
C HIS A 74 -22.60 -32.41 -14.13
N CYS A 75 -22.66 -31.29 -14.84
CA CYS A 75 -23.05 -30.00 -14.25
C CYS A 75 -24.47 -29.58 -14.61
N ASP A 76 -25.24 -30.48 -15.24
CA ASP A 76 -26.64 -30.21 -15.58
C ASP A 76 -27.42 -29.56 -14.44
N ALA A 77 -27.16 -29.97 -13.20
CA ALA A 77 -27.93 -29.48 -12.06
C ALA A 77 -27.68 -28.00 -11.73
N PHE A 78 -26.65 -27.40 -12.31
CA PHE A 78 -26.30 -26.00 -12.04
C PHE A 78 -26.90 -25.02 -13.05
N GLN A 79 -27.63 -25.52 -14.05
CA GLN A 79 -28.18 -24.68 -15.13
C GLN A 79 -28.79 -23.37 -14.62
N TYR A 80 -29.60 -23.47 -13.56
CA TYR A 80 -30.42 -22.34 -13.12
C TYR A 80 -29.96 -21.75 -11.78
N GLU A 81 -28.66 -21.82 -11.52
CA GLU A 81 -28.12 -21.41 -10.22
C GLU A 81 -27.70 -19.95 -10.16
N SER A 82 -27.54 -19.50 -8.92
CA SER A 82 -27.02 -18.18 -8.61
C SER A 82 -26.40 -18.22 -7.23
N TRP A 83 -25.44 -17.32 -6.97
CA TRP A 83 -24.64 -17.42 -5.76
C TRP A 83 -24.00 -16.10 -5.38
N ASP A 84 -23.64 -16.01 -4.11
CA ASP A 84 -22.77 -14.96 -3.61
C ASP A 84 -21.35 -15.49 -3.63
N LEU A 85 -21.17 -16.73 -3.20
CA LEU A 85 -19.87 -17.38 -3.33
C LEU A 85 -20.04 -18.78 -3.93
N PHE A 86 -19.26 -19.06 -4.95
CA PHE A 86 -19.20 -20.39 -5.55
C PHE A 86 -17.96 -21.06 -5.00
N ILE A 87 -18.13 -22.23 -4.40
CA ILE A 87 -17.00 -22.96 -3.85
C ILE A 87 -16.49 -24.00 -4.87
N GLU A 88 -15.26 -23.84 -5.34
CA GLU A 88 -14.66 -24.81 -6.25
C GLU A 88 -13.86 -25.85 -5.48
N ARG A 89 -14.33 -27.09 -5.46
CA ARG A 89 -13.56 -28.17 -4.84
C ARG A 89 -12.40 -28.53 -5.75
N SER A 90 -11.24 -28.84 -5.16
CA SER A 90 -10.03 -29.05 -5.96
C SER A 90 -10.09 -30.32 -6.80
N ASN A 91 -10.83 -31.33 -6.35
CA ASN A 91 -10.98 -32.59 -7.10
C ASN A 91 -12.14 -32.60 -8.11
N ALA A 92 -12.64 -31.41 -8.45
CA ALA A 92 -13.59 -31.27 -9.54
C ALA A 92 -12.89 -31.66 -10.81
N PHE A 93 -13.67 -31.97 -11.85
CA PHE A 93 -13.12 -32.36 -13.14
C PHE A 93 -14.04 -31.98 -14.28
N SER A 94 -13.54 -32.17 -15.49
CA SER A 94 -14.34 -32.06 -16.71
C SER A 94 -14.64 -33.47 -17.16
N ASN A 95 -15.75 -33.63 -17.85
CA ASN A 95 -16.19 -34.92 -18.39
C ASN A 95 -16.89 -34.67 -19.73
N CYS A 96 -16.27 -33.83 -20.55
CA CYS A 96 -16.87 -33.36 -21.79
C CYS A 96 -15.78 -33.25 -22.86
N TYR A 97 -16.12 -32.71 -24.02
CA TYR A 97 -15.17 -32.64 -25.11
C TYR A 97 -13.95 -31.87 -24.61
N PRO A 98 -12.74 -32.39 -24.83
CA PRO A 98 -11.57 -31.71 -24.27
C PRO A 98 -11.41 -30.35 -24.91
N TYR A 99 -11.07 -29.35 -24.10
CA TYR A 99 -11.08 -27.95 -24.54
C TYR A 99 -10.07 -27.10 -23.81
N ASP A 100 -9.79 -25.93 -24.38
CA ASP A 100 -9.06 -24.88 -23.67
C ASP A 100 -9.72 -23.54 -23.90
N ILE A 101 -9.54 -22.64 -22.93
CA ILE A 101 -10.03 -21.28 -23.02
C ILE A 101 -8.81 -20.35 -22.94
N PRO A 102 -8.49 -19.66 -24.04
CA PRO A 102 -7.46 -18.64 -23.95
C PRO A 102 -7.91 -17.57 -22.97
N ASP A 103 -7.04 -17.21 -22.03
CA ASP A 103 -7.36 -16.22 -21.02
C ASP A 103 -8.49 -16.74 -20.13
N TYR A 104 -8.31 -17.98 -19.69
CA TYR A 104 -9.30 -18.71 -18.89
C TYR A 104 -9.67 -17.97 -17.59
N ALA A 105 -8.67 -17.55 -16.83
CA ALA A 105 -8.88 -16.88 -15.54
C ALA A 105 -9.80 -15.69 -15.65
N SER A 106 -9.63 -14.89 -16.69
CA SER A 106 -10.48 -13.72 -16.89
C SER A 106 -11.94 -14.11 -17.07
N LEU A 107 -12.21 -15.07 -17.95
CA LEU A 107 -13.58 -15.54 -18.12
C LEU A 107 -14.15 -16.05 -16.80
N ARG A 108 -13.33 -16.75 -16.02
CA ARG A 108 -13.72 -17.32 -14.72
C ARG A 108 -14.05 -16.21 -13.72
N SER A 109 -13.22 -15.17 -13.71
CA SER A 109 -13.47 -13.99 -12.88
C SER A 109 -14.74 -13.27 -13.29
N ILE A 110 -14.92 -13.10 -14.59
CA ILE A 110 -16.09 -12.38 -15.10
C ILE A 110 -17.37 -13.11 -14.67
N VAL A 111 -17.41 -14.42 -14.92
CA VAL A 111 -18.57 -15.25 -14.56
C VAL A 111 -18.79 -15.26 -13.04
N ALA A 112 -17.70 -15.39 -12.28
CA ALA A 112 -17.79 -15.37 -10.82
C ALA A 112 -18.44 -14.07 -10.32
N SER A 113 -18.04 -12.95 -10.92
CA SER A 113 -18.60 -11.64 -10.56
C SER A 113 -20.08 -11.53 -10.92
N SER A 114 -20.50 -12.30 -11.91
CA SER A 114 -21.88 -12.31 -12.36
C SER A 114 -22.81 -12.94 -11.33
N GLY A 115 -22.34 -14.01 -10.69
CA GLY A 115 -23.13 -14.71 -9.69
C GLY A 115 -24.29 -15.53 -10.25
N THR A 116 -24.11 -16.06 -11.46
CA THR A 116 -25.11 -16.93 -12.05
C THR A 116 -24.57 -17.57 -13.32
N VAL A 117 -25.20 -18.66 -13.73
CA VAL A 117 -25.00 -19.24 -15.05
C VAL A 117 -26.35 -19.46 -15.73
N GLU A 118 -27.33 -18.65 -15.33
CA GLU A 118 -28.62 -18.63 -15.99
C GLU A 118 -28.41 -18.20 -17.44
N PHE A 119 -29.18 -18.80 -18.33
CA PHE A 119 -28.89 -18.74 -19.76
C PHE A 119 -30.15 -18.51 -20.57
N THR A 120 -30.21 -17.42 -21.30
CA THR A 120 -31.36 -17.14 -22.15
C THR A 120 -31.06 -17.67 -23.56
N ALA A 121 -31.98 -18.47 -24.10
CA ALA A 121 -31.84 -19.01 -25.43
C ALA A 121 -32.16 -17.94 -26.46
N GLU A 122 -31.80 -18.20 -27.71
CA GLU A 122 -32.06 -17.27 -28.81
C GLU A 122 -32.19 -18.00 -30.13
N GLY A 123 -33.02 -17.47 -31.02
CA GLY A 123 -33.36 -18.13 -32.27
C GLY A 123 -32.35 -17.87 -33.38
N PHE A 124 -31.17 -18.46 -33.26
CA PHE A 124 -30.17 -18.39 -34.33
C PHE A 124 -30.57 -19.31 -35.49
N THR A 125 -30.57 -18.79 -36.71
CA THR A 125 -30.85 -19.62 -37.87
C THR A 125 -29.56 -20.03 -38.57
N TRP A 126 -29.27 -21.34 -38.52
CA TRP A 126 -28.12 -21.90 -39.21
C TRP A 126 -28.63 -22.72 -40.39
N THR A 127 -28.69 -22.08 -41.56
CA THR A 127 -29.27 -22.71 -42.73
C THR A 127 -28.19 -23.46 -43.52
N GLY A 128 -28.54 -24.67 -43.94
CA GLY A 128 -27.68 -25.50 -44.77
C GLY A 128 -26.53 -26.17 -44.04
N VAL A 129 -26.70 -26.36 -42.74
CA VAL A 129 -25.70 -27.04 -41.90
C VAL A 129 -26.44 -27.87 -40.87
N THR A 130 -25.93 -29.07 -40.60
CA THR A 130 -26.58 -29.97 -39.65
C THR A 130 -26.11 -29.63 -38.20
N GLN A 131 -27.05 -29.62 -37.26
CA GLN A 131 -26.80 -29.09 -35.92
C GLN A 131 -26.81 -30.15 -34.81
N ASN A 132 -26.52 -29.71 -33.59
CA ASN A 132 -26.58 -30.54 -32.40
C ASN A 132 -25.66 -31.75 -32.48
N GLY A 133 -24.47 -31.53 -33.03
CA GLY A 133 -23.48 -32.59 -33.16
C GLY A 133 -22.95 -33.00 -31.79
N ARG A 134 -22.82 -34.30 -31.59
CA ARG A 134 -22.48 -34.87 -30.30
C ARG A 134 -21.11 -35.54 -30.40
N SER A 135 -20.59 -36.00 -29.26
CA SER A 135 -19.31 -36.69 -29.22
C SER A 135 -19.28 -37.74 -28.13
N GLY A 136 -18.25 -38.57 -28.14
CA GLY A 136 -18.11 -39.65 -27.17
C GLY A 136 -17.67 -39.19 -25.80
N ALA A 137 -17.08 -38.00 -25.71
CA ALA A 137 -16.59 -37.48 -24.43
C ALA A 137 -17.68 -36.96 -23.51
N CYS A 138 -18.63 -36.17 -24.03
CA CYS A 138 -19.78 -35.73 -23.22
C CYS A 138 -20.91 -36.76 -23.33
N LYS A 139 -21.35 -37.27 -22.20
CA LYS A 139 -22.42 -38.26 -22.17
C LYS A 139 -23.60 -37.82 -21.30
N ARG A 140 -24.76 -37.70 -21.94
CA ARG A 140 -26.02 -37.53 -21.23
C ARG A 140 -26.57 -38.93 -21.01
N GLY A 141 -26.40 -39.41 -19.78
CA GLY A 141 -26.83 -40.76 -19.41
C GLY A 141 -25.92 -41.79 -20.05
N SER A 142 -26.44 -42.50 -21.04
CA SER A 142 -25.66 -43.45 -21.83
C SER A 142 -25.36 -42.90 -23.22
N ALA A 143 -26.28 -42.10 -23.76
CA ALA A 143 -26.14 -41.57 -25.09
C ALA A 143 -25.00 -40.56 -25.19
N ASP A 144 -24.56 -40.31 -26.42
CA ASP A 144 -23.58 -39.26 -26.71
C ASP A 144 -24.23 -37.92 -26.50
N SER A 145 -23.40 -36.90 -26.26
CA SER A 145 -23.89 -35.55 -26.08
C SER A 145 -22.81 -34.52 -26.33
N PHE A 146 -23.05 -33.31 -25.83
CA PHE A 146 -22.12 -32.21 -25.97
C PHE A 146 -22.48 -31.14 -24.95
N PHE A 147 -21.61 -30.14 -24.83
CA PHE A 147 -21.92 -28.95 -24.07
C PHE A 147 -23.32 -28.42 -24.40
N SER A 148 -24.12 -28.21 -23.36
CA SER A 148 -25.54 -27.88 -23.52
C SER A 148 -25.80 -26.43 -23.94
N ARG A 149 -24.83 -25.55 -23.71
CA ARG A 149 -24.98 -24.14 -24.06
C ARG A 149 -24.24 -23.82 -25.37
N LEU A 150 -23.74 -24.87 -26.03
CA LEU A 150 -23.04 -24.71 -27.29
C LEU A 150 -23.65 -25.60 -28.37
N ASN A 151 -23.43 -25.21 -29.61
CA ASN A 151 -24.07 -25.85 -30.75
C ASN A 151 -23.03 -26.18 -31.81
N TRP A 152 -22.65 -27.46 -31.84
CA TRP A 152 -21.66 -27.94 -32.79
C TRP A 152 -22.30 -28.04 -34.16
N LEU A 153 -21.83 -27.22 -35.10
CA LEU A 153 -22.35 -27.19 -36.45
C LEU A 153 -21.39 -27.87 -37.40
N THR A 154 -21.87 -28.92 -38.06
CA THR A 154 -21.15 -29.61 -39.15
C THR A 154 -21.93 -29.43 -40.45
N LYS A 155 -21.36 -29.90 -41.57
CA LYS A 155 -22.00 -29.71 -42.87
C LYS A 155 -23.26 -30.56 -43.02
N SER A 156 -24.05 -30.21 -44.03
CA SER A 156 -25.25 -30.97 -44.38
C SER A 156 -25.18 -31.26 -45.89
N GLY A 157 -25.45 -32.51 -46.26
CA GLY A 157 -25.23 -32.96 -47.64
C GLY A 157 -23.75 -33.05 -47.90
N SER A 158 -23.25 -32.21 -48.81
CA SER A 158 -21.82 -32.06 -49.03
C SER A 158 -21.47 -30.60 -49.29
N SER A 159 -22.02 -29.70 -48.47
CA SER A 159 -21.72 -28.27 -48.54
C SER A 159 -21.94 -27.59 -47.19
N TYR A 160 -20.98 -26.77 -46.79
CA TYR A 160 -21.02 -25.97 -45.56
C TYR A 160 -20.83 -24.52 -46.00
N PRO A 161 -21.94 -23.81 -46.25
CA PRO A 161 -21.83 -22.47 -46.85
C PRO A 161 -21.30 -21.46 -45.84
N THR A 162 -20.96 -20.26 -46.30
CA THR A 162 -20.61 -19.18 -45.37
C THR A 162 -21.85 -18.86 -44.54
N LEU A 163 -21.74 -19.07 -43.24
CA LEU A 163 -22.77 -18.66 -42.29
C LEU A 163 -22.61 -17.17 -42.02
N ASN A 164 -23.73 -16.49 -41.91
CA ASN A 164 -23.74 -15.06 -41.70
C ASN A 164 -24.99 -14.76 -40.94
N VAL A 165 -24.91 -14.92 -39.61
CA VAL A 165 -26.07 -14.81 -38.75
C VAL A 165 -25.96 -13.59 -37.86
N THR A 166 -27.05 -12.83 -37.80
CA THR A 166 -27.12 -11.59 -37.06
C THR A 166 -28.02 -11.77 -35.83
N MET A 167 -27.72 -11.04 -34.76
CA MET A 167 -28.49 -11.13 -33.52
C MET A 167 -28.40 -9.81 -32.74
N PRO A 168 -29.35 -8.90 -32.98
CA PRO A 168 -29.26 -7.56 -32.40
C PRO A 168 -29.61 -7.54 -30.92
N ASN A 169 -28.89 -6.69 -30.18
CA ASN A 169 -29.15 -6.47 -28.77
C ASN A 169 -30.09 -5.28 -28.58
N ASN A 170 -31.37 -5.57 -28.36
CA ASN A 170 -32.40 -4.57 -28.11
C ASN A 170 -32.76 -4.42 -26.63
N LYS A 171 -32.04 -5.15 -25.77
CA LYS A 171 -32.22 -5.02 -24.33
C LYS A 171 -31.33 -3.90 -23.81
N ASN A 172 -31.50 -3.54 -22.54
CA ASN A 172 -30.73 -2.44 -21.95
C ASN A 172 -29.61 -2.90 -21.00
N PHE A 173 -29.05 -4.08 -21.26
CA PHE A 173 -27.92 -4.60 -20.48
C PHE A 173 -26.91 -5.30 -21.39
N ASP A 174 -25.71 -5.54 -20.87
CA ASP A 174 -24.67 -6.22 -21.65
C ASP A 174 -24.91 -7.73 -21.70
N LYS A 175 -24.91 -8.29 -22.91
CA LYS A 175 -25.04 -9.72 -23.14
C LYS A 175 -23.68 -10.35 -23.37
N LEU A 176 -23.39 -11.41 -22.60
CA LEU A 176 -22.19 -12.22 -22.83
C LEU A 176 -22.55 -13.37 -23.78
N TYR A 177 -21.79 -13.51 -24.85
CA TYR A 177 -21.99 -14.63 -25.77
C TYR A 177 -20.75 -15.49 -25.68
N ILE A 178 -20.94 -16.77 -25.39
CA ILE A 178 -19.84 -17.71 -25.37
C ILE A 178 -19.93 -18.51 -26.64
N TRP A 179 -18.80 -18.65 -27.31
CA TRP A 179 -18.73 -19.46 -28.52
C TRP A 179 -17.37 -20.11 -28.61
N GLY A 180 -17.19 -20.95 -29.62
CA GLY A 180 -15.94 -21.66 -29.78
C GLY A 180 -15.61 -22.01 -31.22
N ILE A 181 -14.39 -22.51 -31.41
CA ILE A 181 -13.92 -23.07 -32.67
C ILE A 181 -13.45 -24.49 -32.40
N HIS A 182 -13.59 -25.39 -33.37
CA HIS A 182 -13.14 -26.77 -33.17
C HIS A 182 -11.93 -27.11 -34.03
N HIS A 183 -10.85 -27.56 -33.40
CA HIS A 183 -9.62 -27.95 -34.10
C HIS A 183 -9.62 -29.47 -34.28
N PRO A 184 -9.76 -29.95 -35.53
CA PRO A 184 -9.82 -31.39 -35.73
C PRO A 184 -8.42 -32.01 -35.71
N SER A 185 -8.36 -33.33 -35.79
CA SER A 185 -7.11 -34.07 -35.61
C SER A 185 -6.30 -34.29 -36.90
N SER A 186 -6.96 -34.29 -38.05
CA SER A 186 -6.27 -34.49 -39.32
C SER A 186 -7.03 -33.87 -40.48
N ASN A 187 -6.30 -33.54 -41.54
CA ASN A 187 -6.89 -33.02 -42.77
C ASN A 187 -8.08 -33.85 -43.22
N GLN A 188 -7.96 -35.17 -43.06
CA GLN A 188 -9.02 -36.12 -43.40
C GLN A 188 -10.28 -35.94 -42.55
N GLU A 189 -10.10 -35.49 -41.32
CA GLU A 189 -11.22 -35.19 -40.43
C GLU A 189 -11.84 -33.83 -40.75
N GLN A 190 -10.99 -32.83 -40.96
CA GLN A 190 -11.41 -31.46 -41.28
C GLN A 190 -12.33 -31.41 -42.48
N THR A 191 -11.93 -32.03 -43.58
CA THR A 191 -12.69 -31.98 -44.82
C THR A 191 -14.01 -32.75 -44.74
N LYS A 192 -14.03 -33.82 -43.93
CA LYS A 192 -15.22 -34.66 -43.73
C LYS A 192 -16.37 -33.96 -42.97
N LEU A 193 -16.03 -33.11 -42.00
CA LEU A 193 -17.02 -32.40 -41.18
C LEU A 193 -17.39 -31.04 -41.76
N TYR A 194 -16.37 -30.29 -42.14
CA TYR A 194 -16.56 -28.98 -42.74
C TYR A 194 -15.90 -29.07 -44.10
N ILE A 195 -16.67 -28.89 -45.17
CA ILE A 195 -16.17 -29.24 -46.50
C ILE A 195 -14.82 -28.59 -46.81
N GLN A 196 -14.62 -27.37 -46.35
CA GLN A 196 -13.43 -26.57 -46.71
C GLN A 196 -12.12 -27.11 -46.10
N GLU A 197 -11.02 -27.00 -46.87
CA GLU A 197 -9.70 -27.49 -46.43
C GLU A 197 -9.18 -26.69 -45.22
N SER A 198 -9.59 -25.42 -45.12
CA SER A 198 -9.26 -24.57 -43.98
C SER A 198 -10.42 -23.62 -43.66
N GLY A 199 -10.88 -23.64 -42.40
CA GLY A 199 -12.04 -22.85 -41.98
C GLY A 199 -11.69 -21.57 -41.24
N ARG A 200 -12.72 -20.93 -40.68
CA ARG A 200 -12.58 -19.62 -40.05
C ARG A 200 -13.85 -19.26 -39.27
N VAL A 201 -13.69 -18.44 -38.24
CA VAL A 201 -14.82 -17.83 -37.54
C VAL A 201 -14.50 -16.36 -37.28
N THR A 202 -15.45 -15.48 -37.58
CA THR A 202 -15.32 -14.05 -37.29
C THR A 202 -16.54 -13.62 -36.49
N VAL A 203 -16.34 -13.37 -35.21
CA VAL A 203 -17.39 -12.84 -34.35
C VAL A 203 -17.17 -11.35 -34.23
N SER A 204 -18.07 -10.58 -34.81
CA SER A 204 -17.91 -9.15 -34.90
C SER A 204 -19.05 -8.40 -34.22
N THR A 205 -18.79 -7.14 -33.91
CA THR A 205 -19.81 -6.20 -33.49
C THR A 205 -19.51 -4.89 -34.20
N LYS A 206 -20.33 -3.87 -33.98
CA LYS A 206 -20.05 -2.54 -34.51
C LYS A 206 -18.71 -2.04 -33.98
N ARG A 207 -18.41 -2.35 -32.73
CA ARG A 207 -17.28 -1.75 -32.01
C ARG A 207 -15.98 -2.57 -31.97
N SER A 208 -16.04 -3.86 -32.27
CA SER A 208 -14.86 -4.71 -32.22
C SER A 208 -15.08 -6.03 -32.94
N GLN A 209 -14.02 -6.82 -33.05
CA GLN A 209 -14.08 -8.06 -33.80
C GLN A 209 -13.02 -9.07 -33.36
N GLN A 210 -13.19 -10.31 -33.81
CA GLN A 210 -12.38 -11.41 -33.32
C GLN A 210 -12.41 -12.54 -34.34
N THR A 211 -11.33 -12.70 -35.11
CA THR A 211 -11.24 -13.83 -36.03
C THR A 211 -10.30 -14.91 -35.49
N ILE A 212 -10.70 -16.16 -35.66
CA ILE A 212 -9.94 -17.31 -35.21
C ILE A 212 -9.89 -18.32 -36.34
N ILE A 213 -8.67 -18.74 -36.70
CA ILE A 213 -8.46 -19.85 -37.61
C ILE A 213 -8.19 -21.08 -36.75
N PRO A 214 -8.69 -22.25 -37.16
CA PRO A 214 -8.37 -23.46 -36.43
C PRO A 214 -7.02 -24.01 -36.87
N ASN A 215 -6.61 -25.16 -36.33
CA ASN A 215 -5.25 -25.66 -36.45
C ASN A 215 -5.20 -27.18 -36.39
N ILE A 216 -5.23 -27.80 -37.56
CA ILE A 216 -5.31 -29.25 -37.64
C ILE A 216 -4.06 -29.87 -37.01
N GLY A 217 -4.22 -31.09 -36.50
CA GLY A 217 -3.10 -31.82 -35.91
C GLY A 217 -3.50 -32.62 -34.70
N SER A 218 -2.73 -33.66 -34.40
CA SER A 218 -3.06 -34.56 -33.30
C SER A 218 -2.73 -33.95 -31.93
N ARG A 219 -3.65 -34.14 -31.00
CA ARG A 219 -3.44 -33.87 -29.58
C ARG A 219 -3.49 -35.19 -28.82
N PRO A 220 -3.08 -35.18 -27.55
CA PRO A 220 -3.24 -36.37 -26.72
C PRO A 220 -4.70 -36.76 -26.59
N LEU A 221 -4.93 -38.04 -26.36
CA LEU A 221 -6.29 -38.54 -26.21
C LEU A 221 -6.83 -38.08 -24.87
N VAL A 222 -8.04 -37.55 -24.90
CA VAL A 222 -8.80 -37.27 -23.70
C VAL A 222 -10.22 -37.75 -23.94
N ARG A 223 -10.61 -38.79 -23.20
CA ARG A 223 -11.88 -39.45 -23.44
C ARG A 223 -11.99 -39.86 -24.92
N GLY A 224 -10.93 -40.49 -25.43
CA GLY A 224 -10.89 -41.05 -26.78
C GLY A 224 -10.92 -40.03 -27.92
N GLN A 225 -10.50 -38.80 -27.66
CA GLN A 225 -10.56 -37.73 -28.65
C GLN A 225 -9.26 -36.96 -28.82
N SER A 226 -8.78 -36.91 -30.05
CA SER A 226 -7.55 -36.20 -30.41
C SER A 226 -7.83 -34.77 -30.86
N GLY A 227 -9.08 -34.47 -31.22
CA GLY A 227 -9.46 -33.10 -31.55
C GLY A 227 -9.52 -32.23 -30.32
N ARG A 228 -9.69 -30.93 -30.51
CA ARG A 228 -9.88 -30.00 -29.39
C ARG A 228 -10.81 -28.86 -29.75
N ILE A 229 -11.44 -28.29 -28.73
CA ILE A 229 -12.24 -27.08 -28.89
C ILE A 229 -11.59 -25.97 -28.07
N SER A 230 -11.62 -24.75 -28.63
CA SER A 230 -11.22 -23.56 -27.91
C SER A 230 -12.43 -22.67 -27.71
N ILE A 231 -12.52 -22.03 -26.56
CA ILE A 231 -13.63 -21.13 -26.27
C ILE A 231 -13.21 -19.66 -26.20
N TYR A 232 -14.08 -18.81 -26.73
CA TYR A 232 -13.90 -17.37 -26.68
C TYR A 232 -15.20 -16.75 -26.20
N TRP A 233 -15.12 -15.54 -25.65
CA TRP A 233 -16.33 -14.80 -25.31
C TRP A 233 -16.39 -13.48 -26.05
N THR A 234 -17.58 -12.91 -26.06
CA THR A 234 -17.83 -11.65 -26.74
C THR A 234 -18.92 -10.94 -25.96
N ILE A 235 -18.68 -9.67 -25.63
CA ILE A 235 -19.66 -8.85 -24.94
C ILE A 235 -20.28 -7.92 -25.96
N VAL A 236 -21.59 -7.98 -26.10
CA VAL A 236 -22.32 -7.12 -27.01
C VAL A 236 -23.07 -6.10 -26.16
N LYS A 237 -22.63 -4.85 -26.25
CA LYS A 237 -23.22 -3.77 -25.45
C LYS A 237 -24.64 -3.51 -25.95
N PRO A 238 -25.47 -2.84 -25.13
CA PRO A 238 -26.83 -2.63 -25.59
C PRO A 238 -26.91 -1.56 -26.70
N GLY A 239 -27.69 -1.84 -27.74
CA GLY A 239 -27.74 -1.01 -28.94
C GLY A 239 -26.84 -1.53 -30.04
N ASP A 240 -25.89 -2.40 -29.68
CA ASP A 240 -24.93 -2.99 -30.59
C ASP A 240 -25.59 -4.24 -31.18
N ILE A 241 -24.83 -4.99 -31.97
CA ILE A 241 -25.35 -6.17 -32.67
C ILE A 241 -24.22 -7.18 -32.92
N LEU A 242 -24.52 -8.47 -32.72
CA LEU A 242 -23.56 -9.55 -32.89
C LEU A 242 -23.73 -10.22 -34.24
N MET A 243 -22.66 -10.27 -35.04
CA MET A 243 -22.71 -10.93 -36.34
C MET A 243 -21.62 -11.98 -36.45
N ILE A 244 -22.04 -13.19 -36.76
CA ILE A 244 -21.14 -14.34 -36.80
C ILE A 244 -20.97 -14.80 -38.24
N ASN A 245 -19.73 -14.92 -38.67
CA ASN A 245 -19.38 -15.20 -40.06
C ASN A 245 -18.34 -16.30 -40.11
N SER A 246 -18.69 -17.46 -40.67
CA SER A 246 -17.84 -18.63 -40.61
C SER A 246 -18.07 -19.61 -41.75
N ASN A 247 -16.98 -20.06 -42.38
CA ASN A 247 -17.07 -21.03 -43.48
C ASN A 247 -16.63 -22.44 -43.06
N GLY A 248 -16.70 -22.72 -41.76
CA GLY A 248 -16.29 -24.01 -41.22
C GLY A 248 -15.79 -23.92 -39.79
N ASN A 249 -15.95 -25.02 -39.05
CA ASN A 249 -15.34 -25.22 -37.73
C ASN A 249 -15.97 -24.43 -36.57
N LEU A 250 -17.12 -23.79 -36.80
CA LEU A 250 -17.75 -22.96 -35.76
C LEU A 250 -18.47 -23.85 -34.76
N VAL A 251 -18.27 -23.55 -33.49
CA VAL A 251 -19.08 -24.08 -32.41
C VAL A 251 -19.88 -22.90 -31.91
N ALA A 252 -21.12 -22.80 -32.39
CA ALA A 252 -21.94 -21.61 -32.21
C ALA A 252 -22.62 -21.59 -30.85
N PRO A 253 -23.13 -20.41 -30.44
CA PRO A 253 -23.88 -20.30 -29.20
C PRO A 253 -25.38 -20.55 -29.40
N ARG A 254 -26.06 -20.94 -28.33
CA ARG A 254 -27.50 -21.09 -28.35
C ARG A 254 -28.22 -19.94 -27.65
N GLY A 255 -27.47 -18.92 -27.25
CA GLY A 255 -28.03 -17.79 -26.53
C GLY A 255 -26.96 -17.05 -25.75
N TYR A 256 -27.38 -16.38 -24.68
CA TYR A 256 -26.47 -15.51 -23.96
C TYR A 256 -26.63 -15.56 -22.46
N PHE A 257 -25.55 -15.18 -21.78
CA PHE A 257 -25.55 -14.94 -20.36
C PHE A 257 -25.76 -13.45 -20.09
N LYS A 258 -26.50 -13.15 -19.04
CA LYS A 258 -26.75 -11.79 -18.63
C LYS A 258 -25.82 -11.48 -17.46
N LEU A 259 -25.01 -10.44 -17.62
CA LEU A 259 -24.07 -10.02 -16.58
C LEU A 259 -24.76 -9.12 -15.58
N ASN A 260 -24.35 -9.20 -14.32
CA ASN A 260 -24.97 -8.43 -13.24
C ASN A 260 -23.88 -7.90 -12.33
N THR A 261 -23.60 -6.61 -12.44
CA THR A 261 -22.60 -5.98 -11.58
C THR A 261 -23.01 -6.23 -10.13
N GLY A 262 -22.23 -7.05 -9.43
CA GLY A 262 -22.67 -7.56 -8.13
C GLY A 262 -21.60 -8.08 -7.19
N LYS A 263 -22.05 -8.48 -6.00
CA LYS A 263 -21.17 -8.86 -4.90
C LYS A 263 -20.74 -10.34 -4.98
N SER A 264 -20.70 -10.91 -6.17
CA SER A 264 -20.51 -12.35 -6.31
C SER A 264 -19.07 -12.70 -6.60
N SER A 265 -18.65 -13.85 -6.10
CA SER A 265 -17.31 -14.36 -6.33
C SER A 265 -17.24 -15.91 -6.34
N VAL A 266 -16.02 -16.42 -6.51
CA VAL A 266 -15.74 -17.84 -6.50
C VAL A 266 -14.57 -18.03 -5.55
N MET A 267 -14.36 -19.25 -5.04
CA MET A 267 -13.30 -19.51 -4.07
C MET A 267 -12.98 -21.00 -4.00
N ARG A 268 -11.70 -21.32 -4.00
CA ARG A 268 -11.26 -22.71 -3.93
C ARG A 268 -11.04 -23.11 -2.48
N SER A 269 -11.64 -24.24 -2.08
CA SER A 269 -11.53 -24.74 -0.73
C SER A 269 -12.11 -26.14 -0.64
N ASP A 270 -11.54 -26.98 0.21
CA ASP A 270 -12.04 -28.35 0.41
C ASP A 270 -12.60 -28.53 1.82
N VAL A 271 -13.29 -27.49 2.29
CA VAL A 271 -13.87 -27.45 3.62
C VAL A 271 -15.37 -27.70 3.49
N PRO A 272 -15.99 -28.36 4.49
CA PRO A 272 -17.44 -28.60 4.42
C PRO A 272 -18.30 -27.35 4.49
N ILE A 273 -19.61 -27.49 4.27
CA ILE A 273 -20.54 -26.36 4.26
C ILE A 273 -21.70 -26.66 5.20
N ASP A 274 -21.73 -26.01 6.36
CA ASP A 274 -22.68 -26.34 7.42
C ASP A 274 -23.74 -25.26 7.66
N ILE A 275 -24.79 -25.64 8.37
CA ILE A 275 -25.81 -24.71 8.86
C ILE A 275 -25.18 -23.98 10.04
N CYS A 276 -25.08 -22.67 9.93
CA CYS A 276 -24.11 -21.92 10.71
C CYS A 276 -24.19 -20.45 10.33
N VAL A 277 -23.76 -19.55 11.20
CA VAL A 277 -23.79 -18.11 10.91
C VAL A 277 -22.40 -17.46 10.95
N SER A 278 -22.13 -16.64 9.94
CA SER A 278 -20.89 -15.88 9.86
C SER A 278 -21.05 -14.79 8.80
N GLU A 279 -20.27 -13.72 8.90
CA GLU A 279 -20.28 -12.68 7.88
C GLU A 279 -18.96 -12.62 7.12
N CYS A 280 -18.09 -13.62 7.34
CA CYS A 280 -16.85 -13.70 6.60
C CYS A 280 -16.41 -15.15 6.38
N ILE A 281 -15.92 -15.42 5.16
CA ILE A 281 -15.53 -16.76 4.71
C ILE A 281 -14.12 -16.80 4.16
N THR A 282 -13.32 -17.77 4.61
CA THR A 282 -12.01 -18.04 4.02
C THR A 282 -11.97 -19.46 3.47
N PRO A 283 -10.92 -19.79 2.71
CA PRO A 283 -10.79 -21.17 2.27
C PRO A 283 -10.62 -22.18 3.41
N ASN A 284 -10.48 -21.70 4.64
CA ASN A 284 -10.45 -22.54 5.84
C ASN A 284 -11.78 -22.60 6.57
N GLY A 285 -12.81 -22.06 5.95
CA GLY A 285 -14.11 -22.00 6.57
C GLY A 285 -14.38 -20.60 7.06
N SER A 286 -15.60 -20.39 7.54
CA SER A 286 -15.99 -19.10 8.08
C SER A 286 -15.15 -18.78 9.30
N ILE A 287 -14.89 -17.50 9.53
CA ILE A 287 -14.22 -17.04 10.75
C ILE A 287 -15.04 -15.99 11.47
N SER A 288 -14.66 -15.72 12.72
CA SER A 288 -15.30 -14.70 13.54
C SER A 288 -14.94 -13.29 13.05
N ASN A 289 -15.91 -12.40 13.16
CA ASN A 289 -15.91 -11.14 12.49
C ASN A 289 -15.58 -9.94 13.39
N ASP A 290 -15.42 -10.19 14.69
CA ASP A 290 -15.37 -9.09 15.66
C ASP A 290 -13.97 -8.54 15.94
N LYS A 291 -12.93 -9.33 15.69
CA LYS A 291 -11.56 -8.86 15.86
C LYS A 291 -11.21 -7.94 14.69
N PRO A 292 -10.32 -6.97 14.92
CA PRO A 292 -9.92 -6.09 13.82
C PRO A 292 -8.98 -6.75 12.82
N PHE A 293 -8.24 -7.76 13.26
CA PHE A 293 -7.21 -8.44 12.46
C PHE A 293 -7.42 -9.96 12.40
N GLN A 294 -6.60 -10.65 11.63
CA GLN A 294 -6.83 -12.07 11.34
C GLN A 294 -5.63 -12.72 10.67
N ASN A 295 -5.30 -13.95 11.09
CA ASN A 295 -4.09 -14.61 10.62
C ASN A 295 -4.35 -15.97 10.01
N VAL A 296 -5.59 -16.16 9.55
CA VAL A 296 -6.05 -17.45 9.03
C VAL A 296 -5.63 -17.62 7.58
N ASN A 297 -6.05 -16.66 6.75
CA ASN A 297 -5.83 -16.73 5.31
C ASN A 297 -6.00 -15.35 4.66
N LYS A 298 -5.09 -15.03 3.75
CA LYS A 298 -5.19 -13.80 2.98
C LYS A 298 -6.38 -13.83 2.02
N VAL A 299 -6.77 -15.02 1.55
CA VAL A 299 -7.97 -15.17 0.74
C VAL A 299 -9.19 -15.06 1.65
N THR A 300 -10.03 -14.05 1.45
CA THR A 300 -11.28 -13.93 2.21
C THR A 300 -12.44 -13.43 1.33
N TYR A 301 -13.64 -13.41 1.91
CA TYR A 301 -14.84 -12.88 1.27
C TYR A 301 -15.87 -12.55 2.36
N GLY A 302 -16.40 -11.32 2.34
CA GLY A 302 -17.40 -10.87 3.31
C GLY A 302 -16.87 -9.80 4.26
N LYS A 303 -17.71 -9.38 5.20
CA LYS A 303 -17.29 -8.45 6.26
C LYS A 303 -16.21 -9.12 7.05
N CYS A 304 -14.96 -8.84 6.72
CA CYS A 304 -13.89 -9.67 7.21
C CYS A 304 -12.68 -8.83 7.66
N PRO A 305 -12.06 -9.20 8.80
CA PRO A 305 -10.93 -8.45 9.32
C PRO A 305 -9.67 -8.53 8.45
N LYS A 306 -8.74 -7.61 8.70
CA LYS A 306 -7.52 -7.50 7.91
C LYS A 306 -6.59 -8.66 8.14
N TYR A 307 -6.03 -9.19 7.06
CA TYR A 307 -5.06 -10.26 7.14
C TYR A 307 -3.70 -9.70 7.47
N ILE A 308 -3.04 -10.23 8.49
CA ILE A 308 -1.68 -9.84 8.84
C ILE A 308 -0.81 -11.06 9.07
N ARG A 309 0.51 -10.85 9.05
CA ARG A 309 1.49 -11.92 9.27
C ARG A 309 1.45 -12.44 10.70
N GLN A 310 1.39 -11.53 11.68
CA GLN A 310 1.49 -11.95 13.11
C GLN A 310 0.19 -12.57 13.62
N ASN A 311 0.36 -13.56 14.49
CA ASN A 311 -0.72 -14.45 14.94
C ASN A 311 -1.40 -13.99 16.22
N THR A 312 -0.70 -13.15 16.99
CA THR A 312 -1.21 -12.66 18.26
C THR A 312 -0.77 -11.22 18.46
N LEU A 313 -1.71 -10.36 18.82
CA LEU A 313 -1.43 -8.98 19.20
C LEU A 313 -2.32 -8.62 20.38
N LYS A 314 -1.73 -8.36 21.54
CA LYS A 314 -2.51 -8.13 22.76
C LYS A 314 -2.65 -6.64 23.06
N LEU A 315 -3.90 -6.20 23.19
CA LEU A 315 -4.23 -4.82 23.50
C LEU A 315 -4.61 -4.67 24.98
N ALA A 316 -4.01 -3.70 25.66
CA ALA A 316 -4.26 -3.47 27.08
C ALA A 316 -5.63 -2.84 27.26
N THR A 317 -6.43 -3.43 28.14
CA THR A 317 -7.76 -2.93 28.48
C THR A 317 -7.85 -2.63 29.98
N GLY A 318 -6.71 -2.31 30.55
CA GLY A 318 -6.61 -2.03 31.97
C GLY A 318 -5.28 -1.41 32.29
N MET A 319 -5.14 -0.99 33.55
CA MET A 319 -3.93 -0.34 34.02
C MET A 319 -2.82 -1.36 34.22
N ARG A 320 -1.69 -0.90 34.74
CA ARG A 320 -0.58 -1.77 35.05
C ARG A 320 -0.84 -2.55 36.34
N ASN A 321 -0.54 -3.85 36.30
CA ASN A 321 -0.75 -4.73 37.45
C ASN A 321 0.54 -4.81 38.25
N VAL A 322 0.47 -4.36 39.50
CA VAL A 322 1.62 -4.37 40.41
C VAL A 322 1.29 -5.22 41.63
N PRO A 323 1.87 -6.43 41.70
CA PRO A 323 1.61 -7.30 42.85
C PRO A 323 2.44 -6.89 44.07
N GLU A 324 2.11 -7.45 45.23
CA GLU A 324 2.82 -7.17 46.48
C GLU A 324 4.20 -7.83 46.46
N LYS A 325 5.26 -7.02 46.56
CA LYS A 325 6.64 -7.49 46.53
C LYS A 325 7.19 -7.67 47.93
N GLY B 1 4.13 4.46 35.34
CA GLY B 1 4.28 5.27 34.09
C GLY B 1 5.09 6.54 34.29
N ILE B 2 4.80 7.55 33.46
CA ILE B 2 5.56 8.81 33.45
C ILE B 2 5.31 9.73 34.65
N PHE B 3 4.15 9.59 35.30
CA PHE B 3 3.84 10.40 36.48
C PHE B 3 4.46 9.83 37.74
N GLY B 4 4.94 8.59 37.67
CA GLY B 4 5.68 7.98 38.78
C GLY B 4 4.82 7.58 39.97
N ALA B 5 3.52 7.42 39.73
CA ALA B 5 2.55 7.06 40.76
C ALA B 5 2.37 5.55 40.85
N ILE B 6 1.99 4.93 39.73
CA ILE B 6 1.82 3.48 39.67
C ILE B 6 3.16 2.80 39.44
N ALA B 7 3.46 1.80 40.29
CA ALA B 7 4.77 1.15 40.34
C ALA B 7 5.90 2.17 40.55
N GLY B 8 5.65 3.13 41.44
CA GLY B 8 6.57 4.21 41.71
C GLY B 8 6.42 4.62 43.16
N PHE B 9 5.86 5.80 43.41
CA PHE B 9 5.69 6.28 44.78
C PHE B 9 4.53 5.59 45.49
N ILE B 10 3.58 5.06 44.74
CA ILE B 10 2.63 4.10 45.30
C ILE B 10 3.25 2.73 45.07
N GLU B 11 3.53 2.03 46.16
CA GLU B 11 4.33 0.80 46.11
C GLU B 11 3.66 -0.30 45.29
N ASN B 12 2.34 -0.48 45.46
CA ASN B 12 1.62 -1.53 44.73
C ASN B 12 0.10 -1.37 44.70
N GLY B 13 -0.55 -2.26 43.95
CA GLY B 13 -2.00 -2.27 43.80
C GLY B 13 -2.68 -3.14 44.83
N TRP B 14 -4.01 -3.00 44.89
CA TRP B 14 -4.81 -3.64 45.92
C TRP B 14 -5.81 -4.65 45.33
N GLU B 15 -5.52 -5.94 45.49
CA GLU B 15 -6.45 -6.99 45.05
C GLU B 15 -7.75 -6.99 45.85
N GLY B 16 -7.69 -6.47 47.07
CA GLY B 16 -8.85 -6.37 47.95
C GLY B 16 -9.86 -5.33 47.52
N MET B 17 -9.52 -4.50 46.54
CA MET B 17 -10.48 -3.57 45.96
C MET B 17 -11.05 -4.10 44.65
N VAL B 18 -12.27 -4.63 44.73
CA VAL B 18 -13.05 -4.97 43.56
C VAL B 18 -14.18 -3.94 43.37
N ASP B 19 -14.23 -2.91 44.21
CA ASP B 19 -15.25 -1.85 44.10
C ASP B 19 -14.91 -0.86 43.00
N GLY B 20 -13.64 -0.80 42.61
CA GLY B 20 -13.21 0.13 41.59
C GLY B 20 -11.75 -0.02 41.26
N TRP B 21 -11.28 0.89 40.42
CA TRP B 21 -9.89 0.86 39.96
C TRP B 21 -9.03 1.70 40.87
N TYR B 22 -9.57 2.85 41.25
CA TYR B 22 -8.92 3.72 42.22
C TYR B 22 -9.82 3.87 43.42
N GLY B 23 -9.21 4.13 44.57
CA GLY B 23 -9.95 4.24 45.82
C GLY B 23 -9.05 4.52 46.99
N PHE B 24 -9.66 4.62 48.17
CA PHE B 24 -8.93 5.00 49.36
C PHE B 24 -8.89 3.88 50.41
N ARG B 25 -8.00 4.05 51.37
CA ARG B 25 -7.95 3.23 52.59
C ARG B 25 -7.63 4.14 53.75
N TYR B 26 -8.48 4.13 54.76
CA TYR B 26 -8.36 5.07 55.85
C TYR B 26 -8.35 4.38 57.20
N GLN B 27 -7.66 4.98 58.15
CA GLN B 27 -7.68 4.56 59.55
C GLN B 27 -7.79 5.78 60.47
N ASN B 28 -8.80 5.78 61.32
CA ASN B 28 -9.03 6.91 62.22
C ASN B 28 -9.57 6.41 63.56
N SER B 29 -10.12 7.33 64.36
CA SER B 29 -10.74 7.00 65.65
C SER B 29 -11.78 5.87 65.57
N GLU B 30 -12.43 5.73 64.41
CA GLU B 30 -13.42 4.68 64.18
C GLU B 30 -12.85 3.42 63.50
N GLY B 31 -11.55 3.21 63.58
CA GLY B 31 -10.91 2.03 62.97
C GLY B 31 -10.61 2.23 61.50
N THR B 32 -10.44 1.13 60.78
CA THR B 32 -10.07 1.15 59.36
C THR B 32 -11.26 1.01 58.40
N GLY B 33 -11.00 1.16 57.11
CA GLY B 33 -12.04 1.05 56.10
C GLY B 33 -11.52 1.34 54.71
N GLN B 34 -12.15 0.72 53.72
CA GLN B 34 -11.82 0.92 52.32
C GLN B 34 -12.92 1.73 51.66
N ALA B 35 -12.59 2.35 50.53
CA ALA B 35 -13.58 3.02 49.69
C ALA B 35 -13.19 2.89 48.22
N ALA B 36 -13.99 3.47 47.34
CA ALA B 36 -13.68 3.50 45.92
C ALA B 36 -14.20 4.80 45.32
N ASP B 37 -13.32 5.51 44.59
CA ASP B 37 -13.74 6.68 43.83
C ASP B 37 -14.20 6.25 42.44
N LEU B 38 -15.51 6.35 42.21
CA LEU B 38 -16.10 5.93 40.95
C LEU B 38 -15.92 7.01 39.87
N LYS B 39 -15.59 8.24 40.26
CA LYS B 39 -15.43 9.32 39.30
C LYS B 39 -14.22 9.07 38.42
N SER B 40 -13.09 8.72 39.04
CA SER B 40 -11.86 8.44 38.32
C SER B 40 -12.00 7.16 37.54
N THR B 41 -12.40 6.08 38.22
CA THR B 41 -12.63 4.78 37.57
C THR B 41 -13.49 4.92 36.32
N GLN B 42 -14.55 5.72 36.40
CA GLN B 42 -15.44 5.94 35.27
C GLN B 42 -14.77 6.76 34.17
N ALA B 43 -13.86 7.66 34.54
CA ALA B 43 -13.10 8.45 33.56
C ALA B 43 -12.18 7.58 32.72
N ALA B 44 -11.35 6.76 33.37
CA ALA B 44 -10.47 5.83 32.68
C ALA B 44 -11.23 4.77 31.89
N ILE B 45 -12.23 4.15 32.51
CA ILE B 45 -13.07 3.18 31.82
C ILE B 45 -13.63 3.77 30.52
N ASP B 46 -14.06 5.02 30.57
CA ASP B 46 -14.68 5.67 29.42
C ASP B 46 -13.68 5.95 28.29
N GLN B 47 -12.42 6.20 28.63
CA GLN B 47 -11.39 6.42 27.62
C GLN B 47 -10.93 5.12 26.97
N ILE B 48 -10.90 4.04 27.76
CA ILE B 48 -10.50 2.72 27.25
C ILE B 48 -11.62 2.04 26.45
N ASN B 49 -12.85 2.15 26.93
CA ASN B 49 -13.99 1.64 26.17
C ASN B 49 -14.05 2.24 24.79
N GLY B 50 -14.24 1.40 23.78
CA GLY B 50 -14.24 1.83 22.37
C GLY B 50 -12.96 2.54 21.97
N LYS B 51 -11.85 2.11 22.56
CA LYS B 51 -10.53 2.71 22.31
C LYS B 51 -10.12 2.53 20.86
N LEU B 52 -10.32 1.31 20.36
CA LEU B 52 -9.84 0.91 19.05
C LEU B 52 -10.77 1.39 17.95
N ASN B 53 -12.06 1.49 18.26
CA ASN B 53 -13.06 2.07 17.35
C ASN B 53 -12.71 3.45 16.81
N ARG B 54 -12.02 4.24 17.62
CA ARG B 54 -11.81 5.64 17.27
C ARG B 54 -10.74 5.83 16.21
N VAL B 55 -10.01 4.77 15.85
CA VAL B 55 -8.97 4.82 14.83
C VAL B 55 -9.23 3.89 13.63
N ILE B 56 -9.53 2.63 13.91
CA ILE B 56 -9.84 1.69 12.85
C ILE B 56 -11.34 1.75 12.55
N GLU B 57 -11.68 1.83 11.28
CA GLU B 57 -13.07 1.94 10.87
C GLU B 57 -13.81 0.65 11.19
N ARG B 58 -15.13 0.74 11.33
CA ARG B 58 -15.98 -0.45 11.47
C ARG B 58 -15.73 -1.37 10.28
N THR B 59 -15.48 -2.65 10.55
CA THR B 59 -15.11 -3.64 9.53
C THR B 59 -16.02 -3.59 8.28
N ASN B 60 -15.42 -3.71 7.09
CA ASN B 60 -16.12 -3.43 5.83
C ASN B 60 -16.21 -4.62 4.87
N GLU B 61 -17.28 -4.65 4.07
CA GLU B 61 -17.53 -5.72 3.10
C GLU B 61 -16.58 -5.72 1.90
N LYS B 62 -15.90 -6.84 1.69
CA LYS B 62 -15.05 -7.05 0.53
C LYS B 62 -15.58 -8.25 -0.27
N PHE B 63 -15.86 -8.03 -1.56
CA PHE B 63 -16.42 -9.06 -2.42
C PHE B 63 -15.35 -9.63 -3.36
N HIS B 64 -15.59 -9.70 -4.66
CA HIS B 64 -14.63 -10.30 -5.59
C HIS B 64 -13.35 -9.48 -5.70
N GLN B 65 -12.24 -10.05 -5.24
CA GLN B 65 -10.92 -9.39 -5.33
C GLN B 65 -10.05 -10.20 -6.29
N ILE B 66 -8.74 -9.91 -6.34
CA ILE B 66 -7.82 -10.71 -7.16
C ILE B 66 -7.55 -12.11 -6.57
N GLU B 67 -6.92 -12.95 -7.39
CA GLU B 67 -6.47 -14.28 -6.96
C GLU B 67 -5.12 -14.18 -6.25
N LYS B 68 -4.95 -14.99 -5.22
CA LYS B 68 -3.76 -14.93 -4.36
C LYS B 68 -3.01 -16.27 -4.24
N GLU B 69 -3.51 -17.31 -4.89
CA GLU B 69 -2.85 -18.62 -4.92
C GLU B 69 -2.92 -19.14 -6.35
N PHE B 70 -1.83 -19.73 -6.83
CA PHE B 70 -1.78 -20.16 -8.22
C PHE B 70 -1.35 -21.62 -8.39
N SER B 71 -2.07 -22.33 -9.26
CA SER B 71 -1.73 -23.70 -9.57
C SER B 71 -0.80 -23.80 -10.77
N GLU B 72 -0.46 -22.68 -11.41
CA GLU B 72 0.30 -22.73 -12.65
C GLU B 72 1.32 -21.61 -12.71
N VAL B 73 2.47 -21.89 -13.33
CA VAL B 73 3.52 -20.90 -13.50
C VAL B 73 3.20 -20.00 -14.70
N GLU B 74 3.25 -18.69 -14.50
CA GLU B 74 2.87 -17.75 -15.55
C GLU B 74 3.88 -16.63 -15.77
N GLY B 75 4.45 -16.13 -14.67
CA GLY B 75 5.44 -15.06 -14.73
C GLY B 75 4.86 -13.66 -14.51
N ARG B 76 5.01 -12.80 -15.51
CA ARG B 76 4.81 -11.37 -15.35
C ARG B 76 3.53 -10.95 -14.61
N ILE B 77 2.40 -11.55 -14.94
CA ILE B 77 1.12 -11.12 -14.37
C ILE B 77 0.96 -11.72 -12.98
N GLN B 78 1.34 -12.97 -12.84
CA GLN B 78 1.34 -13.61 -11.53
C GLN B 78 2.37 -12.97 -10.60
N ASP B 79 3.49 -12.49 -11.15
CA ASP B 79 4.51 -11.78 -10.35
C ASP B 79 3.88 -10.57 -9.70
N LEU B 80 3.09 -9.87 -10.50
CA LEU B 80 2.51 -8.61 -10.08
C LEU B 80 1.42 -8.86 -9.06
N GLU B 81 0.54 -9.81 -9.33
CA GLU B 81 -0.55 -10.12 -8.42
C GLU B 81 -0.03 -10.49 -7.04
N LYS B 82 1.12 -11.17 -6.98
CA LYS B 82 1.73 -11.58 -5.71
C LYS B 82 2.43 -10.45 -5.01
N TYR B 83 3.01 -9.54 -5.78
CA TYR B 83 3.68 -8.39 -5.20
C TYR B 83 2.69 -7.42 -4.60
N VAL B 84 1.56 -7.22 -5.27
CA VAL B 84 0.50 -6.42 -4.71
C VAL B 84 0.11 -7.04 -3.37
N GLU B 85 -0.19 -8.32 -3.36
CA GLU B 85 -0.63 -8.97 -2.14
C GLU B 85 0.42 -8.92 -1.03
N ASP B 86 1.68 -9.18 -1.38
CA ASP B 86 2.77 -9.07 -0.42
C ASP B 86 2.89 -7.66 0.14
N THR B 87 2.92 -6.67 -0.75
CA THR B 87 3.01 -5.28 -0.35
C THR B 87 1.94 -4.93 0.67
N LYS B 88 0.70 -5.30 0.37
CA LYS B 88 -0.46 -4.97 1.20
C LYS B 88 -0.32 -5.52 2.61
N ILE B 89 0.09 -6.77 2.71
CA ILE B 89 0.12 -7.47 3.98
C ILE B 89 1.27 -7.00 4.86
N ASP B 90 2.40 -6.67 4.25
CA ASP B 90 3.50 -6.06 4.98
C ASP B 90 3.05 -4.76 5.64
N LEU B 91 2.33 -3.93 4.88
CA LEU B 91 1.91 -2.62 5.36
C LEU B 91 0.90 -2.72 6.49
N TRP B 92 -0.05 -3.64 6.38
CA TRP B 92 -1.04 -3.84 7.42
C TRP B 92 -0.40 -4.45 8.65
N SER B 93 0.50 -5.40 8.45
CA SER B 93 1.23 -5.97 9.56
C SER B 93 1.98 -4.91 10.32
N TYR B 94 2.62 -3.99 9.61
CA TYR B 94 3.28 -2.86 10.26
C TYR B 94 2.27 -2.04 11.04
N ASN B 95 1.16 -1.70 10.40
CA ASN B 95 0.18 -0.81 10.99
C ASN B 95 -0.46 -1.39 12.24
N ALA B 96 -0.55 -2.71 12.33
CA ALA B 96 -1.08 -3.36 13.51
C ALA B 96 -0.06 -3.37 14.63
N GLU B 97 1.20 -3.63 14.28
CA GLU B 97 2.28 -3.66 15.26
C GLU B 97 2.40 -2.31 15.95
N LEU B 98 2.39 -1.25 15.14
CA LEU B 98 2.50 0.12 15.63
C LEU B 98 1.32 0.50 16.48
N LEU B 99 0.11 0.21 15.99
CA LEU B 99 -1.10 0.60 16.68
C LEU B 99 -1.11 0.02 18.10
N VAL B 100 -0.96 -1.30 18.19
CA VAL B 100 -0.95 -1.97 19.49
C VAL B 100 -0.01 -1.27 20.44
N ALA B 101 1.24 -1.11 20.02
CA ALA B 101 2.26 -0.50 20.86
C ALA B 101 1.82 0.85 21.39
N LEU B 102 1.49 1.78 20.49
CA LEU B 102 1.20 3.14 20.91
C LEU B 102 -0.16 3.29 21.58
N GLU B 103 -1.10 2.43 21.25
CA GLU B 103 -2.40 2.47 21.90
C GLU B 103 -2.23 2.02 23.35
N ASN B 104 -1.40 1.01 23.56
CA ASN B 104 -1.08 0.54 24.90
C ASN B 104 -0.27 1.55 25.67
N GLN B 105 0.77 2.06 25.03
CA GLN B 105 1.59 3.12 25.63
C GLN B 105 0.72 4.22 26.18
N HIS B 106 -0.32 4.55 25.42
CA HIS B 106 -1.31 5.53 25.82
C HIS B 106 -2.13 4.99 26.98
N THR B 107 -2.64 3.76 26.83
CA THR B 107 -3.46 3.11 27.87
C THR B 107 -2.75 3.04 29.22
N ILE B 108 -1.43 2.91 29.21
CA ILE B 108 -0.67 2.87 30.46
C ILE B 108 -0.51 4.26 31.05
N ASP B 109 -0.29 5.26 30.21
CA ASP B 109 -0.02 6.61 30.69
C ASP B 109 -1.27 7.37 31.19
N LEU B 110 -2.45 7.07 30.67
CA LEU B 110 -3.67 7.76 31.14
C LEU B 110 -4.22 7.12 32.41
N THR B 111 -3.93 5.85 32.63
CA THR B 111 -4.29 5.19 33.87
C THR B 111 -3.38 5.68 34.99
N ASP B 112 -2.10 5.85 34.67
CA ASP B 112 -1.14 6.40 35.61
C ASP B 112 -1.50 7.84 35.98
N ALA B 113 -1.94 8.60 35.00
CA ALA B 113 -2.32 9.98 35.24
C ALA B 113 -3.51 10.05 36.17
N GLU B 114 -4.53 9.26 35.89
CA GLU B 114 -5.75 9.30 36.70
C GLU B 114 -5.52 8.90 38.16
N MET B 115 -4.43 8.18 38.43
CA MET B 115 -3.98 7.94 39.81
C MET B 115 -3.46 9.23 40.43
N ASN B 116 -2.50 9.84 39.73
CA ASN B 116 -1.88 11.07 40.18
C ASN B 116 -2.85 12.24 40.25
N LYS B 117 -3.80 12.27 39.32
CA LYS B 117 -4.85 13.31 39.32
C LYS B 117 -5.62 13.26 40.64
N LEU B 118 -5.95 12.06 41.07
CA LEU B 118 -6.66 11.86 42.33
C LEU B 118 -5.81 12.25 43.55
N PHE B 119 -4.54 11.88 43.51
CA PHE B 119 -3.61 12.26 44.57
C PHE B 119 -3.58 13.77 44.73
N GLU B 120 -3.31 14.47 43.64
CA GLU B 120 -3.21 15.92 43.70
C GLU B 120 -4.55 16.56 44.08
N LYS B 121 -5.65 15.98 43.61
CA LYS B 121 -6.97 16.52 43.93
C LYS B 121 -7.20 16.52 45.43
N THR B 122 -6.87 15.41 46.09
CA THR B 122 -7.04 15.30 47.54
C THR B 122 -5.94 16.05 48.32
N ARG B 123 -4.75 16.18 47.76
CA ARG B 123 -3.69 16.98 48.39
C ARG B 123 -4.08 18.46 48.43
N ARG B 124 -4.56 18.97 47.29
CA ARG B 124 -4.96 20.38 47.19
C ARG B 124 -6.16 20.70 48.08
N GLN B 125 -6.93 19.68 48.43
CA GLN B 125 -8.09 19.87 49.28
C GLN B 125 -7.70 20.07 50.75
N LEU B 126 -6.66 19.38 51.19
CA LEU B 126 -6.24 19.41 52.60
C LEU B 126 -5.34 20.58 52.97
N ARG B 127 -4.72 21.24 51.99
CA ARG B 127 -3.84 22.38 52.24
C ARG B 127 -2.88 22.16 53.43
N GLU B 128 -3.00 22.99 54.47
CA GLU B 128 -2.04 22.99 55.59
C GLU B 128 -2.23 21.80 56.54
N ASN B 129 -3.39 21.16 56.50
CA ASN B 129 -3.80 20.25 57.56
C ASN B 129 -3.29 18.81 57.44
N ALA B 130 -2.34 18.56 56.53
CA ALA B 130 -1.83 17.21 56.33
C ALA B 130 -0.38 17.22 55.87
N GLU B 131 0.13 16.04 55.52
CA GLU B 131 1.50 15.93 55.04
C GLU B 131 1.69 14.66 54.20
N ASP B 132 2.28 14.82 53.01
CA ASP B 132 2.59 13.71 52.11
C ASP B 132 3.74 12.92 52.71
N MET B 133 3.51 11.63 52.96
CA MET B 133 4.52 10.79 53.61
C MET B 133 5.46 10.07 52.64
N GLY B 134 5.18 10.16 51.34
CA GLY B 134 6.01 9.51 50.31
C GLY B 134 5.32 8.33 49.66
N ASP B 135 4.46 7.65 50.42
CA ASP B 135 3.80 6.42 49.99
C ASP B 135 2.57 6.69 49.13
N GLY B 136 2.35 7.93 48.73
CA GLY B 136 1.04 8.33 48.24
C GLY B 136 0.04 8.19 49.39
N CYS B 137 0.47 8.65 50.56
CA CYS B 137 -0.29 8.46 51.79
C CYS B 137 -0.14 9.68 52.71
N PHE B 138 -1.27 10.28 53.09
CA PHE B 138 -1.26 11.51 53.87
C PHE B 138 -1.52 11.23 55.35
N LYS B 139 -0.69 11.84 56.21
CA LYS B 139 -1.00 11.90 57.64
C LYS B 139 -1.72 13.21 57.92
N ILE B 140 -2.99 13.12 58.28
CA ILE B 140 -3.81 14.28 58.64
C ILE B 140 -3.57 14.57 60.12
N TYR B 141 -3.51 15.85 60.47
CA TYR B 141 -3.18 16.27 61.84
C TYR B 141 -4.40 16.62 62.70
N HIS B 142 -5.48 15.86 62.58
CA HIS B 142 -6.65 16.09 63.44
C HIS B 142 -7.62 14.90 63.57
N LYS B 143 -8.55 15.02 64.52
CA LYS B 143 -9.60 14.02 64.75
C LYS B 143 -10.62 14.06 63.62
N CYS B 144 -10.50 13.11 62.69
CA CYS B 144 -11.38 13.04 61.54
C CYS B 144 -12.14 11.72 61.57
N ASP B 145 -13.41 11.81 61.94
CA ASP B 145 -14.32 10.66 61.94
C ASP B 145 -14.73 10.34 60.49
N ASN B 146 -15.61 9.36 60.31
CA ASN B 146 -15.98 8.92 58.97
C ASN B 146 -16.80 9.94 58.18
N ALA B 147 -17.65 10.69 58.86
CA ALA B 147 -18.40 11.78 58.23
C ALA B 147 -17.45 12.82 57.62
N CYS B 148 -16.31 13.02 58.30
CA CYS B 148 -15.25 13.92 57.85
C CYS B 148 -14.47 13.33 56.65
N ILE B 149 -14.20 12.03 56.67
CA ILE B 149 -13.53 11.36 55.55
C ILE B 149 -14.43 11.35 54.32
N GLU B 150 -15.69 10.99 54.53
CA GLU B 150 -16.73 11.12 53.51
C GLU B 150 -16.67 12.48 52.80
N SER B 151 -16.49 13.55 53.56
CA SER B 151 -16.44 14.90 53.01
C SER B 151 -15.18 15.16 52.17
N ILE B 152 -14.15 14.32 52.36
CA ILE B 152 -12.92 14.39 51.55
C ILE B 152 -13.09 13.63 50.22
N ARG B 153 -13.75 12.48 50.28
CA ARG B 153 -13.99 11.68 49.08
C ARG B 153 -14.96 12.38 48.14
N THR B 154 -16.10 12.83 48.69
CA THR B 154 -17.13 13.52 47.88
C THR B 154 -16.74 14.97 47.51
N GLY B 155 -15.67 15.48 48.10
CA GLY B 155 -15.16 16.81 47.77
C GLY B 155 -15.88 17.96 48.46
N THR B 156 -16.20 17.79 49.74
CA THR B 156 -16.89 18.83 50.51
C THR B 156 -16.19 19.10 51.84
N TYR B 157 -14.88 18.88 51.86
CA TYR B 157 -14.04 19.12 53.03
C TYR B 157 -13.90 20.62 53.31
N ASP B 158 -13.61 20.97 54.56
CA ASP B 158 -13.46 22.37 54.95
C ASP B 158 -12.20 22.54 55.81
N HIS B 159 -11.13 23.05 55.20
CA HIS B 159 -9.84 23.14 55.89
C HIS B 159 -9.77 24.32 56.86
N TYR B 160 -10.60 25.33 56.66
CA TYR B 160 -10.68 26.47 57.59
C TYR B 160 -11.24 26.03 58.95
N ILE B 161 -12.17 25.09 58.92
CA ILE B 161 -12.80 24.52 60.13
C ILE B 161 -11.82 23.75 61.00
N TYR B 162 -11.01 22.91 60.38
CA TYR B 162 -10.09 22.04 61.10
C TYR B 162 -8.69 22.66 61.28
N ARG B 163 -8.53 23.93 60.91
CA ARG B 163 -7.21 24.57 60.88
C ARG B 163 -6.60 24.74 62.27
N ASP B 164 -7.32 25.40 63.17
CA ASP B 164 -6.84 25.61 64.53
C ASP B 164 -6.39 24.30 65.18
N GLU B 165 -7.26 23.29 65.07
CA GLU B 165 -6.98 21.93 65.54
C GLU B 165 -5.74 21.32 64.89
N ALA B 166 -5.59 21.55 63.58
CA ALA B 166 -4.46 21.02 62.82
C ALA B 166 -3.13 21.62 63.26
N LEU B 167 -3.13 22.93 63.56
CA LEU B 167 -1.90 23.65 63.89
C LEU B 167 -1.34 23.28 65.27
N ASN B 168 -2.22 23.15 66.27
CA ASN B 168 -1.79 22.74 67.60
C ASN B 168 -1.03 21.41 67.53
N ASN B 169 -1.68 20.41 66.94
CA ASN B 169 -1.11 19.06 66.80
C ASN B 169 0.18 19.08 66.00
N ARG B 170 0.16 19.82 64.89
CA ARG B 170 1.28 19.89 63.97
C ARG B 170 2.54 20.47 64.61
N PHE B 171 2.38 21.58 65.33
CA PHE B 171 3.49 22.22 66.04
C PHE B 171 3.46 21.90 67.53
N GLN B 172 3.95 20.72 67.87
CA GLN B 172 4.31 20.40 69.24
C GLN B 172 5.82 20.16 69.27
N SER B 173 6.57 20.96 68.51
CA SER B 173 8.03 20.80 68.41
C SER B 173 8.73 22.13 68.10
N GLY B 174 10.05 22.13 68.29
CA GLY B 174 10.89 23.30 68.01
C GLY B 174 12.33 22.92 67.75
N ASN C 7 28.50 24.38 56.71
CA ASN C 7 27.79 25.58 57.22
C ASN C 7 26.91 25.24 58.43
N ASN C 8 25.91 26.06 58.71
CA ASN C 8 24.82 25.70 59.59
C ASN C 8 23.90 24.65 58.94
N THR C 9 23.59 24.83 57.64
CA THR C 9 22.72 23.92 56.88
C THR C 9 23.34 23.55 55.53
N ALA C 10 22.63 22.76 54.71
CA ALA C 10 23.17 22.30 53.42
C ALA C 10 22.17 22.48 52.27
N THR C 11 22.66 22.28 51.05
CA THR C 11 21.83 22.39 49.84
C THR C 11 22.11 21.26 48.86
N LEU C 12 21.06 20.76 48.22
CA LEU C 12 21.14 19.64 47.30
C LEU C 12 20.51 20.01 45.97
N CYS C 13 21.24 19.79 44.88
CA CYS C 13 20.82 20.24 43.58
C CYS C 13 20.72 19.11 42.58
N LEU C 14 19.59 19.05 41.88
CA LEU C 14 19.35 17.99 40.90
C LEU C 14 19.59 18.49 39.49
N GLY C 15 19.85 17.55 38.58
CA GLY C 15 20.13 17.91 37.21
C GLY C 15 20.41 16.72 36.32
N HIS C 16 20.44 17.01 35.02
CA HIS C 16 20.75 16.04 34.01
C HIS C 16 22.05 16.42 33.35
N HIS C 17 22.58 15.53 32.53
CA HIS C 17 23.84 15.78 31.83
C HIS C 17 23.60 16.41 30.47
N ALA C 18 24.71 16.71 29.81
CA ALA C 18 24.71 17.31 28.48
C ALA C 18 26.06 17.03 27.82
N VAL C 19 26.17 17.36 26.54
CA VAL C 19 27.38 17.07 25.77
C VAL C 19 27.81 18.28 24.95
N ALA C 20 28.82 18.10 24.11
CA ALA C 20 29.26 19.14 23.19
C ALA C 20 28.61 18.97 21.81
N ASN C 21 28.67 17.76 21.29
CA ASN C 21 28.23 17.48 19.91
C ASN C 21 26.74 17.12 19.80
N GLY C 22 25.87 18.02 20.25
CA GLY C 22 24.43 17.79 20.14
C GLY C 22 23.96 17.78 18.70
N THR C 23 23.17 16.78 18.34
CA THR C 23 22.59 16.65 17.00
C THR C 23 21.14 17.14 17.01
N LEU C 24 20.72 17.75 15.90
CA LEU C 24 19.32 18.17 15.74
C LEU C 24 18.47 17.03 15.18
N VAL C 25 17.27 16.89 15.73
CA VAL C 25 16.28 15.90 15.27
C VAL C 25 14.89 16.51 15.21
N LYS C 26 13.94 15.73 14.73
CA LYS C 26 12.56 16.18 14.55
C LYS C 26 11.64 15.44 15.52
N THR C 27 10.69 16.17 16.11
CA THR C 27 9.64 15.60 16.94
C THR C 27 8.30 16.07 16.40
N MET C 28 7.21 15.86 17.15
CA MET C 28 5.89 16.33 16.74
C MET C 28 5.66 17.77 17.14
N SER C 29 6.42 18.26 18.13
CA SER C 29 6.24 19.61 18.65
C SER C 29 7.18 20.63 18.03
N ASP C 30 8.36 20.20 17.62
CA ASP C 30 9.32 21.08 16.95
C ASP C 30 9.93 20.41 15.73
N ASP C 31 10.34 21.23 14.76
CA ASP C 31 10.95 20.75 13.52
C ASP C 31 12.41 20.39 13.77
N GLN C 32 13.06 21.19 14.61
CA GLN C 32 14.46 20.99 14.98
C GLN C 32 14.58 21.09 16.49
N ILE C 33 15.43 20.25 17.07
CA ILE C 33 15.65 20.26 18.52
C ILE C 33 16.92 19.46 18.86
N GLU C 34 17.76 20.04 19.72
CA GLU C 34 19.07 19.47 20.01
C GLU C 34 18.91 18.36 21.05
N VAL C 35 19.56 17.22 20.81
CA VAL C 35 19.58 16.10 21.77
C VAL C 35 20.97 15.51 21.89
N THR C 36 21.20 14.77 22.97
CA THR C 36 22.56 14.32 23.33
C THR C 36 23.12 13.37 22.28
N ASN C 37 22.30 12.45 21.80
CA ASN C 37 22.75 11.54 20.77
C ASN C 37 21.60 11.22 19.81
N ALA C 38 21.97 10.91 18.57
CA ALA C 38 21.00 10.49 17.58
C ALA C 38 21.65 9.47 16.67
N THR C 39 20.81 8.70 15.97
CA THR C 39 21.27 7.59 15.13
C THR C 39 20.61 7.69 13.76
N GLU C 40 21.38 7.46 12.71
CA GLU C 40 20.87 7.54 11.35
C GLU C 40 20.11 6.25 11.02
N LEU C 41 18.92 6.41 10.43
CA LEU C 41 18.03 5.29 10.12
C LEU C 41 17.93 4.96 8.63
N VAL C 42 18.53 5.80 7.78
CA VAL C 42 18.45 5.62 6.34
C VAL C 42 19.85 5.34 5.81
N GLN C 43 19.99 4.24 5.08
CA GLN C 43 21.24 3.91 4.41
C GLN C 43 21.39 4.68 3.09
N SER C 44 22.34 5.60 3.05
CA SER C 44 22.64 6.36 1.83
C SER C 44 23.81 5.75 1.06
N ILE C 45 24.82 5.26 1.78
CA ILE C 45 26.06 4.77 1.18
C ILE C 45 25.89 3.30 0.79
N SER C 46 26.20 2.96 -0.47
CA SER C 46 26.33 1.56 -0.88
C SER C 46 27.80 1.19 -0.86
N MET C 47 28.12 -0.09 -0.98
CA MET C 47 29.53 -0.55 -0.90
C MET C 47 30.29 -0.37 -2.21
N GLY C 48 29.59 -0.02 -3.29
CA GLY C 48 30.23 0.26 -4.59
C GLY C 48 30.73 -0.98 -5.32
N LYS C 49 30.26 -2.15 -4.90
CA LYS C 49 30.60 -3.43 -5.51
C LYS C 49 29.59 -4.47 -5.06
N ILE C 50 29.23 -5.38 -5.95
CA ILE C 50 28.34 -6.47 -5.60
C ILE C 50 29.20 -7.53 -4.97
N CYS C 51 28.73 -8.14 -3.88
CA CYS C 51 29.58 -9.02 -3.08
C CYS C 51 29.21 -10.50 -3.19
N ASN C 52 30.21 -11.32 -3.52
CA ASN C 52 30.03 -12.74 -3.81
C ASN C 52 29.63 -13.63 -2.62
N LYS C 53 29.49 -13.04 -1.43
CA LYS C 53 28.91 -13.72 -0.28
C LYS C 53 27.96 -12.73 0.40
N SER C 54 26.92 -13.20 1.10
CA SER C 54 26.67 -14.62 1.35
C SER C 54 26.05 -15.37 0.17
N TYR C 55 25.36 -14.66 -0.73
CA TYR C 55 24.65 -15.30 -1.85
C TYR C 55 25.57 -15.68 -2.99
N ARG C 56 25.12 -16.62 -3.81
CA ARG C 56 25.81 -17.00 -5.04
C ARG C 56 25.36 -16.10 -6.16
N ILE C 57 26.32 -15.49 -6.86
CA ILE C 57 25.97 -14.64 -7.98
C ILE C 57 26.75 -15.04 -9.21
N LEU C 58 26.05 -15.05 -10.34
CA LEU C 58 26.64 -15.33 -11.63
C LEU C 58 26.80 -13.99 -12.31
N ASP C 59 27.86 -13.85 -13.12
CA ASP C 59 28.11 -12.63 -13.84
C ASP C 59 27.80 -12.89 -15.31
N GLY C 60 26.71 -12.31 -15.80
CA GLY C 60 26.32 -12.44 -17.20
C GLY C 60 27.39 -12.03 -18.20
N ARG C 61 28.12 -10.97 -17.87
CA ARG C 61 29.21 -10.47 -18.71
C ARG C 61 28.68 -10.12 -20.10
N ASN C 62 29.09 -10.85 -21.12
CA ASN C 62 28.58 -10.65 -22.47
C ASN C 62 27.21 -11.28 -22.72
N CYS C 63 26.75 -12.14 -21.80
CA CYS C 63 25.50 -12.86 -21.99
C CYS C 63 24.35 -12.28 -21.21
N THR C 64 23.19 -12.29 -21.86
CA THR C 64 21.92 -12.05 -21.22
C THR C 64 21.40 -13.41 -20.75
N LEU C 65 20.36 -13.42 -19.91
CA LEU C 65 19.88 -14.69 -19.33
C LEU C 65 19.28 -15.61 -20.37
N ILE C 66 18.49 -15.03 -21.28
CA ILE C 66 17.84 -15.82 -22.32
C ILE C 66 18.88 -16.39 -23.29
N ASP C 67 19.91 -15.62 -23.63
CA ASP C 67 20.98 -16.13 -24.50
C ASP C 67 21.67 -17.34 -23.86
N ALA C 68 21.92 -17.27 -22.56
CA ALA C 68 22.62 -18.35 -21.85
C ALA C 68 21.81 -19.64 -21.82
N MET C 69 20.50 -19.51 -21.59
CA MET C 69 19.64 -20.68 -21.48
C MET C 69 19.21 -21.25 -22.84
N LEU C 70 19.34 -20.48 -23.92
CA LEU C 70 19.06 -21.00 -25.26
C LEU C 70 20.27 -21.72 -25.81
N GLY C 71 21.45 -21.16 -25.56
CA GLY C 71 22.70 -21.80 -25.96
C GLY C 71 23.53 -21.07 -27.01
N ASP C 72 23.47 -19.75 -27.00
CA ASP C 72 24.33 -18.89 -27.81
C ASP C 72 25.79 -19.35 -27.67
N PRO C 73 26.54 -19.48 -28.78
CA PRO C 73 27.91 -19.98 -28.74
C PRO C 73 28.85 -19.26 -27.78
N HIS C 74 28.68 -17.94 -27.62
CA HIS C 74 29.48 -17.17 -26.67
C HIS C 74 28.96 -17.26 -25.21
N CYS C 75 27.96 -18.12 -24.99
CA CYS C 75 27.40 -18.39 -23.66
C CYS C 75 27.50 -19.88 -23.29
N ASP C 76 28.57 -20.53 -23.72
CA ASP C 76 28.78 -21.93 -23.41
C ASP C 76 29.44 -22.14 -22.04
N ALA C 77 29.97 -21.06 -21.46
CA ALA C 77 30.56 -21.13 -20.12
C ALA C 77 29.48 -21.20 -19.05
N PHE C 78 28.29 -20.72 -19.37
CA PHE C 78 27.16 -20.71 -18.45
C PHE C 78 26.35 -22.01 -18.52
N GLN C 79 26.64 -22.82 -19.54
CA GLN C 79 25.91 -24.05 -19.83
C GLN C 79 25.47 -24.87 -18.60
N TYR C 80 26.34 -24.98 -17.60
CA TYR C 80 26.08 -25.83 -16.43
C TYR C 80 25.79 -25.04 -15.14
N GLU C 81 25.69 -23.72 -15.23
CA GLU C 81 25.68 -22.87 -14.04
C GLU C 81 24.29 -22.72 -13.46
N SER C 82 24.24 -22.71 -12.13
CA SER C 82 23.06 -22.29 -11.37
C SER C 82 23.44 -20.99 -10.63
N TRP C 83 22.50 -20.40 -9.90
CA TRP C 83 22.78 -19.15 -9.19
C TRP C 83 21.72 -18.77 -8.16
N ASP C 84 22.09 -17.84 -7.27
CA ASP C 84 21.14 -17.16 -6.41
C ASP C 84 20.70 -15.86 -7.03
N LEU C 85 21.64 -15.17 -7.66
CA LEU C 85 21.32 -13.94 -8.37
C LEU C 85 22.16 -13.85 -9.62
N PHE C 86 21.50 -13.80 -10.76
CA PHE C 86 22.17 -13.62 -12.04
C PHE C 86 22.22 -12.12 -12.32
N ILE C 87 23.36 -11.65 -12.83
CA ILE C 87 23.58 -10.23 -13.07
C ILE C 87 23.73 -9.98 -14.57
N GLU C 88 22.77 -9.27 -15.16
CA GLU C 88 22.84 -8.91 -16.57
C GLU C 88 23.55 -7.58 -16.75
N ARG C 89 24.67 -7.58 -17.48
CA ARG C 89 25.37 -6.34 -17.81
C ARG C 89 24.72 -5.71 -19.03
N SER C 90 24.72 -4.38 -19.09
CA SER C 90 24.07 -3.67 -20.20
C SER C 90 24.84 -3.80 -21.51
N ASN C 91 26.16 -3.96 -21.44
CA ASN C 91 26.98 -4.18 -22.63
C ASN C 91 26.86 -5.60 -23.23
N ALA C 92 25.87 -6.37 -22.78
CA ALA C 92 25.69 -7.74 -23.23
C ALA C 92 24.92 -7.77 -24.54
N PHE C 93 25.20 -8.79 -25.35
CA PHE C 93 24.64 -8.88 -26.69
C PHE C 93 24.31 -10.33 -27.04
N SER C 94 23.56 -10.50 -28.14
CA SER C 94 23.35 -11.79 -28.75
C SER C 94 24.39 -11.97 -29.83
N ASN C 95 24.60 -13.21 -30.25
CA ASN C 95 25.45 -13.47 -31.39
C ASN C 95 25.05 -14.73 -32.13
N CYS C 96 23.78 -15.10 -32.04
CA CYS C 96 23.25 -16.26 -32.72
C CYS C 96 22.08 -15.77 -33.57
N TYR C 97 21.48 -16.67 -34.34
CA TYR C 97 20.35 -16.36 -35.23
C TYR C 97 19.42 -15.33 -34.61
N PRO C 98 18.94 -14.35 -35.41
CA PRO C 98 18.08 -13.33 -34.81
C PRO C 98 16.74 -13.91 -34.39
N TYR C 99 16.29 -13.55 -33.19
CA TYR C 99 15.05 -14.08 -32.65
C TYR C 99 14.19 -13.04 -31.99
N ASP C 100 13.01 -13.49 -31.58
CA ASP C 100 12.11 -12.73 -30.72
C ASP C 100 11.38 -13.74 -29.86
N ILE C 101 10.93 -13.30 -28.68
CA ILE C 101 10.17 -14.16 -27.80
C ILE C 101 8.91 -13.43 -27.36
N PRO C 102 7.73 -13.89 -27.83
CA PRO C 102 6.54 -13.36 -27.20
C PRO C 102 6.57 -13.62 -25.70
N ASP C 103 6.31 -12.56 -24.92
CA ASP C 103 6.39 -12.58 -23.45
C ASP C 103 7.82 -12.77 -22.93
N TYR C 104 8.80 -12.24 -23.65
CA TYR C 104 10.20 -12.30 -23.22
C TYR C 104 10.36 -12.01 -21.73
N ALA C 105 9.65 -10.98 -21.26
CA ALA C 105 9.70 -10.62 -19.85
C ALA C 105 9.28 -11.74 -18.91
N SER C 106 8.21 -12.46 -19.29
CA SER C 106 7.73 -13.60 -18.49
C SER C 106 8.74 -14.76 -18.47
N LEU C 107 9.21 -15.16 -19.64
CA LEU C 107 10.15 -16.28 -19.72
C LEU C 107 11.43 -15.95 -18.96
N ARG C 108 11.87 -14.70 -19.03
CA ARG C 108 12.99 -14.21 -18.22
C ARG C 108 12.71 -14.36 -16.71
N SER C 109 11.51 -14.00 -16.29
CA SER C 109 11.11 -14.14 -14.89
C SER C 109 11.07 -15.60 -14.46
N ILE C 110 10.45 -16.44 -15.29
CA ILE C 110 10.32 -17.87 -14.98
C ILE C 110 11.67 -18.57 -14.85
N VAL C 111 12.61 -18.23 -15.74
CA VAL C 111 13.96 -18.80 -15.69
C VAL C 111 14.80 -18.17 -14.59
N ALA C 112 14.70 -16.85 -14.43
CA ALA C 112 15.40 -16.18 -13.35
C ALA C 112 15.05 -16.78 -11.99
N SER C 113 13.76 -17.07 -11.78
CA SER C 113 13.30 -17.69 -10.54
C SER C 113 13.82 -19.11 -10.35
N SER C 114 13.89 -19.88 -11.44
CA SER C 114 14.36 -21.26 -11.36
C SER C 114 15.75 -21.32 -10.75
N GLY C 115 16.64 -20.44 -11.21
CA GLY C 115 17.98 -20.35 -10.66
C GLY C 115 19.02 -21.18 -11.38
N THR C 116 18.68 -21.68 -12.56
CA THR C 116 19.56 -22.56 -13.29
C THR C 116 19.19 -22.56 -14.78
N VAL C 117 20.18 -22.87 -15.60
CA VAL C 117 19.96 -23.09 -17.02
C VAL C 117 20.42 -24.50 -17.38
N GLU C 118 20.37 -25.41 -16.39
CA GLU C 118 20.88 -26.77 -16.56
C GLU C 118 19.92 -27.66 -17.34
N PHE C 119 20.36 -28.04 -18.53
CA PHE C 119 19.54 -28.71 -19.53
C PHE C 119 19.59 -30.23 -19.37
N THR C 120 18.45 -30.90 -19.52
CA THR C 120 18.47 -32.35 -19.57
C THR C 120 18.09 -32.76 -20.97
N ALA C 121 18.97 -33.47 -21.65
CA ALA C 121 18.69 -33.93 -22.99
C ALA C 121 17.71 -35.09 -22.93
N GLU C 122 16.98 -35.28 -24.03
CA GLU C 122 16.03 -36.39 -24.16
C GLU C 122 15.99 -36.88 -25.60
N GLY C 123 15.78 -38.19 -25.76
CA GLY C 123 15.76 -38.81 -27.08
C GLY C 123 14.50 -38.52 -27.89
N PHE C 124 14.50 -37.41 -28.62
CA PHE C 124 13.44 -37.12 -29.57
C PHE C 124 13.74 -37.78 -30.92
N THR C 125 12.69 -38.24 -31.60
CA THR C 125 12.85 -38.94 -32.86
C THR C 125 12.15 -38.19 -33.98
N TRP C 126 12.96 -37.70 -34.91
CA TRP C 126 12.49 -36.95 -36.05
C TRP C 126 12.81 -37.75 -37.31
N THR C 127 11.97 -38.73 -37.62
CA THR C 127 12.15 -39.47 -38.87
C THR C 127 11.61 -38.63 -40.02
N GLY C 128 12.25 -38.78 -41.17
CA GLY C 128 11.82 -38.13 -42.41
C GLY C 128 12.31 -36.71 -42.58
N VAL C 129 13.18 -36.25 -41.68
CA VAL C 129 13.72 -34.88 -41.75
C VAL C 129 15.21 -34.87 -41.47
N THR C 130 15.85 -33.74 -41.73
CA THR C 130 17.28 -33.59 -41.48
C THR C 130 17.51 -32.56 -40.35
N GLN C 131 18.37 -32.93 -39.40
CA GLN C 131 18.48 -32.23 -38.13
C GLN C 131 19.75 -31.42 -38.00
N ASN C 132 19.84 -30.70 -36.87
CA ASN C 132 21.02 -29.95 -36.47
C ASN C 132 21.42 -28.89 -37.48
N GLY C 133 20.43 -28.20 -38.03
CA GLY C 133 20.67 -27.09 -38.95
C GLY C 133 21.46 -25.97 -38.31
N ARG C 134 22.33 -25.35 -39.10
CA ARG C 134 23.25 -24.32 -38.63
C ARG C 134 23.09 -23.03 -39.44
N SER C 135 23.73 -21.96 -38.98
CA SER C 135 23.68 -20.67 -39.66
C SER C 135 24.97 -19.88 -39.48
N GLY C 136 25.32 -19.08 -40.49
CA GLY C 136 26.47 -18.20 -40.44
C GLY C 136 26.37 -17.11 -39.39
N ALA C 137 25.14 -16.79 -38.98
CA ALA C 137 24.91 -15.85 -37.89
C ALA C 137 25.41 -16.38 -36.55
N CYS C 138 25.30 -17.70 -36.38
CA CYS C 138 25.56 -18.34 -35.10
C CYS C 138 26.83 -19.18 -35.16
N LYS C 139 27.97 -18.53 -34.96
CA LYS C 139 29.28 -19.17 -35.16
C LYS C 139 29.87 -19.78 -33.89
N ARG C 140 30.50 -20.95 -34.06
CA ARG C 140 31.16 -21.65 -32.96
C ARG C 140 32.45 -22.27 -33.50
N GLY C 141 33.58 -21.88 -32.91
CA GLY C 141 34.90 -22.36 -33.35
C GLY C 141 35.36 -21.66 -34.62
N SER C 142 34.90 -22.14 -35.77
CA SER C 142 35.14 -21.50 -37.05
C SER C 142 33.78 -21.19 -37.67
N ALA C 143 33.14 -22.23 -38.19
CA ALA C 143 32.02 -22.11 -39.12
C ALA C 143 30.63 -22.16 -38.43
N ASP C 144 29.61 -22.52 -39.20
CA ASP C 144 28.23 -22.38 -38.78
C ASP C 144 27.89 -23.21 -37.56
N SER C 145 26.85 -22.78 -36.86
CA SER C 145 26.32 -23.49 -35.70
C SER C 145 24.89 -23.00 -35.43
N PHE C 146 24.39 -23.24 -34.22
CA PHE C 146 23.03 -22.84 -33.85
C PHE C 146 22.90 -22.93 -32.34
N PHE C 147 21.80 -22.42 -31.80
CA PHE C 147 21.50 -22.60 -30.38
C PHE C 147 21.69 -24.07 -30.01
N SER C 148 22.37 -24.32 -28.90
CA SER C 148 22.66 -25.68 -28.48
C SER C 148 21.47 -26.43 -27.85
N ARG C 149 20.43 -25.71 -27.45
CA ARG C 149 19.24 -26.31 -26.84
C ARG C 149 18.07 -26.44 -27.82
N LEU C 150 18.25 -25.92 -29.03
CA LEU C 150 17.25 -26.01 -30.10
C LEU C 150 17.83 -26.76 -31.28
N ASN C 151 16.94 -27.36 -32.07
CA ASN C 151 17.32 -28.25 -33.15
C ASN C 151 16.55 -27.88 -34.41
N TRP C 152 17.23 -27.26 -35.36
CA TRP C 152 16.59 -26.74 -36.56
C TRP C 152 16.35 -27.84 -37.60
N LEU C 153 15.09 -28.17 -37.84
CA LEU C 153 14.72 -29.27 -38.73
C LEU C 153 14.39 -28.80 -40.13
N THR C 154 15.08 -29.37 -41.12
CA THR C 154 14.87 -29.07 -42.54
C THR C 154 14.44 -30.34 -43.32
N LYS C 155 14.17 -30.19 -44.61
CA LYS C 155 13.67 -31.32 -45.41
C LYS C 155 14.73 -32.40 -45.59
N SER C 156 14.26 -33.63 -45.72
CA SER C 156 15.10 -34.76 -46.08
C SER C 156 14.69 -35.16 -47.49
N GLY C 157 15.62 -35.02 -48.43
CA GLY C 157 15.36 -35.30 -49.84
C GLY C 157 14.23 -34.46 -50.43
N SER C 158 13.18 -35.15 -50.84
CA SER C 158 12.05 -34.54 -51.55
C SER C 158 10.91 -34.13 -50.61
N SER C 159 11.01 -34.43 -49.32
CA SER C 159 9.89 -34.20 -48.41
C SER C 159 10.23 -33.80 -46.96
N TYR C 160 9.19 -33.32 -46.30
CA TYR C 160 9.17 -33.03 -44.88
C TYR C 160 7.79 -33.52 -44.43
N PRO C 161 7.72 -34.78 -44.00
CA PRO C 161 6.42 -35.37 -43.69
C PRO C 161 5.90 -34.84 -42.36
N THR C 162 4.61 -34.99 -42.10
CA THR C 162 4.04 -34.54 -40.84
C THR C 162 4.73 -35.24 -39.66
N LEU C 163 5.31 -34.42 -38.79
CA LEU C 163 5.94 -34.91 -37.57
C LEU C 163 4.90 -35.02 -36.48
N ASN C 164 4.98 -36.11 -35.72
CA ASN C 164 4.03 -36.40 -34.67
C ASN C 164 4.77 -37.20 -33.60
N VAL C 165 5.40 -36.49 -32.68
CA VAL C 165 6.30 -37.08 -31.71
C VAL C 165 5.81 -36.77 -30.29
N THR C 166 5.75 -37.81 -29.47
CA THR C 166 5.22 -37.72 -28.11
C THR C 166 6.33 -37.96 -27.08
N MET C 167 6.21 -37.30 -25.92
CA MET C 167 7.23 -37.36 -24.88
C MET C 167 6.58 -37.18 -23.51
N PRO C 168 6.29 -38.30 -22.82
CA PRO C 168 5.54 -38.21 -21.57
C PRO C 168 6.42 -37.82 -20.40
N ASN C 169 5.81 -37.21 -19.39
CA ASN C 169 6.52 -36.76 -18.21
C ASN C 169 6.20 -37.66 -17.01
N ASN C 170 7.01 -38.69 -16.81
CA ASN C 170 6.79 -39.64 -15.71
C ASN C 170 7.54 -39.22 -14.43
N LYS C 171 8.29 -38.13 -14.51
CA LYS C 171 8.97 -37.56 -13.35
C LYS C 171 7.94 -36.93 -12.43
N ASN C 172 8.37 -36.57 -11.24
CA ASN C 172 7.48 -35.95 -10.26
C ASN C 172 7.52 -34.41 -10.26
N PHE C 173 8.12 -33.80 -11.28
CA PHE C 173 8.30 -32.35 -11.32
C PHE C 173 7.94 -31.75 -12.68
N ASP C 174 7.60 -30.46 -12.68
CA ASP C 174 7.22 -29.77 -13.89
C ASP C 174 8.46 -29.60 -14.78
N LYS C 175 8.39 -30.12 -16.02
CA LYS C 175 9.41 -29.87 -17.02
C LYS C 175 9.05 -28.64 -17.80
N LEU C 176 10.05 -27.94 -18.32
CA LEU C 176 9.86 -26.77 -19.16
C LEU C 176 10.57 -26.98 -20.49
N TYR C 177 9.81 -27.24 -21.55
CA TYR C 177 10.38 -27.35 -22.88
C TYR C 177 10.42 -25.97 -23.57
N ILE C 178 11.55 -25.67 -24.20
CA ILE C 178 11.69 -24.49 -25.02
C ILE C 178 11.78 -24.92 -26.47
N TRP C 179 11.00 -24.27 -27.31
CA TRP C 179 11.00 -24.55 -28.73
C TRP C 179 10.67 -23.29 -29.50
N GLY C 180 10.75 -23.38 -30.82
CA GLY C 180 10.49 -22.24 -31.65
C GLY C 180 9.99 -22.60 -33.01
N ILE C 181 9.71 -21.57 -33.80
CA ILE C 181 9.22 -21.72 -35.14
C ILE C 181 10.05 -20.77 -35.98
N HIS C 182 10.33 -21.15 -37.22
CA HIS C 182 11.16 -20.35 -38.13
C HIS C 182 10.30 -19.55 -39.08
N HIS C 183 10.71 -18.31 -39.37
CA HIS C 183 10.00 -17.44 -40.31
C HIS C 183 10.88 -17.16 -41.52
N PRO C 184 10.70 -17.92 -42.61
CA PRO C 184 11.53 -17.74 -43.80
C PRO C 184 11.41 -16.36 -44.43
N SER C 185 12.49 -15.91 -45.07
CA SER C 185 12.55 -14.62 -45.74
C SER C 185 11.51 -14.48 -46.84
N SER C 186 11.30 -15.55 -47.60
CA SER C 186 10.51 -15.52 -48.82
C SER C 186 9.68 -16.79 -48.99
N ASN C 187 8.72 -16.75 -49.92
CA ASN C 187 7.99 -17.97 -50.34
C ASN C 187 8.93 -18.99 -50.97
N GLN C 188 10.07 -18.52 -51.49
CA GLN C 188 11.09 -19.40 -52.08
C GLN C 188 11.79 -20.25 -51.01
N GLU C 189 12.05 -19.67 -49.84
CA GLU C 189 12.64 -20.43 -48.73
C GLU C 189 11.67 -21.45 -48.11
N GLN C 190 10.45 -21.00 -47.84
CA GLN C 190 9.40 -21.84 -47.21
C GLN C 190 9.30 -23.23 -47.81
N THR C 191 9.37 -23.32 -49.14
CA THR C 191 9.27 -24.59 -49.84
C THR C 191 10.63 -25.29 -49.96
N LYS C 192 11.68 -24.47 -50.15
CA LYS C 192 13.06 -24.94 -50.23
C LYS C 192 13.53 -25.70 -48.97
N LEU C 193 13.03 -25.28 -47.81
CA LEU C 193 13.39 -25.88 -46.53
C LEU C 193 12.37 -26.90 -46.04
N TYR C 194 11.09 -26.56 -46.09
CA TYR C 194 10.05 -27.39 -45.49
C TYR C 194 8.89 -27.60 -46.46
N ILE C 195 9.14 -28.33 -47.54
CA ILE C 195 8.25 -28.41 -48.71
C ILE C 195 6.93 -27.63 -48.69
N GLN C 196 6.04 -27.97 -47.76
CA GLN C 196 4.66 -27.45 -47.75
C GLN C 196 4.61 -25.93 -47.83
N GLU C 197 3.85 -25.41 -48.82
CA GLU C 197 3.71 -23.96 -49.04
C GLU C 197 3.36 -23.19 -47.76
N SER C 198 2.52 -23.80 -46.93
CA SER C 198 2.26 -23.28 -45.58
C SER C 198 2.94 -24.19 -44.55
N GLY C 199 3.31 -23.61 -43.41
CA GLY C 199 3.87 -24.37 -42.30
C GLY C 199 2.96 -24.28 -41.10
N ARG C 200 3.37 -24.92 -40.01
CA ARG C 200 2.52 -25.03 -38.83
C ARG C 200 3.25 -25.80 -37.71
N VAL C 201 3.05 -25.36 -36.46
CA VAL C 201 3.55 -26.09 -35.29
C VAL C 201 2.50 -26.11 -34.19
N THR C 202 2.00 -27.31 -33.86
CA THR C 202 0.97 -27.48 -32.83
C THR C 202 1.53 -28.27 -31.66
N VAL C 203 1.89 -27.55 -30.60
CA VAL C 203 2.39 -28.15 -29.36
C VAL C 203 1.29 -28.14 -28.32
N SER C 204 1.05 -29.29 -27.72
CA SER C 204 -0.13 -29.50 -26.89
C SER C 204 0.15 -30.53 -25.81
N THR C 205 -0.50 -30.36 -24.67
CA THR C 205 -0.53 -31.39 -23.64
C THR C 205 -2.00 -31.79 -23.45
N LYS C 206 -2.30 -32.53 -22.39
CA LYS C 206 -3.67 -32.94 -22.15
C LYS C 206 -4.53 -31.74 -21.81
N ARG C 207 -3.91 -30.74 -21.20
CA ARG C 207 -4.62 -29.63 -20.59
C ARG C 207 -4.63 -28.33 -21.43
N SER C 208 -3.66 -28.14 -22.32
CA SER C 208 -3.59 -26.90 -23.10
C SER C 208 -2.86 -27.10 -24.42
N GLN C 209 -2.85 -26.07 -25.25
CA GLN C 209 -2.22 -26.14 -26.54
C GLN C 209 -1.84 -24.77 -27.06
N GLN C 210 -0.95 -24.76 -28.05
CA GLN C 210 -0.59 -23.55 -28.77
C GLN C 210 -0.28 -23.97 -30.18
N THR C 211 -0.99 -23.45 -31.17
CA THR C 211 -0.55 -23.62 -32.56
C THR C 211 -0.05 -22.28 -33.08
N ILE C 212 1.05 -22.34 -33.83
CA ILE C 212 1.73 -21.17 -34.33
C ILE C 212 1.99 -21.34 -35.82
N ILE C 213 1.51 -20.39 -36.61
CA ILE C 213 1.73 -20.41 -38.05
C ILE C 213 3.00 -19.61 -38.34
N PRO C 214 3.76 -20.01 -39.36
CA PRO C 214 4.89 -19.19 -39.80
C PRO C 214 4.46 -17.88 -40.42
N ASN C 215 5.45 -17.04 -40.72
CA ASN C 215 5.22 -15.67 -41.15
C ASN C 215 6.23 -15.32 -42.23
N ILE C 216 5.97 -15.75 -43.45
CA ILE C 216 6.86 -15.44 -44.57
C ILE C 216 6.89 -13.93 -44.85
N GLY C 217 8.09 -13.38 -44.96
CA GLY C 217 8.28 -11.95 -45.09
C GLY C 217 9.74 -11.57 -44.94
N SER C 218 10.15 -10.52 -45.66
CA SER C 218 11.54 -10.07 -45.63
C SER C 218 11.73 -9.07 -44.49
N ARG C 219 12.83 -9.24 -43.76
CA ARG C 219 13.15 -8.39 -42.61
C ARG C 219 14.52 -7.76 -42.75
N PRO C 220 14.86 -6.83 -41.84
CA PRO C 220 16.20 -6.28 -41.87
C PRO C 220 17.25 -7.35 -41.59
N LEU C 221 18.51 -7.04 -41.89
CA LEU C 221 19.57 -8.03 -41.77
C LEU C 221 20.19 -8.00 -40.40
N VAL C 222 20.32 -9.20 -39.83
CA VAL C 222 21.04 -9.37 -38.59
C VAL C 222 22.02 -10.53 -38.79
N ARG C 223 23.32 -10.20 -38.82
CA ARG C 223 24.38 -11.15 -39.14
C ARG C 223 24.12 -11.85 -40.49
N GLY C 224 23.81 -11.03 -41.50
CA GLY C 224 23.58 -11.51 -42.87
C GLY C 224 22.23 -12.15 -43.15
N GLN C 225 21.42 -12.34 -42.11
CA GLN C 225 20.19 -13.11 -42.21
C GLN C 225 18.93 -12.25 -42.08
N SER C 226 17.95 -12.52 -42.94
CA SER C 226 16.65 -11.87 -42.91
C SER C 226 15.56 -12.82 -42.39
N GLY C 227 15.90 -14.07 -42.18
CA GLY C 227 15.00 -14.98 -41.48
C GLY C 227 14.92 -14.58 -40.02
N ARG C 228 13.90 -15.05 -39.33
CA ARG C 228 13.79 -14.90 -37.88
C ARG C 228 13.33 -16.21 -37.28
N ILE C 229 13.38 -16.27 -35.96
CA ILE C 229 12.90 -17.43 -35.24
C ILE C 229 12.19 -16.92 -34.00
N SER C 230 11.03 -17.49 -33.69
CA SER C 230 10.28 -17.10 -32.50
C SER C 230 10.35 -18.21 -31.47
N ILE C 231 10.42 -17.85 -30.20
CA ILE C 231 10.44 -18.84 -29.14
C ILE C 231 9.13 -18.87 -28.36
N TYR C 232 8.67 -20.08 -28.07
CA TYR C 232 7.56 -20.31 -27.18
C TYR C 232 8.02 -21.34 -26.18
N TRP C 233 7.48 -21.29 -24.97
CA TRP C 233 7.79 -22.31 -23.98
C TRP C 233 6.51 -23.03 -23.64
N THR C 234 6.66 -24.23 -23.10
CA THR C 234 5.52 -25.06 -22.78
C THR C 234 5.85 -25.87 -21.55
N ILE C 235 4.99 -25.80 -20.53
CA ILE C 235 5.25 -26.51 -19.28
C ILE C 235 4.44 -27.81 -19.22
N VAL C 236 5.11 -28.92 -18.90
CA VAL C 236 4.46 -30.23 -18.82
C VAL C 236 4.46 -30.68 -17.37
N LYS C 237 3.29 -31.02 -16.86
CA LYS C 237 3.16 -31.39 -15.45
C LYS C 237 3.37 -32.89 -15.21
N PRO C 238 3.61 -33.29 -13.95
CA PRO C 238 3.74 -34.71 -13.64
C PRO C 238 2.49 -35.50 -14.05
N GLY C 239 2.70 -36.66 -14.69
CA GLY C 239 1.60 -37.44 -15.24
C GLY C 239 1.20 -37.02 -16.66
N ASP C 240 1.41 -35.75 -16.98
CA ASP C 240 0.99 -35.18 -18.26
C ASP C 240 1.92 -35.67 -19.37
N ILE C 241 1.80 -35.08 -20.56
CA ILE C 241 2.50 -35.60 -21.73
C ILE C 241 2.63 -34.55 -22.83
N LEU C 242 3.86 -34.32 -23.28
CA LEU C 242 4.11 -33.38 -24.38
C LEU C 242 3.91 -34.06 -25.73
N MET C 243 3.29 -33.33 -26.66
CA MET C 243 3.09 -33.79 -28.03
C MET C 243 3.36 -32.65 -29.00
N ILE C 244 3.99 -32.96 -30.12
CA ILE C 244 4.37 -31.96 -31.10
C ILE C 244 3.94 -32.41 -32.49
N ASN C 245 3.04 -31.64 -33.10
CA ASN C 245 2.62 -31.87 -34.48
C ASN C 245 3.09 -30.72 -35.35
N SER C 246 3.51 -31.03 -36.58
CA SER C 246 4.06 -30.03 -37.49
C SER C 246 4.31 -30.61 -38.87
N ASN C 247 3.99 -29.83 -39.89
CA ASN C 247 4.32 -30.17 -41.28
C ASN C 247 5.32 -29.17 -41.88
N GLY C 248 6.06 -28.46 -41.01
CA GLY C 248 7.08 -27.52 -41.45
C GLY C 248 7.41 -26.39 -40.49
N ASN C 249 8.65 -25.91 -40.58
CA ASN C 249 9.13 -24.71 -39.90
C ASN C 249 9.34 -24.88 -38.39
N LEU C 250 9.32 -26.13 -37.91
CA LEU C 250 9.51 -26.41 -36.49
C LEU C 250 10.97 -26.22 -36.14
N VAL C 251 11.20 -25.60 -34.99
CA VAL C 251 12.50 -25.63 -34.37
C VAL C 251 12.31 -26.37 -33.05
N ALA C 252 12.84 -27.59 -33.02
CA ALA C 252 12.51 -28.56 -32.00
C ALA C 252 13.29 -28.35 -30.71
N PRO C 253 12.74 -28.81 -29.59
CA PRO C 253 13.53 -28.87 -28.37
C PRO C 253 14.42 -30.10 -28.39
N ARG C 254 15.51 -30.07 -27.61
CA ARG C 254 16.40 -31.22 -27.44
C ARG C 254 16.26 -31.81 -26.03
N GLY C 255 15.35 -31.25 -25.25
CA GLY C 255 15.23 -31.61 -23.86
C GLY C 255 14.51 -30.55 -23.05
N TYR C 256 14.60 -30.70 -21.73
CA TYR C 256 13.83 -29.89 -20.83
C TYR C 256 14.68 -29.31 -19.71
N PHE C 257 14.27 -28.12 -19.26
CA PHE C 257 14.82 -27.51 -18.05
C PHE C 257 13.97 -27.91 -16.86
N LYS C 258 14.61 -28.23 -15.75
CA LYS C 258 13.88 -28.49 -14.52
C LYS C 258 13.46 -27.13 -13.95
N LEU C 259 12.23 -27.04 -13.47
CA LEU C 259 11.68 -25.81 -12.93
C LEU C 259 11.75 -25.88 -11.41
N ASN C 260 12.11 -24.78 -10.77
CA ASN C 260 12.29 -24.80 -9.31
C ASN C 260 11.58 -23.68 -8.59
N THR C 261 10.87 -24.05 -7.52
CA THR C 261 10.53 -23.10 -6.46
C THR C 261 11.86 -22.75 -5.81
N GLY C 262 12.27 -21.49 -5.92
CA GLY C 262 13.57 -21.08 -5.43
C GLY C 262 13.63 -19.66 -4.94
N LYS C 263 14.77 -19.35 -4.33
CA LYS C 263 15.09 -18.01 -3.90
C LYS C 263 15.75 -17.18 -5.02
N SER C 264 15.80 -17.73 -6.24
CA SER C 264 16.63 -17.15 -7.28
C SER C 264 15.97 -15.96 -7.99
N SER C 265 16.80 -15.09 -8.55
CA SER C 265 16.31 -13.95 -9.31
C SER C 265 17.37 -13.45 -10.28
N VAL C 266 17.08 -12.33 -10.94
CA VAL C 266 17.97 -11.71 -11.92
C VAL C 266 17.97 -10.20 -11.69
N MET C 267 19.07 -9.53 -12.00
CA MET C 267 19.18 -8.09 -11.73
C MET C 267 20.11 -7.40 -12.73
N ARG C 268 19.68 -6.26 -13.25
CA ARG C 268 20.48 -5.48 -14.18
C ARG C 268 21.37 -4.55 -13.37
N SER C 269 22.66 -4.57 -13.66
CA SER C 269 23.63 -3.71 -12.98
C SER C 269 24.94 -3.75 -13.72
N ASP C 270 25.67 -2.63 -13.70
CA ASP C 270 26.96 -2.56 -14.37
C ASP C 270 28.09 -2.35 -13.38
N VAL C 271 27.89 -2.79 -12.15
CA VAL C 271 28.86 -2.59 -11.07
C VAL C 271 29.72 -3.83 -10.87
N PRO C 272 31.04 -3.67 -10.63
CA PRO C 272 31.91 -4.84 -10.53
C PRO C 272 31.65 -5.70 -9.31
N ILE C 273 31.76 -7.02 -9.47
CA ILE C 273 31.57 -7.98 -8.39
C ILE C 273 32.90 -8.23 -7.71
N ASP C 274 32.92 -8.16 -6.38
CA ASP C 274 34.17 -8.18 -5.63
C ASP C 274 34.07 -9.14 -4.44
N ILE C 275 35.23 -9.40 -3.83
CA ILE C 275 35.31 -10.27 -2.67
C ILE C 275 34.91 -9.51 -1.41
N CYS C 276 33.82 -9.94 -0.79
CA CYS C 276 33.34 -9.32 0.43
C CYS C 276 32.11 -10.11 0.88
N VAL C 277 31.56 -9.77 2.04
CA VAL C 277 30.40 -10.46 2.59
C VAL C 277 29.28 -9.48 2.89
N SER C 278 28.08 -9.76 2.37
CA SER C 278 26.94 -8.86 2.51
C SER C 278 25.63 -9.57 2.15
N GLU C 279 24.53 -9.10 2.72
CA GLU C 279 23.25 -9.79 2.63
C GLU C 279 22.13 -8.97 2.01
N CYS C 280 22.46 -7.86 1.36
CA CYS C 280 21.52 -7.15 0.50
C CYS C 280 22.22 -6.63 -0.72
N ILE C 281 21.57 -6.75 -1.87
CA ILE C 281 22.16 -6.39 -3.13
C ILE C 281 21.22 -5.47 -3.88
N THR C 282 21.80 -4.39 -4.44
CA THR C 282 21.09 -3.47 -5.33
C THR C 282 21.95 -3.26 -6.57
N PRO C 283 21.36 -2.73 -7.65
CA PRO C 283 22.15 -2.35 -8.83
C PRO C 283 23.34 -1.45 -8.54
N ASN C 284 23.26 -0.65 -7.48
CA ASN C 284 24.35 0.24 -7.08
C ASN C 284 25.52 -0.44 -6.40
N GLY C 285 25.32 -1.72 -6.02
CA GLY C 285 26.28 -2.52 -5.25
C GLY C 285 25.58 -3.12 -4.03
N SER C 286 26.34 -3.82 -3.20
CA SER C 286 25.82 -4.29 -1.92
C SER C 286 25.59 -3.10 -1.00
N ILE C 287 24.59 -3.21 -0.12
CA ILE C 287 24.41 -2.21 0.92
C ILE C 287 24.42 -2.86 2.27
N SER C 288 24.79 -2.07 3.27
CA SER C 288 24.80 -2.52 4.63
C SER C 288 23.38 -2.82 5.11
N ASN C 289 23.29 -3.78 6.01
CA ASN C 289 22.03 -4.39 6.43
C ASN C 289 21.40 -3.73 7.63
N ASP C 290 22.23 -3.09 8.45
CA ASP C 290 21.89 -2.78 9.84
C ASP C 290 20.81 -1.71 10.05
N LYS C 291 20.64 -0.79 9.10
CA LYS C 291 19.63 0.26 9.25
C LYS C 291 18.27 -0.23 8.75
N PRO C 292 17.18 0.24 9.36
CA PRO C 292 15.84 -0.23 9.00
C PRO C 292 15.29 0.32 7.68
N PHE C 293 15.80 1.44 7.22
CA PHE C 293 15.38 2.03 5.94
C PHE C 293 16.59 2.30 5.07
N GLN C 294 16.35 2.72 3.84
CA GLN C 294 17.38 2.75 2.83
C GLN C 294 17.00 3.67 1.70
N ASN C 295 17.98 4.34 1.10
CA ASN C 295 17.70 5.29 0.02
C ASN C 295 18.56 5.11 -1.24
N VAL C 296 19.16 3.95 -1.39
CA VAL C 296 20.02 3.64 -2.53
C VAL C 296 19.21 3.33 -3.78
N ASN C 297 18.34 2.32 -3.69
CA ASN C 297 17.63 1.80 -4.86
C ASN C 297 16.41 1.00 -4.48
N LYS C 298 15.32 1.18 -5.22
CA LYS C 298 14.09 0.41 -4.97
C LYS C 298 14.18 -1.03 -5.45
N VAL C 299 15.25 -1.35 -6.18
CA VAL C 299 15.53 -2.71 -6.61
C VAL C 299 16.51 -3.30 -5.61
N THR C 300 16.07 -4.34 -4.90
CA THR C 300 16.85 -4.98 -3.83
C THR C 300 16.66 -6.50 -3.89
N TYR C 301 17.71 -7.23 -3.58
CA TYR C 301 17.62 -8.68 -3.44
C TYR C 301 18.26 -9.12 -2.13
N GLY C 302 17.48 -9.74 -1.26
CA GLY C 302 18.00 -10.32 -0.02
C GLY C 302 17.41 -9.67 1.22
N LYS C 303 18.17 -9.68 2.31
CA LYS C 303 17.76 -9.02 3.55
C LYS C 303 17.99 -7.53 3.45
N CYS C 304 16.98 -6.80 2.97
CA CYS C 304 17.14 -5.40 2.63
C CYS C 304 16.24 -4.51 3.44
N PRO C 305 16.79 -3.40 3.95
CA PRO C 305 15.95 -2.37 4.52
C PRO C 305 15.00 -1.82 3.47
N LYS C 306 13.89 -1.25 3.93
CA LYS C 306 12.85 -0.76 3.04
C LYS C 306 13.29 0.54 2.39
N TYR C 307 13.03 0.64 1.08
CA TYR C 307 13.43 1.80 0.29
C TYR C 307 12.39 2.87 0.49
N ILE C 308 12.87 4.09 0.77
CA ILE C 308 12.03 5.25 1.04
C ILE C 308 12.61 6.47 0.34
N ARG C 309 11.82 7.52 0.18
CA ARG C 309 12.25 8.69 -0.59
C ARG C 309 13.16 9.62 0.20
N GLN C 310 13.05 9.60 1.53
CA GLN C 310 13.93 10.41 2.38
C GLN C 310 15.32 9.83 2.26
N ASN C 311 16.32 10.66 2.49
CA ASN C 311 17.69 10.20 2.51
C ASN C 311 18.36 10.39 3.88
N THR C 312 17.62 10.93 4.83
CA THR C 312 18.11 11.05 6.21
C THR C 312 16.96 11.18 7.18
N LEU C 313 16.98 10.33 8.20
CA LEU C 313 16.03 10.38 9.31
C LEU C 313 16.78 10.06 10.60
N LYS C 314 16.94 11.06 11.46
CA LYS C 314 17.72 10.89 12.67
C LYS C 314 16.78 10.49 13.80
N LEU C 315 17.03 9.33 14.41
CA LEU C 315 16.27 8.85 15.59
C LEU C 315 16.99 9.24 16.87
N ALA C 316 16.26 9.79 17.83
CA ALA C 316 16.87 10.25 19.05
C ALA C 316 17.14 9.06 19.95
N THR C 317 18.39 8.95 20.40
CA THR C 317 18.84 7.94 21.35
C THR C 317 19.34 8.57 22.66
N GLY C 318 19.06 9.86 22.84
CA GLY C 318 19.46 10.59 24.03
C GLY C 318 18.40 11.60 24.41
N MET C 319 18.58 12.24 25.57
CA MET C 319 17.63 13.23 26.09
C MET C 319 17.80 14.57 25.40
N ARG C 320 17.04 15.57 25.84
CA ARG C 320 17.23 16.92 25.33
C ARG C 320 18.55 17.47 25.84
N ASN C 321 19.28 18.15 24.96
CA ASN C 321 20.59 18.69 25.29
C ASN C 321 20.56 20.20 25.50
N VAL C 322 20.75 20.62 26.74
CA VAL C 322 20.81 22.02 27.08
C VAL C 322 22.22 22.37 27.57
N PRO C 323 23.05 22.94 26.67
CA PRO C 323 24.36 23.42 27.12
C PRO C 323 24.16 24.73 27.88
N GLU C 324 25.12 25.10 28.71
CA GLU C 324 24.93 26.22 29.64
C GLU C 324 24.94 27.60 28.95
N LYS C 325 23.78 28.26 28.95
CA LYS C 325 23.61 29.61 28.38
C LYS C 325 23.53 30.64 29.50
N GLY D 1 9.38 19.60 26.45
CA GLY D 1 9.36 19.59 27.95
C GLY D 1 7.96 19.79 28.49
N ILE D 2 7.21 18.69 28.61
CA ILE D 2 5.84 18.74 29.11
C ILE D 2 5.76 18.92 30.64
N PHE D 3 6.75 18.39 31.36
CA PHE D 3 6.82 18.56 32.81
C PHE D 3 7.53 19.86 33.19
N GLY D 4 8.37 20.36 32.30
CA GLY D 4 9.15 21.56 32.56
C GLY D 4 10.35 21.28 33.44
N ALA D 5 10.77 20.02 33.49
CA ALA D 5 11.99 19.67 34.21
C ALA D 5 13.17 20.08 33.35
N ILE D 6 13.44 19.31 32.29
CA ILE D 6 14.56 19.61 31.39
C ILE D 6 14.20 20.82 30.54
N ALA D 7 15.15 21.75 30.41
CA ALA D 7 14.92 23.02 29.71
C ALA D 7 13.72 23.77 30.30
N GLY D 8 13.63 23.76 31.64
CA GLY D 8 12.54 24.42 32.36
C GLY D 8 13.06 24.93 33.69
N PHE D 9 12.68 24.28 34.80
CA PHE D 9 13.16 24.70 36.11
C PHE D 9 14.60 24.26 36.36
N ILE D 10 15.04 23.23 35.65
CA ILE D 10 16.46 22.92 35.54
C ILE D 10 16.97 23.78 34.38
N GLU D 11 17.74 24.81 34.67
CA GLU D 11 18.17 25.77 33.63
C GLU D 11 18.91 25.07 32.49
N ASN D 12 19.85 24.19 32.85
CA ASN D 12 20.64 23.48 31.86
C ASN D 12 21.26 22.19 32.41
N GLY D 13 21.87 21.43 31.52
CA GLY D 13 22.52 20.18 31.89
C GLY D 13 23.98 20.37 32.25
N TRP D 14 24.52 19.39 32.98
CA TRP D 14 25.92 19.43 33.39
C TRP D 14 26.81 18.67 32.42
N GLU D 15 27.65 19.42 31.71
CA GLU D 15 28.58 18.88 30.71
C GLU D 15 29.75 18.11 31.36
N GLY D 16 29.86 18.17 32.68
CA GLY D 16 30.87 17.41 33.44
C GLY D 16 30.30 16.25 34.24
N MET D 17 29.12 15.78 33.83
CA MET D 17 28.52 14.59 34.41
C MET D 17 28.80 13.38 33.51
N VAL D 18 29.83 12.61 33.84
CA VAL D 18 30.24 11.47 33.02
C VAL D 18 29.58 10.15 33.43
N ASP D 19 29.26 10.01 34.72
CA ASP D 19 28.86 8.71 35.32
C ASP D 19 27.46 8.25 34.93
N GLY D 20 26.51 9.17 34.90
CA GLY D 20 25.14 8.84 34.56
C GLY D 20 24.50 9.94 33.75
N TRP D 21 23.20 9.81 33.54
CA TRP D 21 22.43 10.81 32.82
C TRP D 21 21.90 11.81 33.82
N TYR D 22 21.17 11.32 34.82
CA TYR D 22 20.64 12.15 35.88
C TYR D 22 21.50 12.03 37.11
N GLY D 23 21.50 13.06 37.95
CA GLY D 23 22.27 13.01 39.17
C GLY D 23 22.17 14.20 40.10
N PHE D 24 23.09 14.22 41.08
CA PHE D 24 23.08 15.20 42.14
C PHE D 24 24.38 15.96 42.16
N ARG D 25 24.29 17.22 42.58
CA ARG D 25 25.44 17.98 43.05
C ARG D 25 25.03 18.50 44.41
N TYR D 26 26.00 18.61 45.32
CA TYR D 26 25.68 19.15 46.63
C TYR D 26 26.81 20.00 47.20
N GLN D 27 26.48 20.69 48.29
CA GLN D 27 27.44 21.43 49.08
C GLN D 27 27.01 21.33 50.54
N ASN D 28 27.95 20.97 51.41
CA ASN D 28 27.63 20.72 52.81
C ASN D 28 28.83 20.96 53.73
N SER D 29 28.74 20.49 54.99
CA SER D 29 29.82 20.63 55.95
C SER D 29 31.14 19.91 55.58
N GLU D 30 31.24 19.39 54.35
CA GLU D 30 32.49 18.80 53.86
C GLU D 30 32.88 19.32 52.46
N GLY D 31 32.31 20.46 52.06
CA GLY D 31 32.56 21.02 50.73
C GLY D 31 31.55 20.53 49.70
N THR D 32 31.86 20.75 48.43
CA THR D 32 30.97 20.35 47.34
C THR D 32 31.23 18.90 46.90
N GLY D 33 30.29 18.34 46.16
CA GLY D 33 30.40 16.95 45.70
C GLY D 33 29.39 16.62 44.63
N GLN D 34 29.73 15.64 43.81
CA GLN D 34 28.86 15.22 42.72
C GLN D 34 28.64 13.71 42.77
N ALA D 35 27.44 13.28 42.38
CA ALA D 35 27.11 11.86 42.27
C ALA D 35 26.09 11.65 41.17
N ALA D 36 26.05 10.43 40.62
CA ALA D 36 25.03 10.05 39.63
C ALA D 36 23.96 9.18 40.28
N ASP D 37 22.76 9.16 39.68
CA ASP D 37 21.68 8.25 40.10
C ASP D 37 21.49 7.17 39.04
N LEU D 38 21.84 5.94 39.38
CA LEU D 38 21.80 4.83 38.43
C LEU D 38 20.39 4.28 38.20
N LYS D 39 19.54 4.31 39.23
CA LYS D 39 18.15 3.85 39.10
C LYS D 39 17.41 4.60 37.98
N SER D 40 17.54 5.92 37.94
CA SER D 40 16.89 6.76 36.89
C SER D 40 17.57 6.70 35.53
N THR D 41 18.90 6.60 35.54
CA THR D 41 19.69 6.53 34.30
C THR D 41 19.39 5.23 33.57
N GLN D 42 19.37 4.12 34.32
CA GLN D 42 19.01 2.83 33.76
C GLN D 42 17.55 2.81 33.31
N ALA D 43 16.67 3.47 34.07
CA ALA D 43 15.25 3.54 33.73
C ALA D 43 14.99 4.15 32.34
N ALA D 44 15.76 5.16 31.96
CA ALA D 44 15.60 5.83 30.66
C ALA D 44 16.23 5.04 29.53
N ILE D 45 17.40 4.47 29.78
CA ILE D 45 18.17 3.74 28.77
C ILE D 45 17.47 2.44 28.41
N ASP D 46 16.81 1.81 29.37
CA ASP D 46 16.06 0.59 29.10
C ASP D 46 14.87 0.82 28.17
N GLN D 47 14.35 2.05 28.16
CA GLN D 47 13.27 2.43 27.26
C GLN D 47 13.78 2.82 25.87
N ILE D 48 14.94 3.44 25.82
CA ILE D 48 15.53 3.88 24.55
C ILE D 48 16.20 2.72 23.79
N ASN D 49 16.72 1.74 24.53
CA ASN D 49 17.27 0.53 23.91
C ASN D 49 16.20 -0.23 23.15
N GLY D 50 16.52 -0.61 21.91
CA GLY D 50 15.62 -1.40 21.09
C GLY D 50 14.26 -0.74 20.93
N LYS D 51 14.23 0.58 21.06
CA LYS D 51 13.01 1.35 20.96
C LYS D 51 12.30 1.04 19.66
N LEU D 52 13.11 0.86 18.61
CA LEU D 52 12.65 0.72 17.25
C LEU D 52 12.22 -0.73 16.96
N ASN D 53 12.87 -1.68 17.62
CA ASN D 53 12.54 -3.10 17.44
C ASN D 53 11.19 -3.51 18.01
N ARG D 54 10.61 -2.67 18.86
CA ARG D 54 9.28 -2.93 19.42
C ARG D 54 8.17 -2.57 18.44
N VAL D 55 8.53 -1.92 17.34
CA VAL D 55 7.55 -1.48 16.36
C VAL D 55 7.81 -2.08 14.98
N ILE D 56 9.04 -1.91 14.48
CA ILE D 56 9.40 -2.44 13.17
C ILE D 56 10.14 -3.78 13.30
N GLU D 57 9.76 -4.72 12.44
CA GLU D 57 10.09 -6.13 12.61
C GLU D 57 11.47 -6.53 12.09
N ARG D 58 11.98 -7.66 12.58
CA ARG D 58 13.22 -8.26 12.10
C ARG D 58 13.15 -8.41 10.59
N THR D 59 13.97 -7.63 9.88
CA THR D 59 13.96 -7.58 8.41
C THR D 59 13.87 -8.96 7.75
N ASN D 60 12.94 -9.07 6.82
CA ASN D 60 12.59 -10.34 6.22
C ASN D 60 13.22 -10.46 4.84
N GLU D 61 13.64 -11.69 4.52
CA GLU D 61 14.39 -11.98 3.31
C GLU D 61 13.47 -11.97 2.08
N LYS D 62 13.60 -10.95 1.24
CA LYS D 62 12.81 -10.83 0.02
C LYS D 62 13.61 -11.29 -1.20
N PHE D 63 12.99 -12.10 -2.08
CA PHE D 63 13.68 -12.69 -3.23
C PHE D 63 13.29 -12.09 -4.59
N HIS D 64 12.61 -12.86 -5.45
CA HIS D 64 12.24 -12.40 -6.79
C HIS D 64 11.00 -11.53 -6.69
N GLN D 65 11.02 -10.40 -7.39
CA GLN D 65 9.95 -9.41 -7.31
C GLN D 65 9.61 -8.94 -8.72
N ILE D 66 8.64 -8.04 -8.81
CA ILE D 66 8.37 -7.38 -10.09
C ILE D 66 9.56 -6.59 -10.58
N GLU D 67 9.52 -6.23 -11.86
CA GLU D 67 10.52 -5.36 -12.47
C GLU D 67 10.13 -3.93 -12.14
N LYS D 68 11.11 -3.08 -11.87
CA LYS D 68 10.83 -1.69 -11.50
C LYS D 68 11.56 -0.67 -12.36
N GLU D 69 12.21 -1.13 -13.42
CA GLU D 69 12.81 -0.23 -14.39
C GLU D 69 12.68 -0.84 -15.77
N PHE D 70 12.18 -0.05 -16.70
CA PHE D 70 11.90 -0.53 -18.03
C PHE D 70 12.69 0.25 -19.04
N SER D 71 13.03 -0.40 -20.14
CA SER D 71 13.78 0.22 -21.21
C SER D 71 12.92 0.31 -22.48
N GLU D 72 11.63 0.04 -22.36
CA GLU D 72 10.77 -0.09 -23.53
C GLU D 72 9.38 0.44 -23.20
N VAL D 73 8.91 1.44 -23.96
CA VAL D 73 7.56 1.98 -23.76
C VAL D 73 6.52 0.96 -24.21
N GLU D 74 5.59 0.58 -23.32
CA GLU D 74 4.65 -0.52 -23.61
C GLU D 74 3.28 -0.47 -22.94
N GLY D 75 2.79 0.71 -22.58
CA GLY D 75 1.41 0.85 -22.10
C GLY D 75 1.08 0.23 -20.74
N ARG D 76 -0.16 -0.29 -20.63
CA ARG D 76 -0.85 -0.41 -19.33
C ARG D 76 -0.24 -1.32 -18.23
N ILE D 77 0.46 -2.39 -18.62
CA ILE D 77 1.07 -3.28 -17.65
C ILE D 77 2.26 -2.62 -17.00
N GLN D 78 3.12 -2.07 -17.83
CA GLN D 78 4.23 -1.28 -17.33
C GLN D 78 3.70 -0.18 -16.44
N ASP D 79 2.70 0.54 -16.92
CA ASP D 79 2.13 1.65 -16.16
C ASP D 79 1.60 1.20 -14.80
N LEU D 80 1.12 -0.04 -14.72
CA LEU D 80 0.67 -0.62 -13.45
C LEU D 80 1.83 -1.08 -12.55
N GLU D 81 2.81 -1.73 -13.14
CA GLU D 81 4.01 -2.09 -12.40
C GLU D 81 4.64 -0.85 -11.77
N LYS D 82 4.50 0.31 -12.41
CA LYS D 82 5.00 1.58 -11.88
C LYS D 82 4.14 2.10 -10.75
N TYR D 83 2.83 2.04 -10.93
CA TYR D 83 1.91 2.53 -9.92
C TYR D 83 1.96 1.69 -8.65
N VAL D 84 2.19 0.39 -8.79
CA VAL D 84 2.26 -0.51 -7.64
C VAL D 84 3.47 -0.17 -6.77
N GLU D 85 4.62 0.04 -7.39
CA GLU D 85 5.81 0.39 -6.64
C GLU D 85 5.71 1.80 -6.12
N ASP D 86 5.18 2.72 -6.91
CA ASP D 86 5.11 4.13 -6.52
C ASP D 86 4.17 4.36 -5.34
N THR D 87 3.13 3.54 -5.27
CA THR D 87 2.21 3.56 -4.16
C THR D 87 2.89 3.04 -2.90
N LYS D 88 3.64 1.96 -3.06
CA LYS D 88 4.38 1.33 -1.96
C LYS D 88 5.37 2.29 -1.33
N ILE D 89 6.20 2.90 -2.17
CA ILE D 89 7.28 3.74 -1.70
C ILE D 89 6.76 4.96 -0.95
N ASP D 90 5.62 5.50 -1.38
CA ASP D 90 5.04 6.65 -0.72
C ASP D 90 4.47 6.24 0.64
N LEU D 91 3.86 5.08 0.70
CA LEU D 91 3.28 4.59 1.94
C LEU D 91 4.34 4.31 2.99
N TRP D 92 5.52 3.86 2.55
CA TRP D 92 6.61 3.56 3.47
C TRP D 92 7.29 4.84 3.93
N SER D 93 7.57 5.73 2.97
CA SER D 93 8.12 7.04 3.29
C SER D 93 7.29 7.74 4.35
N TYR D 94 5.97 7.66 4.24
CA TYR D 94 5.11 8.29 5.23
C TYR D 94 5.30 7.61 6.57
N ASN D 95 5.29 6.29 6.58
CA ASN D 95 5.44 5.54 7.82
C ASN D 95 6.72 5.90 8.55
N ALA D 96 7.80 6.01 7.79
CA ALA D 96 9.09 6.34 8.35
C ALA D 96 9.07 7.74 8.95
N GLU D 97 8.59 8.71 8.18
CA GLU D 97 8.50 10.10 8.66
C GLU D 97 7.63 10.18 9.91
N LEU D 98 6.54 9.42 9.94
CA LEU D 98 5.64 9.43 11.09
C LEU D 98 6.30 8.76 12.28
N LEU D 99 6.88 7.59 12.07
CA LEU D 99 7.45 6.83 13.17
C LEU D 99 8.54 7.63 13.88
N VAL D 100 9.48 8.14 13.10
CA VAL D 100 10.58 8.94 13.66
C VAL D 100 10.05 10.10 14.48
N ALA D 101 9.02 10.77 14.00
CA ALA D 101 8.52 11.94 14.69
C ALA D 101 7.99 11.55 16.05
N LEU D 102 7.02 10.64 16.09
CA LEU D 102 6.38 10.29 17.35
C LEU D 102 7.28 9.44 18.25
N GLU D 103 8.17 8.65 17.67
CA GLU D 103 9.16 7.91 18.47
C GLU D 103 10.20 8.84 19.11
N ASN D 104 10.53 9.94 18.43
CA ASN D 104 11.35 10.99 19.04
C ASN D 104 10.57 11.79 20.06
N GLN D 105 9.31 12.08 19.78
CA GLN D 105 8.47 12.80 20.74
C GLN D 105 8.40 12.00 22.03
N HIS D 106 8.38 10.69 21.90
CA HIS D 106 8.31 9.82 23.06
C HIS D 106 9.59 9.85 23.86
N THR D 107 10.73 9.72 23.19
CA THR D 107 12.04 9.74 23.85
C THR D 107 12.30 11.01 24.65
N ILE D 108 11.87 12.15 24.11
CA ILE D 108 12.11 13.44 24.75
C ILE D 108 11.38 13.53 26.07
N ASP D 109 10.09 13.25 26.03
CA ASP D 109 9.23 13.41 27.21
C ASP D 109 9.33 12.23 28.16
N LEU D 110 9.90 11.12 27.70
CA LEU D 110 10.18 9.99 28.57
C LEU D 110 11.37 10.35 29.47
N THR D 111 12.41 10.94 28.90
CA THR D 111 13.56 11.39 29.68
C THR D 111 13.24 12.57 30.61
N ASP D 112 12.34 13.45 30.17
CA ASP D 112 11.86 14.56 30.99
C ASP D 112 11.14 14.01 32.23
N ALA D 113 10.38 12.93 32.04
CA ALA D 113 9.66 12.29 33.13
C ALA D 113 10.60 11.83 34.23
N GLU D 114 11.65 11.11 33.85
CA GLU D 114 12.60 10.58 34.82
C GLU D 114 13.17 11.68 35.68
N MET D 115 13.45 12.82 35.05
CA MET D 115 13.98 14.00 35.75
C MET D 115 12.97 14.53 36.77
N ASN D 116 11.71 14.61 36.37
CA ASN D 116 10.65 15.09 37.25
C ASN D 116 10.37 14.08 38.36
N LYS D 117 10.39 12.80 38.01
CA LYS D 117 10.17 11.72 38.96
C LYS D 117 11.29 11.68 40.00
N LEU D 118 12.53 11.86 39.57
CA LEU D 118 13.67 11.91 40.49
C LEU D 118 13.55 13.09 41.46
N PHE D 119 12.99 14.18 40.97
CA PHE D 119 12.80 15.38 41.77
C PHE D 119 11.73 15.18 42.84
N GLU D 120 10.56 14.74 42.41
CA GLU D 120 9.47 14.53 43.35
C GLU D 120 9.80 13.43 44.36
N LYS D 121 10.59 12.44 43.94
CA LYS D 121 11.00 11.36 44.84
C LYS D 121 11.81 11.89 46.00
N THR D 122 12.76 12.78 45.73
CA THR D 122 13.59 13.33 46.81
C THR D 122 12.81 14.39 47.58
N ARG D 123 11.96 15.17 46.91
CA ARG D 123 11.11 16.15 47.59
C ARG D 123 10.18 15.48 48.63
N ARG D 124 9.71 14.29 48.32
CA ARG D 124 8.86 13.51 49.22
C ARG D 124 9.61 12.87 50.38
N GLN D 125 10.93 12.84 50.29
CA GLN D 125 11.75 12.38 51.41
C GLN D 125 12.02 13.50 52.40
N LEU D 126 12.48 14.64 51.89
CA LEU D 126 12.77 15.80 52.73
C LEU D 126 11.52 16.31 53.48
N ARG D 127 10.36 16.19 52.85
CA ARG D 127 9.09 16.66 53.41
C ARG D 127 9.18 18.12 53.86
N GLU D 128 9.20 18.38 55.16
CA GLU D 128 9.21 19.78 55.65
C GLU D 128 10.58 20.17 56.23
N ASN D 129 11.59 19.33 55.99
CA ASN D 129 12.95 19.64 56.40
C ASN D 129 13.72 20.36 55.29
N ALA D 130 13.03 20.72 54.22
CA ALA D 130 13.69 21.37 53.09
C ALA D 130 12.73 22.32 52.38
N GLU D 131 13.25 22.96 51.34
CA GLU D 131 12.55 24.03 50.65
C GLU D 131 12.92 24.02 49.16
N ASP D 132 11.94 23.79 48.29
CA ASP D 132 12.15 23.93 46.84
C ASP D 132 12.45 25.38 46.51
N MET D 133 13.64 25.63 45.96
CA MET D 133 14.06 26.99 45.63
C MET D 133 13.60 27.48 44.26
N GLY D 134 12.96 26.59 43.49
CA GLY D 134 12.48 26.90 42.13
C GLY D 134 13.55 26.63 41.10
N ASP D 135 14.68 26.14 41.58
CA ASP D 135 15.92 26.07 40.83
C ASP D 135 16.20 24.62 40.46
N GLY D 136 15.23 23.74 40.71
CA GLY D 136 15.50 22.30 40.70
C GLY D 136 16.52 21.99 41.78
N CYS D 137 16.28 22.54 42.96
CA CYS D 137 17.32 22.63 43.98
C CYS D 137 16.66 22.87 45.35
N PHE D 138 17.29 22.37 46.39
CA PHE D 138 16.72 22.45 47.74
C PHE D 138 17.61 23.19 48.74
N LYS D 139 16.96 23.86 49.71
CA LYS D 139 17.62 24.38 50.89
C LYS D 139 17.19 23.51 52.05
N ILE D 140 18.03 22.55 52.41
CA ILE D 140 17.77 21.66 53.54
C ILE D 140 18.11 22.41 54.82
N TYR D 141 17.16 22.49 55.74
CA TYR D 141 17.35 23.27 56.97
C TYR D 141 17.97 22.45 58.09
N HIS D 142 19.06 21.74 57.81
CA HIS D 142 19.85 21.07 58.84
C HIS D 142 21.18 20.61 58.28
N LYS D 143 22.18 20.47 59.14
CA LYS D 143 23.50 20.07 58.68
C LYS D 143 23.50 18.62 58.17
N CYS D 144 23.75 18.46 56.89
CA CYS D 144 23.66 17.14 56.24
C CYS D 144 24.98 16.81 55.54
N ASP D 145 25.81 16.05 56.26
CA ASP D 145 27.13 15.62 55.78
C ASP D 145 27.04 14.54 54.69
N ASN D 146 28.19 14.17 54.13
CA ASN D 146 28.24 13.26 52.99
C ASN D 146 27.57 11.91 53.24
N ALA D 147 27.64 11.41 54.47
CA ALA D 147 26.90 10.21 54.83
C ALA D 147 25.39 10.49 54.85
N CYS D 148 25.01 11.67 55.34
CA CYS D 148 23.61 12.12 55.37
C CYS D 148 23.05 12.39 53.98
N ILE D 149 23.89 12.91 53.09
CA ILE D 149 23.50 13.12 51.69
C ILE D 149 23.28 11.79 50.98
N GLU D 150 24.12 10.81 51.25
CA GLU D 150 23.91 9.47 50.70
C GLU D 150 22.55 8.92 51.12
N SER D 151 22.14 9.22 52.36
CA SER D 151 20.84 8.79 52.87
C SER D 151 19.66 9.25 52.01
N ILE D 152 19.83 10.38 51.34
CA ILE D 152 18.82 10.91 50.43
C ILE D 152 18.83 10.17 49.09
N ARG D 153 20.03 9.95 48.56
CA ARG D 153 20.20 9.30 47.26
C ARG D 153 19.72 7.85 47.28
N THR D 154 20.15 7.11 48.31
CA THR D 154 19.77 5.71 48.48
C THR D 154 18.33 5.53 48.98
N GLY D 155 17.71 6.61 49.45
CA GLY D 155 16.28 6.62 49.76
C GLY D 155 15.91 6.18 51.16
N THR D 156 16.89 6.06 52.05
CA THR D 156 16.63 5.64 53.44
C THR D 156 16.63 6.81 54.41
N TYR D 157 16.37 8.02 53.92
CA TYR D 157 16.46 9.24 54.72
C TYR D 157 15.30 9.37 55.71
N ASP D 158 15.62 9.16 56.98
CA ASP D 158 14.65 9.28 58.07
C ASP D 158 14.51 10.75 58.48
N HIS D 159 13.42 11.38 58.04
CA HIS D 159 13.21 12.81 58.25
C HIS D 159 12.89 13.16 59.71
N TYR D 160 12.29 12.22 60.45
CA TYR D 160 11.93 12.46 61.85
C TYR D 160 13.16 12.71 62.72
N ILE D 161 14.29 12.14 62.33
CA ILE D 161 15.57 12.35 63.01
C ILE D 161 15.91 13.84 63.07
N TYR D 162 15.88 14.51 61.92
CA TYR D 162 16.31 15.91 61.80
C TYR D 162 15.16 16.92 61.93
N ARG D 163 13.98 16.47 62.32
CA ARG D 163 12.79 17.34 62.28
C ARG D 163 12.85 18.50 63.25
N ASP D 164 13.34 18.26 64.46
CA ASP D 164 13.46 19.34 65.45
C ASP D 164 14.50 20.37 65.01
N GLU D 165 15.67 19.90 64.59
CA GLU D 165 16.71 20.80 64.06
C GLU D 165 16.18 21.59 62.88
N ALA D 166 15.34 20.96 62.06
CA ALA D 166 14.78 21.59 60.86
C ALA D 166 13.91 22.80 61.15
N LEU D 167 13.24 22.80 62.30
CA LEU D 167 12.29 23.87 62.62
C LEU D 167 12.97 25.04 63.31
N ASN D 168 13.95 24.75 64.15
CA ASN D 168 14.77 25.81 64.74
C ASN D 168 15.38 26.67 63.65
N ASN D 169 16.02 26.02 62.68
CA ASN D 169 16.69 26.73 61.59
C ASN D 169 15.71 27.46 60.66
N ARG D 170 14.50 26.91 60.53
CA ARG D 170 13.49 27.50 59.64
C ARG D 170 12.89 28.75 60.24
N PHE D 171 12.32 28.62 61.43
CA PHE D 171 11.66 29.73 62.09
C PHE D 171 12.66 30.44 62.99
N GLN D 172 13.11 31.60 62.55
CA GLN D 172 13.79 32.55 63.42
C GLN D 172 13.23 33.94 63.13
N SER D 173 12.01 33.99 62.59
CA SER D 173 11.48 35.19 61.93
C SER D 173 10.00 35.49 62.22
N GLY D 174 9.72 36.77 62.44
CA GLY D 174 8.37 37.30 62.57
C GLY D 174 8.23 38.62 61.82
N ARG D 175 8.98 39.63 62.25
CA ARG D 175 9.00 40.95 61.60
C ARG D 175 10.11 41.82 62.16
N ASN E 7 -6.67 45.57 52.38
CA ASN E 7 -6.27 44.18 52.77
C ASN E 7 -4.79 44.07 53.07
N ASN E 8 -4.38 42.88 53.51
CA ASN E 8 -2.96 42.52 53.63
C ASN E 8 -2.70 41.19 52.94
N THR E 9 -3.44 40.93 51.86
CA THR E 9 -3.47 39.60 51.25
C THR E 9 -4.07 39.65 49.86
N ALA E 10 -3.22 39.61 48.84
CA ALA E 10 -3.69 39.54 47.46
C ALA E 10 -4.07 38.10 47.11
N THR E 11 -4.91 37.93 46.09
CA THR E 11 -5.31 36.60 45.61
C THR E 11 -5.10 36.48 44.11
N LEU E 12 -3.96 35.94 43.73
CA LEU E 12 -3.58 35.82 42.32
C LEU E 12 -4.16 34.54 41.72
N CYS E 13 -4.83 34.66 40.57
CA CYS E 13 -5.45 33.50 39.96
C CYS E 13 -4.97 33.20 38.56
N LEU E 14 -4.86 31.91 38.24
CA LEU E 14 -4.48 31.46 36.90
C LEU E 14 -5.66 30.87 36.16
N GLY E 15 -5.57 30.89 34.84
CA GLY E 15 -6.64 30.40 33.98
C GLY E 15 -6.23 30.43 32.53
N HIS E 16 -7.15 29.99 31.67
CA HIS E 16 -6.90 29.88 30.24
C HIS E 16 -8.13 30.40 29.53
N HIS E 17 -8.08 30.51 28.20
CA HIS E 17 -9.17 31.15 27.47
C HIS E 17 -10.22 30.18 26.96
N ALA E 18 -11.34 30.76 26.55
CA ALA E 18 -12.48 30.01 26.01
C ALA E 18 -13.11 30.82 24.89
N VAL E 19 -14.04 30.23 24.16
CA VAL E 19 -14.70 30.91 23.04
C VAL E 19 -16.22 30.80 23.07
N ALA E 20 -16.87 31.62 22.26
CA ALA E 20 -18.34 31.60 22.12
C ALA E 20 -18.80 30.21 21.71
N ASN E 21 -18.26 29.70 20.61
CA ASN E 21 -18.60 28.37 20.13
C ASN E 21 -17.36 27.66 19.63
N GLY E 22 -17.03 26.55 20.28
CA GLY E 22 -15.91 25.71 19.87
C GLY E 22 -16.41 24.60 18.98
N THR E 23 -15.53 23.64 18.71
CA THR E 23 -15.82 22.57 17.74
C THR E 23 -15.47 21.21 18.32
N LEU E 24 -16.27 20.20 17.97
CA LEU E 24 -16.00 18.85 18.42
C LEU E 24 -14.88 18.26 17.55
N VAL E 25 -13.95 17.56 18.20
CA VAL E 25 -12.90 16.82 17.50
C VAL E 25 -12.78 15.45 18.15
N LYS E 26 -11.93 14.60 17.60
CA LYS E 26 -11.78 13.22 18.06
C LYS E 26 -10.33 12.95 18.44
N THR E 27 -10.13 12.50 19.68
CA THR E 27 -8.81 12.14 20.15
C THR E 27 -8.75 10.64 20.31
N MET E 28 -7.65 10.15 20.88
CA MET E 28 -7.54 8.75 21.22
C MET E 28 -8.38 8.46 22.46
N SER E 29 -8.50 9.46 23.34
CA SER E 29 -9.27 9.29 24.56
C SER E 29 -10.77 9.40 24.32
N ASP E 30 -11.20 10.27 23.43
CA ASP E 30 -12.63 10.51 23.23
C ASP E 30 -13.09 10.48 21.77
N ASP E 31 -14.37 10.17 21.58
CA ASP E 31 -15.01 10.20 20.26
C ASP E 31 -15.26 11.66 19.87
N GLN E 32 -15.86 12.39 20.81
CA GLN E 32 -16.18 13.79 20.64
C GLN E 32 -15.67 14.56 21.85
N ILE E 33 -15.24 15.80 21.61
CA ILE E 33 -14.68 16.65 22.66
C ILE E 33 -14.55 18.07 22.10
N GLU E 34 -14.96 19.07 22.86
CA GLU E 34 -14.94 20.46 22.40
C GLU E 34 -13.54 21.08 22.53
N VAL E 35 -13.12 21.81 21.50
CA VAL E 35 -11.86 22.57 21.50
C VAL E 35 -12.08 23.93 20.86
N THR E 36 -11.18 24.86 21.13
CA THR E 36 -11.41 26.28 20.81
C THR E 36 -11.39 26.61 19.32
N ASN E 37 -10.76 25.76 18.52
CA ASN E 37 -10.67 26.00 17.08
C ASN E 37 -10.09 24.77 16.37
N ALA E 38 -10.78 24.32 15.33
CA ALA E 38 -10.34 23.20 14.52
C ALA E 38 -10.10 23.63 13.07
N THR E 39 -9.78 22.67 12.22
CA THR E 39 -9.44 22.94 10.83
C THR E 39 -9.85 21.72 10.00
N GLU E 40 -10.49 21.95 8.85
CA GLU E 40 -10.95 20.85 8.02
C GLU E 40 -9.77 20.38 7.19
N LEU E 41 -9.50 19.08 7.26
CA LEU E 41 -8.29 18.49 6.70
C LEU E 41 -8.57 17.76 5.39
N VAL E 42 -9.83 17.80 4.95
CA VAL E 42 -10.28 17.06 3.78
C VAL E 42 -11.14 17.93 2.87
N GLN E 43 -10.71 18.06 1.61
CA GLN E 43 -11.47 18.81 0.62
C GLN E 43 -12.69 18.00 0.17
N SER E 44 -13.88 18.55 0.41
CA SER E 44 -15.11 17.94 -0.05
C SER E 44 -15.61 18.57 -1.35
N ILE E 45 -15.37 19.88 -1.47
CA ILE E 45 -15.95 20.69 -2.55
C ILE E 45 -14.97 20.85 -3.70
N SER E 46 -15.49 20.80 -4.92
CA SER E 46 -14.71 21.07 -6.13
C SER E 46 -15.09 22.46 -6.64
N MET E 47 -14.27 23.03 -7.51
CA MET E 47 -14.51 24.38 -8.02
C MET E 47 -15.70 24.45 -8.98
N GLY E 48 -16.11 23.30 -9.51
CA GLY E 48 -17.25 23.24 -10.43
C GLY E 48 -16.83 23.15 -11.89
N LYS E 49 -15.58 23.48 -12.17
CA LYS E 49 -15.09 23.45 -13.52
C LYS E 49 -13.59 23.25 -13.55
N ILE E 50 -13.07 22.89 -14.72
CA ILE E 50 -11.66 22.61 -14.91
C ILE E 50 -10.94 23.90 -15.28
N CYS E 51 -9.87 24.22 -14.56
CA CYS E 51 -9.21 25.51 -14.69
C CYS E 51 -7.97 25.47 -15.58
N ASN E 52 -7.97 26.34 -16.58
CA ASN E 52 -6.97 26.29 -17.65
C ASN E 52 -5.56 26.78 -17.30
N LYS E 53 -5.36 27.23 -16.07
CA LYS E 53 -4.05 27.73 -15.68
C LYS E 53 -3.32 26.81 -14.70
N SER E 54 -2.02 27.06 -14.64
CA SER E 54 -0.99 26.12 -14.21
C SER E 54 -0.75 25.12 -15.31
N TYR E 55 -1.77 24.35 -15.67
CA TYR E 55 -1.60 23.28 -16.63
C TYR E 55 -2.23 23.56 -17.99
N ARG E 56 -1.51 23.17 -19.03
CA ARG E 56 -1.98 23.27 -20.41
C ARG E 56 -2.99 22.16 -20.68
N ILE E 57 -4.27 22.52 -20.77
CA ILE E 57 -5.30 21.54 -21.01
C ILE E 57 -5.90 21.70 -22.39
N LEU E 58 -6.24 20.58 -23.02
CA LEU E 58 -6.79 20.57 -24.36
C LEU E 58 -8.17 19.94 -24.31
N ASP E 59 -9.19 20.70 -24.69
CA ASP E 59 -10.58 20.21 -24.70
C ASP E 59 -10.82 19.32 -25.93
N GLY E 60 -10.98 18.02 -25.71
CA GLY E 60 -11.18 17.06 -26.79
C GLY E 60 -12.52 17.13 -27.50
N ARG E 61 -13.52 17.73 -26.84
CA ARG E 61 -14.82 18.02 -27.45
C ARG E 61 -15.51 16.79 -28.06
N ASN E 62 -15.54 16.71 -29.38
CA ASN E 62 -16.13 15.57 -30.07
C ASN E 62 -15.11 14.47 -30.34
N CYS E 63 -13.83 14.80 -30.18
CA CYS E 63 -12.78 13.86 -30.51
C CYS E 63 -12.22 13.14 -29.30
N THR E 64 -11.92 11.87 -29.51
CA THR E 64 -11.16 11.09 -28.55
C THR E 64 -9.70 11.31 -28.90
N LEU E 65 -8.81 10.88 -28.02
CA LEU E 65 -7.39 11.08 -28.23
C LEU E 65 -6.84 10.29 -29.42
N ILE E 66 -7.22 9.03 -29.54
CA ILE E 66 -6.73 8.17 -30.63
C ILE E 66 -7.22 8.65 -32.00
N ASP E 67 -8.45 9.13 -32.05
CA ASP E 67 -8.98 9.74 -33.25
C ASP E 67 -8.17 10.98 -33.62
N ALA E 68 -7.85 11.80 -32.64
CA ALA E 68 -7.10 13.03 -32.88
C ALA E 68 -5.71 12.75 -33.43
N MET E 69 -5.15 11.58 -33.12
CA MET E 69 -3.84 11.18 -33.65
C MET E 69 -3.90 10.33 -34.93
N LEU E 70 -4.96 9.56 -35.15
CA LEU E 70 -5.09 8.81 -36.39
C LEU E 70 -5.36 9.74 -37.57
N GLY E 71 -5.95 10.89 -37.30
CA GLY E 71 -6.22 11.87 -38.33
C GLY E 71 -7.66 11.81 -38.80
N ASP E 72 -8.57 11.73 -37.86
CA ASP E 72 -9.99 11.69 -38.14
C ASP E 72 -10.41 13.08 -38.65
N PRO E 73 -11.10 13.14 -39.81
CA PRO E 73 -11.54 14.41 -40.44
C PRO E 73 -12.32 15.41 -39.60
N HIS E 74 -12.95 14.98 -38.51
CA HIS E 74 -13.54 15.92 -37.56
C HIS E 74 -12.56 16.31 -36.43
N CYS E 75 -11.35 15.73 -36.46
CA CYS E 75 -10.27 16.07 -35.52
C CYS E 75 -9.10 16.81 -36.15
N ASP E 76 -9.36 17.66 -37.14
CA ASP E 76 -8.29 18.38 -37.83
C ASP E 76 -7.77 19.54 -36.99
N ALA E 77 -8.57 20.02 -36.05
CA ALA E 77 -8.15 21.11 -35.18
C ALA E 77 -6.99 20.69 -34.28
N PHE E 78 -6.96 19.39 -33.93
CA PHE E 78 -5.96 18.87 -33.01
C PHE E 78 -4.67 18.45 -33.71
N GLN E 79 -4.71 18.40 -35.03
CA GLN E 79 -3.55 18.12 -35.88
C GLN E 79 -2.19 18.54 -35.30
N TYR E 80 -2.07 19.80 -34.87
CA TYR E 80 -0.78 20.37 -34.48
C TYR E 80 -0.65 20.62 -32.98
N GLU E 81 -1.41 19.90 -32.16
CA GLU E 81 -1.53 20.25 -30.75
C GLU E 81 -0.77 19.32 -29.80
N SER E 82 -0.49 19.85 -28.62
CA SER E 82 0.11 19.12 -27.51
C SER E 82 -0.53 19.62 -26.21
N TRP E 83 -0.36 18.85 -25.15
CA TRP E 83 -1.09 19.13 -23.91
C TRP E 83 -0.33 18.64 -22.67
N ASP E 84 -0.78 19.12 -21.51
CA ASP E 84 -0.40 18.54 -20.23
C ASP E 84 -1.46 17.54 -19.82
N LEU E 85 -2.73 17.88 -20.05
CA LEU E 85 -3.82 16.97 -19.76
C LEU E 85 -4.88 17.04 -20.85
N PHE E 86 -5.05 15.95 -21.59
CA PHE E 86 -6.11 15.84 -22.58
C PHE E 86 -7.41 15.43 -21.89
N ILE E 87 -8.50 16.10 -22.24
CA ILE E 87 -9.82 15.83 -21.67
C ILE E 87 -10.71 15.17 -22.72
N GLU E 88 -11.17 13.94 -22.44
CA GLU E 88 -12.12 13.23 -23.32
C GLU E 88 -13.56 13.38 -22.84
N ARG E 89 -14.37 14.13 -23.58
CA ARG E 89 -15.80 14.21 -23.26
C ARG E 89 -16.44 12.90 -23.67
N SER E 90 -17.47 12.47 -22.94
CA SER E 90 -18.05 11.15 -23.16
C SER E 90 -19.12 11.13 -24.25
N ASN E 91 -19.45 12.30 -24.80
CA ASN E 91 -20.27 12.37 -26.00
C ASN E 91 -19.39 12.32 -27.26
N ALA E 92 -18.08 12.19 -27.08
CA ALA E 92 -17.17 12.07 -28.21
C ALA E 92 -17.48 10.84 -29.04
N PHE E 93 -17.13 10.89 -30.32
CA PHE E 93 -17.31 9.77 -31.22
C PHE E 93 -16.19 9.72 -32.24
N SER E 94 -16.26 8.72 -33.12
CA SER E 94 -15.43 8.64 -34.31
C SER E 94 -16.34 8.78 -35.51
N ASN E 95 -15.85 9.41 -36.55
CA ASN E 95 -16.66 9.71 -37.72
C ASN E 95 -16.03 9.20 -39.00
N CYS E 96 -15.04 8.32 -38.84
CA CYS E 96 -14.19 7.87 -39.92
C CYS E 96 -14.47 6.42 -40.25
N TYR E 97 -13.53 5.75 -40.89
CA TYR E 97 -13.68 4.35 -41.29
C TYR E 97 -13.70 3.51 -40.03
N PRO E 98 -14.64 2.57 -39.93
CA PRO E 98 -14.76 1.77 -38.71
C PRO E 98 -13.52 0.92 -38.49
N TYR E 99 -12.93 1.03 -37.31
CA TYR E 99 -11.67 0.37 -37.02
C TYR E 99 -11.67 -0.17 -35.60
N ASP E 100 -10.73 -1.05 -35.31
CA ASP E 100 -10.42 -1.42 -33.93
C ASP E 100 -8.90 -1.46 -33.74
N ILE E 101 -8.48 -1.49 -32.49
CA ILE E 101 -7.07 -1.50 -32.14
C ILE E 101 -6.79 -2.59 -31.11
N PRO E 102 -6.15 -3.69 -31.53
CA PRO E 102 -5.65 -4.61 -30.55
C PRO E 102 -4.77 -3.87 -29.53
N ASP E 103 -5.20 -3.91 -28.27
CA ASP E 103 -4.53 -3.20 -27.18
C ASP E 103 -4.70 -1.68 -27.30
N TYR E 104 -5.95 -1.27 -27.46
CA TYR E 104 -6.32 0.14 -27.53
C TYR E 104 -5.90 0.90 -26.27
N ALA E 105 -6.17 0.30 -25.12
CA ALA E 105 -5.86 0.83 -23.82
C ALA E 105 -4.41 1.29 -23.69
N SER E 106 -3.49 0.48 -24.20
CA SER E 106 -2.07 0.81 -24.12
C SER E 106 -1.73 1.95 -25.06
N LEU E 107 -2.11 1.83 -26.32
CA LEU E 107 -1.81 2.88 -27.30
C LEU E 107 -2.31 4.23 -26.81
N ARG E 108 -3.49 4.25 -26.22
CA ARG E 108 -4.04 5.45 -25.62
C ARG E 108 -3.07 5.97 -24.57
N SER E 109 -2.74 5.13 -23.60
CA SER E 109 -1.84 5.53 -22.52
C SER E 109 -0.48 6.01 -23.03
N ILE E 110 0.02 5.37 -24.07
CA ILE E 110 1.30 5.74 -24.65
C ILE E 110 1.19 7.12 -25.29
N VAL E 111 0.17 7.32 -26.11
CA VAL E 111 -0.06 8.60 -26.77
C VAL E 111 -0.28 9.66 -25.70
N ALA E 112 -1.16 9.36 -24.74
CA ALA E 112 -1.45 10.30 -23.64
C ALA E 112 -0.18 10.79 -22.97
N SER E 113 0.65 9.84 -22.52
CA SER E 113 1.93 10.19 -21.90
C SER E 113 2.86 10.98 -22.80
N SER E 114 2.87 10.65 -24.10
CA SER E 114 3.70 11.37 -25.06
C SER E 114 3.39 12.87 -25.03
N GLY E 115 2.12 13.21 -24.84
CA GLY E 115 1.72 14.59 -24.71
C GLY E 115 1.66 15.36 -26.01
N THR E 116 1.58 14.65 -27.14
CA THR E 116 1.37 15.32 -28.42
C THR E 116 0.94 14.34 -29.51
N VAL E 117 0.20 14.87 -30.48
CA VAL E 117 -0.12 14.16 -31.73
C VAL E 117 0.60 14.81 -32.92
N GLU E 118 1.72 15.49 -32.64
CA GLU E 118 2.51 16.16 -33.66
C GLU E 118 3.21 15.15 -34.56
N PHE E 119 2.83 15.20 -35.84
CA PHE E 119 3.17 14.19 -36.82
C PHE E 119 4.31 14.70 -37.67
N THR E 120 5.11 13.78 -38.19
CA THR E 120 6.25 14.14 -39.04
C THR E 120 6.26 13.28 -40.31
N ALA E 121 6.02 13.90 -41.46
CA ALA E 121 5.93 13.17 -42.71
C ALA E 121 7.29 12.61 -43.10
N GLU E 122 7.29 11.36 -43.55
CA GLU E 122 8.50 10.75 -44.10
C GLU E 122 8.24 10.39 -45.54
N GLY E 123 9.29 10.43 -46.35
CA GLY E 123 9.19 10.09 -47.76
C GLY E 123 9.15 8.59 -48.03
N PHE E 124 7.98 7.99 -47.94
CA PHE E 124 7.80 6.59 -48.31
C PHE E 124 7.51 6.52 -49.80
N THR E 125 8.02 5.47 -50.45
CA THR E 125 7.73 5.17 -51.86
C THR E 125 6.98 3.86 -52.00
N TRP E 126 5.84 3.91 -52.68
CA TRP E 126 5.01 2.72 -52.82
C TRP E 126 4.86 2.41 -54.29
N THR E 127 5.97 2.05 -54.93
CA THR E 127 5.94 1.74 -56.35
C THR E 127 5.16 0.46 -56.60
N GLY E 128 4.31 0.52 -57.62
CA GLY E 128 3.46 -0.61 -57.98
C GLY E 128 2.00 -0.42 -57.64
N VAL E 129 1.71 0.42 -56.65
CA VAL E 129 0.37 0.49 -56.07
C VAL E 129 -0.18 1.91 -56.11
N THR E 130 -1.51 2.00 -56.07
CA THR E 130 -2.21 3.28 -56.12
C THR E 130 -2.47 3.76 -54.68
N GLN E 131 -2.27 5.05 -54.44
CA GLN E 131 -2.26 5.59 -53.07
C GLN E 131 -3.51 6.39 -52.70
N ASN E 132 -3.57 6.74 -51.41
CA ASN E 132 -4.57 7.64 -50.86
C ASN E 132 -6.00 7.15 -51.07
N GLY E 133 -6.24 5.88 -50.78
CA GLY E 133 -7.58 5.30 -50.82
C GLY E 133 -8.51 6.05 -49.87
N ARG E 134 -9.77 6.17 -50.29
CA ARG E 134 -10.76 6.97 -49.57
C ARG E 134 -12.05 6.16 -49.37
N SER E 135 -12.93 6.68 -48.52
CA SER E 135 -14.17 6.01 -48.18
C SER E 135 -15.29 6.95 -47.81
N GLY E 136 -16.51 6.50 -48.08
CA GLY E 136 -17.70 7.24 -47.70
C GLY E 136 -17.87 7.41 -46.21
N ALA E 137 -17.20 6.59 -45.41
CA ALA E 137 -17.23 6.71 -43.95
C ALA E 137 -16.59 8.01 -43.44
N CYS E 138 -15.29 8.19 -43.64
CA CYS E 138 -14.64 9.48 -43.36
C CYS E 138 -15.00 10.44 -44.47
N LYS E 139 -15.50 11.62 -44.09
CA LYS E 139 -15.81 12.65 -45.06
C LYS E 139 -15.21 13.97 -44.63
N ARG E 140 -14.20 14.43 -45.35
CA ARG E 140 -13.64 15.76 -45.13
C ARG E 140 -14.38 16.77 -45.99
N GLY E 141 -15.23 17.58 -45.34
CA GLY E 141 -16.18 18.43 -46.03
C GLY E 141 -17.34 17.58 -46.50
N SER E 142 -17.57 17.55 -47.80
CA SER E 142 -18.60 16.69 -48.38
C SER E 142 -17.99 15.48 -49.14
N ALA E 143 -16.69 15.52 -49.42
CA ALA E 143 -16.04 14.50 -50.27
C ALA E 143 -15.47 13.34 -49.46
N ASP E 144 -15.36 12.18 -50.10
CA ASP E 144 -14.85 10.95 -49.47
C ASP E 144 -13.37 11.08 -49.22
N SER E 145 -12.95 10.70 -48.02
CA SER E 145 -11.60 10.95 -47.52
C SER E 145 -11.12 9.75 -46.70
N PHE E 146 -10.17 10.00 -45.80
CA PHE E 146 -9.58 8.92 -45.01
C PHE E 146 -8.69 9.50 -43.92
N PHE E 147 -8.39 8.69 -42.91
CA PHE E 147 -7.49 9.10 -41.83
C PHE E 147 -6.28 9.86 -42.40
N SER E 148 -6.00 11.03 -41.84
CA SER E 148 -4.88 11.87 -42.27
C SER E 148 -3.53 11.20 -42.13
N ARG E 149 -3.31 10.47 -41.04
CA ARG E 149 -1.99 9.92 -40.76
C ARG E 149 -1.77 8.54 -41.37
N LEU E 150 -2.75 8.04 -42.11
CA LEU E 150 -2.64 6.75 -42.77
C LEU E 150 -2.83 6.87 -44.29
N ASN E 151 -2.23 5.93 -45.02
CA ASN E 151 -2.26 5.90 -46.48
C ASN E 151 -2.77 4.56 -46.94
N TRP E 152 -3.95 4.57 -47.54
CA TRP E 152 -4.58 3.33 -47.97
C TRP E 152 -4.11 2.95 -49.39
N LEU E 153 -3.33 1.87 -49.46
CA LEU E 153 -2.77 1.40 -50.71
C LEU E 153 -3.62 0.30 -51.32
N THR E 154 -4.16 0.55 -52.50
CA THR E 154 -4.77 -0.50 -53.33
C THR E 154 -3.95 -0.68 -54.61
N LYS E 155 -4.31 -1.67 -55.42
CA LYS E 155 -3.53 -1.99 -56.61
C LYS E 155 -3.60 -0.88 -57.64
N SER E 156 -2.61 -0.86 -58.53
CA SER E 156 -2.56 0.07 -59.65
C SER E 156 -2.55 -0.73 -60.95
N GLY E 157 -3.41 -0.32 -61.88
CA GLY E 157 -3.63 -1.05 -63.12
C GLY E 157 -4.33 -2.36 -62.82
N SER E 158 -3.55 -3.44 -62.83
CA SER E 158 -4.07 -4.79 -62.62
C SER E 158 -3.08 -5.71 -61.88
N SER E 159 -2.24 -5.14 -61.01
CA SER E 159 -1.40 -5.94 -60.10
C SER E 159 -0.92 -5.13 -58.89
N TYR E 160 -0.80 -5.84 -57.77
CA TYR E 160 -0.36 -5.29 -56.48
C TYR E 160 0.93 -6.02 -56.14
N PRO E 161 2.08 -5.48 -56.61
CA PRO E 161 3.33 -6.19 -56.42
C PRO E 161 3.80 -6.07 -54.97
N THR E 162 4.48 -7.10 -54.48
CA THR E 162 4.93 -7.12 -53.10
C THR E 162 5.70 -5.87 -52.81
N LEU E 163 5.34 -5.21 -51.72
CA LEU E 163 6.00 -4.01 -51.30
C LEU E 163 7.05 -4.43 -50.30
N ASN E 164 8.20 -3.79 -50.39
CA ASN E 164 9.31 -4.05 -49.51
C ASN E 164 10.04 -2.73 -49.34
N VAL E 165 9.72 -2.03 -48.26
CA VAL E 165 10.14 -0.65 -48.09
C VAL E 165 10.74 -0.48 -46.70
N THR E 166 11.95 0.08 -46.68
CA THR E 166 12.70 0.27 -45.46
C THR E 166 12.64 1.75 -45.04
N MET E 167 12.83 2.01 -43.75
CA MET E 167 12.89 3.39 -43.26
C MET E 167 13.81 3.50 -42.04
N PRO E 168 15.07 3.91 -42.27
CA PRO E 168 16.03 4.01 -41.17
C PRO E 168 15.70 5.10 -40.16
N ASN E 169 16.18 4.92 -38.93
CA ASN E 169 16.09 5.94 -37.88
C ASN E 169 17.48 6.41 -37.48
N ASN E 170 17.92 7.51 -38.10
CA ASN E 170 19.22 8.10 -37.82
C ASN E 170 19.15 9.17 -36.72
N LYS E 171 17.93 9.54 -36.32
CA LYS E 171 17.72 10.46 -35.21
C LYS E 171 18.15 9.75 -33.93
N ASN E 172 18.16 10.48 -32.84
CA ASN E 172 18.58 9.92 -31.56
C ASN E 172 17.40 9.55 -30.63
N PHE E 173 16.18 9.62 -31.14
CA PHE E 173 14.98 9.27 -30.35
C PHE E 173 14.24 8.08 -30.96
N ASP E 174 13.29 7.55 -30.20
CA ASP E 174 12.45 6.47 -30.65
C ASP E 174 11.30 7.04 -31.47
N LYS E 175 11.13 6.55 -32.70
CA LYS E 175 9.97 6.93 -33.52
C LYS E 175 8.85 5.94 -33.25
N LEU E 176 7.61 6.40 -33.39
CA LEU E 176 6.43 5.55 -33.22
C LEU E 176 5.62 5.57 -34.49
N TYR E 177 5.61 4.45 -35.21
CA TYR E 177 4.85 4.34 -36.45
C TYR E 177 3.51 3.70 -36.20
N ILE E 178 2.44 4.34 -36.66
CA ILE E 178 1.11 3.74 -36.68
C ILE E 178 0.82 3.28 -38.09
N TRP E 179 0.27 2.08 -38.20
CA TRP E 179 -0.09 1.50 -39.48
C TRP E 179 -1.24 0.54 -39.26
N GLY E 180 -1.76 -0.02 -40.34
CA GLY E 180 -2.84 -0.98 -40.21
C GLY E 180 -2.97 -1.93 -41.39
N ILE E 181 -3.82 -2.93 -41.19
CA ILE E 181 -4.19 -3.87 -42.23
C ILE E 181 -5.69 -3.77 -42.41
N HIS E 182 -6.15 -3.98 -43.64
CA HIS E 182 -7.55 -3.80 -43.98
C HIS E 182 -8.26 -5.12 -44.28
N HIS E 183 -9.33 -5.40 -43.53
CA HIS E 183 -10.14 -6.61 -43.72
C HIS E 183 -11.31 -6.30 -44.63
N PRO E 184 -11.29 -6.81 -45.88
CA PRO E 184 -12.43 -6.52 -46.72
C PRO E 184 -13.60 -7.42 -46.36
N SER E 185 -14.79 -7.07 -46.84
CA SER E 185 -15.98 -7.83 -46.52
C SER E 185 -15.99 -9.15 -47.28
N SER E 186 -16.02 -9.09 -48.62
CA SER E 186 -16.12 -10.31 -49.45
C SER E 186 -14.85 -10.62 -50.23
N ASN E 187 -14.80 -11.80 -50.83
CA ASN E 187 -13.67 -12.21 -51.65
C ASN E 187 -13.64 -11.52 -53.01
N GLN E 188 -14.81 -11.16 -53.52
CA GLN E 188 -14.92 -10.35 -54.73
C GLN E 188 -14.25 -9.00 -54.49
N GLU E 189 -14.32 -8.53 -53.25
CA GLU E 189 -13.70 -7.27 -52.82
C GLU E 189 -12.22 -7.42 -52.51
N GLN E 190 -11.83 -8.55 -51.93
CA GLN E 190 -10.42 -8.84 -51.62
C GLN E 190 -9.58 -8.80 -52.89
N THR E 191 -10.03 -9.48 -53.93
CA THR E 191 -9.29 -9.54 -55.19
C THR E 191 -9.32 -8.21 -55.95
N LYS E 192 -10.48 -7.55 -55.92
CA LYS E 192 -10.68 -6.28 -56.62
C LYS E 192 -9.71 -5.18 -56.20
N LEU E 193 -9.39 -5.13 -54.91
CA LEU E 193 -8.56 -4.08 -54.35
C LEU E 193 -7.08 -4.43 -54.44
N TYR E 194 -6.75 -5.67 -54.10
CA TYR E 194 -5.37 -6.14 -54.11
C TYR E 194 -5.39 -7.49 -54.79
N ILE E 195 -4.71 -7.62 -55.91
CA ILE E 195 -4.88 -8.81 -56.78
C ILE E 195 -4.97 -10.11 -55.98
N GLN E 196 -3.99 -10.33 -55.10
CA GLN E 196 -3.83 -11.60 -54.40
C GLN E 196 -5.10 -11.97 -53.64
N GLU E 197 -5.45 -13.25 -53.69
CA GLU E 197 -6.63 -13.75 -52.97
C GLU E 197 -6.39 -13.77 -51.45
N SER E 198 -5.12 -13.77 -51.04
CA SER E 198 -4.75 -13.66 -49.62
C SER E 198 -3.67 -12.60 -49.43
N GLY E 199 -3.85 -11.76 -48.43
CA GLY E 199 -2.90 -10.69 -48.13
C GLY E 199 -2.05 -10.96 -46.91
N ARG E 200 -1.13 -10.04 -46.64
CA ARG E 200 -0.25 -10.13 -45.49
C ARG E 200 0.50 -8.81 -45.34
N VAL E 201 0.81 -8.44 -44.11
CA VAL E 201 1.74 -7.33 -43.85
C VAL E 201 2.71 -7.73 -42.72
N THR E 202 3.99 -7.72 -43.04
CA THR E 202 5.07 -8.07 -42.11
C THR E 202 5.87 -6.79 -41.79
N VAL E 203 5.49 -6.11 -40.71
CA VAL E 203 6.27 -4.97 -40.20
C VAL E 203 7.32 -5.47 -39.20
N SER E 204 8.58 -5.10 -39.45
CA SER E 204 9.71 -5.70 -38.77
C SER E 204 10.77 -4.68 -38.42
N THR E 205 11.57 -4.99 -37.40
CA THR E 205 12.81 -4.26 -37.15
C THR E 205 13.89 -5.29 -36.88
N LYS E 206 15.05 -4.83 -36.43
CA LYS E 206 16.11 -5.73 -36.04
C LYS E 206 15.72 -6.55 -34.82
N ARG E 207 15.02 -5.91 -33.88
CA ARG E 207 14.78 -6.52 -32.56
C ARG E 207 13.45 -7.28 -32.47
N SER E 208 12.42 -6.73 -33.11
CA SER E 208 11.11 -7.38 -33.12
C SER E 208 10.52 -7.35 -34.52
N GLN E 209 9.37 -7.99 -34.68
CA GLN E 209 8.66 -8.04 -35.96
C GLN E 209 7.26 -8.64 -35.77
N GLN E 210 6.35 -8.26 -36.66
CA GLN E 210 4.95 -8.66 -36.55
C GLN E 210 4.37 -8.91 -37.93
N THR E 211 3.58 -9.97 -38.06
CA THR E 211 2.87 -10.24 -39.30
C THR E 211 1.40 -10.44 -39.00
N ILE E 212 0.56 -9.77 -39.78
CA ILE E 212 -0.88 -9.83 -39.61
C ILE E 212 -1.51 -10.29 -40.92
N ILE E 213 -2.52 -11.16 -40.82
CA ILE E 213 -3.21 -11.73 -41.97
C ILE E 213 -4.63 -11.16 -42.03
N PRO E 214 -5.02 -10.60 -43.19
CA PRO E 214 -6.36 -10.03 -43.26
C PRO E 214 -7.43 -11.12 -43.32
N ASN E 215 -8.36 -11.09 -42.37
CA ASN E 215 -9.52 -11.98 -42.35
C ASN E 215 -10.73 -11.44 -43.09
N ILE E 216 -11.13 -12.14 -44.15
CA ILE E 216 -12.22 -11.71 -45.00
C ILE E 216 -13.53 -12.17 -44.40
N GLY E 217 -14.56 -11.31 -44.45
CA GLY E 217 -15.88 -11.64 -43.90
C GLY E 217 -16.75 -10.43 -43.61
N SER E 218 -18.05 -10.59 -43.75
CA SER E 218 -19.00 -9.52 -43.40
C SER E 218 -18.99 -9.22 -41.90
N ARG E 219 -19.07 -7.93 -41.59
CA ARG E 219 -19.21 -7.44 -40.22
C ARG E 219 -20.35 -6.42 -40.20
N PRO E 220 -20.81 -6.01 -39.01
CA PRO E 220 -21.89 -5.04 -38.97
C PRO E 220 -21.57 -3.75 -39.72
N LEU E 221 -22.60 -3.15 -40.33
CA LEU E 221 -22.43 -1.92 -41.09
C LEU E 221 -22.27 -0.71 -40.19
N VAL E 222 -21.18 0.02 -40.41
CA VAL E 222 -20.94 1.30 -39.79
C VAL E 222 -20.63 2.28 -40.91
N ARG E 223 -21.43 3.34 -41.01
CA ARG E 223 -21.30 4.36 -42.06
C ARG E 223 -21.24 3.71 -43.46
N GLY E 224 -22.10 2.70 -43.66
CA GLY E 224 -22.21 1.99 -44.93
C GLY E 224 -21.20 0.89 -45.22
N GLN E 225 -20.19 0.72 -44.35
CA GLN E 225 -19.08 -0.19 -44.63
C GLN E 225 -19.09 -1.46 -43.79
N SER E 226 -19.07 -2.61 -44.46
CA SER E 226 -18.98 -3.91 -43.78
C SER E 226 -17.53 -4.32 -43.51
N GLY E 227 -16.60 -3.91 -44.37
CA GLY E 227 -15.16 -4.17 -44.14
C GLY E 227 -14.68 -3.44 -42.90
N ARG E 228 -13.44 -3.69 -42.49
CA ARG E 228 -12.86 -2.97 -41.34
C ARG E 228 -11.34 -2.92 -41.37
N ILE E 229 -10.78 -2.11 -40.49
CA ILE E 229 -9.35 -1.87 -40.44
C ILE E 229 -8.83 -2.09 -39.03
N SER E 230 -7.75 -2.83 -38.90
CA SER E 230 -7.09 -3.02 -37.60
C SER E 230 -5.78 -2.22 -37.52
N ILE E 231 -5.60 -1.50 -36.41
CA ILE E 231 -4.41 -0.65 -36.21
C ILE E 231 -3.36 -1.35 -35.33
N TYR E 232 -2.10 -1.14 -35.66
CA TYR E 232 -0.97 -1.64 -34.90
C TYR E 232 0.11 -0.58 -34.83
N TRP E 233 0.89 -0.56 -33.77
CA TRP E 233 2.04 0.32 -33.72
C TRP E 233 3.35 -0.44 -33.63
N THR E 234 4.43 0.30 -33.85
CA THR E 234 5.77 -0.25 -33.85
C THR E 234 6.70 0.86 -33.42
N ILE E 235 7.54 0.58 -32.43
CA ILE E 235 8.51 1.56 -31.95
C ILE E 235 9.89 1.27 -32.54
N VAL E 236 10.42 2.21 -33.31
CA VAL E 236 11.69 2.03 -33.98
C VAL E 236 12.74 2.84 -33.23
N LYS E 237 13.74 2.13 -32.71
CA LYS E 237 14.70 2.73 -31.78
C LYS E 237 15.77 3.51 -32.55
N PRO E 238 16.48 4.41 -31.86
CA PRO E 238 17.61 5.06 -32.52
C PRO E 238 18.63 4.02 -32.96
N GLY E 239 19.13 4.17 -34.18
CA GLY E 239 20.10 3.23 -34.74
C GLY E 239 19.42 2.05 -35.40
N ASP E 240 18.19 1.77 -35.01
CA ASP E 240 17.42 0.67 -35.56
C ASP E 240 16.92 1.09 -36.95
N ILE E 241 15.94 0.36 -37.49
CA ILE E 241 15.53 0.53 -38.89
C ILE E 241 14.19 -0.17 -39.12
N LEU E 242 13.20 0.57 -39.61
CA LEU E 242 11.88 0.00 -39.89
C LEU E 242 11.91 -0.72 -41.23
N MET E 243 11.03 -1.70 -41.41
CA MET E 243 10.84 -2.34 -42.72
C MET E 243 9.46 -2.95 -42.92
N ILE E 244 8.69 -2.33 -43.81
CA ILE E 244 7.34 -2.76 -44.12
C ILE E 244 7.31 -3.59 -45.39
N ASN E 245 6.85 -4.83 -45.26
CA ASN E 245 6.78 -5.78 -46.37
C ASN E 245 5.37 -6.32 -46.46
N SER E 246 4.75 -6.25 -47.62
CA SER E 246 3.34 -6.62 -47.75
C SER E 246 2.92 -6.89 -49.18
N ASN E 247 2.08 -7.91 -49.37
CA ASN E 247 1.58 -8.27 -50.70
C ASN E 247 0.07 -8.05 -50.86
N GLY E 248 -0.49 -7.15 -50.08
CA GLY E 248 -1.94 -6.87 -50.09
C GLY E 248 -2.49 -6.42 -48.75
N ASN E 249 -3.46 -5.51 -48.80
CA ASN E 249 -4.24 -5.07 -47.62
C ASN E 249 -3.54 -4.10 -46.67
N LEU E 250 -2.40 -3.55 -47.08
CA LEU E 250 -1.64 -2.66 -46.19
C LEU E 250 -2.27 -1.27 -46.10
N VAL E 251 -2.44 -0.79 -44.88
CA VAL E 251 -2.75 0.61 -44.59
C VAL E 251 -1.47 1.24 -44.04
N ALA E 252 -0.76 1.92 -44.92
CA ALA E 252 0.62 2.32 -44.64
C ALA E 252 0.73 3.58 -43.78
N PRO E 253 1.86 3.74 -43.09
CA PRO E 253 2.11 4.98 -42.39
C PRO E 253 2.52 6.07 -43.39
N ARG E 254 2.32 7.33 -43.01
CA ARG E 254 2.80 8.46 -43.78
C ARG E 254 4.03 9.09 -43.13
N GLY E 255 4.41 8.57 -41.96
CA GLY E 255 5.40 9.20 -41.11
C GLY E 255 5.24 8.75 -39.66
N TYR E 256 5.77 9.54 -38.74
CA TYR E 256 5.91 9.07 -37.38
C TYR E 256 5.65 10.15 -36.35
N PHE E 257 5.30 9.69 -35.15
CA PHE E 257 5.14 10.54 -34.00
C PHE E 257 6.40 10.48 -33.14
N LYS E 258 6.82 11.63 -32.62
CA LYS E 258 7.87 11.67 -31.63
C LYS E 258 7.30 11.23 -30.28
N LEU E 259 7.89 10.18 -29.72
CA LEU E 259 7.45 9.62 -28.45
C LEU E 259 8.20 10.32 -27.33
N ASN E 260 7.51 11.05 -26.46
CA ASN E 260 8.17 11.85 -25.42
C ASN E 260 8.04 11.27 -24.03
N THR E 261 9.04 11.55 -23.20
CA THR E 261 8.95 11.34 -21.77
C THR E 261 8.43 12.66 -21.20
N GLY E 262 7.28 12.61 -20.53
CA GLY E 262 6.67 13.83 -20.05
C GLY E 262 5.67 13.63 -18.92
N LYS E 263 5.08 14.75 -18.52
CA LYS E 263 4.10 14.82 -17.46
C LYS E 263 2.67 14.72 -17.99
N SER E 264 2.51 14.26 -19.23
CA SER E 264 1.22 14.38 -19.90
C SER E 264 0.33 13.18 -19.66
N SER E 265 -0.97 13.40 -19.74
CA SER E 265 -1.95 12.39 -19.46
C SER E 265 -3.27 12.71 -20.13
N VAL E 266 -4.26 11.84 -19.91
CA VAL E 266 -5.60 11.97 -20.47
C VAL E 266 -6.61 11.64 -19.37
N MET E 267 -7.76 12.33 -19.39
CA MET E 267 -8.77 12.18 -18.35
C MET E 267 -10.17 12.32 -18.93
N ARG E 268 -11.13 11.56 -18.38
CA ARG E 268 -12.52 11.62 -18.82
C ARG E 268 -13.32 12.55 -17.94
N SER E 269 -14.05 13.48 -18.54
CA SER E 269 -14.84 14.46 -17.81
C SER E 269 -15.77 15.24 -18.75
N ASP E 270 -16.99 15.52 -18.29
CA ASP E 270 -17.94 16.34 -19.04
C ASP E 270 -18.13 17.69 -18.37
N VAL E 271 -17.19 18.02 -17.50
CA VAL E 271 -17.23 19.25 -16.74
C VAL E 271 -16.58 20.33 -17.61
N PRO E 272 -17.16 21.54 -17.63
CA PRO E 272 -16.66 22.62 -18.48
C PRO E 272 -15.29 23.16 -18.06
N ILE E 273 -14.74 24.08 -18.86
CA ILE E 273 -13.43 24.67 -18.63
C ILE E 273 -13.56 26.18 -18.46
N ASP E 274 -12.71 26.78 -17.63
CA ASP E 274 -12.86 28.20 -17.29
C ASP E 274 -11.54 28.90 -16.98
N ILE E 275 -11.52 30.21 -17.20
CA ILE E 275 -10.39 31.07 -16.86
C ILE E 275 -10.31 31.15 -15.34
N CYS E 276 -9.21 30.65 -14.80
CA CYS E 276 -9.12 30.26 -13.40
C CYS E 276 -7.81 29.51 -13.18
N VAL E 277 -7.21 29.66 -12.00
CA VAL E 277 -5.92 29.03 -11.70
C VAL E 277 -6.07 27.93 -10.66
N SER E 278 -5.42 26.78 -10.93
CA SER E 278 -5.46 25.67 -9.99
C SER E 278 -4.42 24.61 -10.33
N GLU E 279 -3.98 23.87 -9.32
CA GLU E 279 -2.91 22.90 -9.47
C GLU E 279 -3.39 21.44 -9.37
N CYS E 280 -4.71 21.24 -9.27
CA CYS E 280 -5.32 19.92 -9.37
C CYS E 280 -6.44 19.86 -10.35
N ILE E 281 -6.61 18.68 -10.96
CA ILE E 281 -7.74 18.42 -11.84
C ILE E 281 -8.30 17.06 -11.47
N THR E 282 -9.63 16.96 -11.53
CA THR E 282 -10.36 15.73 -11.35
C THR E 282 -11.45 15.70 -12.41
N PRO E 283 -12.07 14.52 -12.63
CA PRO E 283 -13.25 14.51 -13.49
C PRO E 283 -14.33 15.50 -13.04
N ASN E 284 -14.43 15.77 -11.74
CA ASN E 284 -15.42 16.71 -11.21
C ASN E 284 -15.05 18.16 -11.42
N GLY E 285 -13.77 18.42 -11.61
CA GLY E 285 -13.27 19.77 -11.80
C GLY E 285 -12.03 20.04 -10.97
N SER E 286 -11.44 21.20 -11.17
CA SER E 286 -10.25 21.59 -10.45
C SER E 286 -10.59 21.70 -8.97
N ILE E 287 -9.66 21.30 -8.10
CA ILE E 287 -9.86 21.37 -6.65
C ILE E 287 -8.74 22.11 -5.94
N SER E 288 -9.05 22.59 -4.73
CA SER E 288 -8.08 23.32 -3.92
C SER E 288 -6.96 22.42 -3.40
N ASN E 289 -5.77 23.01 -3.26
CA ASN E 289 -4.55 22.28 -3.01
C ASN E 289 -4.14 22.22 -1.54
N ASP E 290 -4.49 23.26 -0.79
CA ASP E 290 -4.03 23.47 0.60
C ASP E 290 -4.21 22.32 1.59
N LYS E 291 -5.31 21.58 1.48
CA LYS E 291 -5.61 20.50 2.42
C LYS E 291 -4.86 19.23 2.04
N PRO E 292 -4.35 18.49 3.03
CA PRO E 292 -3.53 17.31 2.73
C PRO E 292 -4.33 16.14 2.18
N PHE E 293 -5.61 16.07 2.54
CA PHE E 293 -6.47 14.99 2.08
C PHE E 293 -7.65 15.50 1.29
N GLN E 294 -8.37 14.59 0.66
CA GLN E 294 -9.34 14.94 -0.34
C GLN E 294 -10.34 13.80 -0.53
N ASN E 295 -11.58 14.14 -0.86
CA ASN E 295 -12.62 13.14 -1.03
C ASN E 295 -13.53 13.38 -2.23
N VAL E 296 -13.05 14.18 -3.19
CA VAL E 296 -13.82 14.52 -4.37
C VAL E 296 -13.77 13.38 -5.39
N ASN E 297 -12.56 12.89 -5.70
CA ASN E 297 -12.37 11.81 -6.67
C ASN E 297 -10.99 11.15 -6.56
N LYS E 298 -10.94 9.83 -6.73
CA LYS E 298 -9.67 9.12 -6.75
C LYS E 298 -8.86 9.45 -8.01
N VAL E 299 -9.55 9.66 -9.13
CA VAL E 299 -8.88 10.07 -10.36
C VAL E 299 -8.42 11.52 -10.25
N THR E 300 -7.11 11.73 -10.30
CA THR E 300 -6.55 13.08 -10.19
C THR E 300 -5.29 13.28 -11.05
N TYR E 301 -4.94 14.55 -11.23
CA TYR E 301 -3.76 14.96 -11.98
C TYR E 301 -3.26 16.28 -11.41
N GLY E 302 -1.96 16.37 -11.12
CA GLY E 302 -1.36 17.60 -10.62
C GLY E 302 -0.91 17.44 -9.18
N LYS E 303 -0.46 18.54 -8.57
CA LYS E 303 -0.10 18.55 -7.16
C LYS E 303 -1.34 18.27 -6.33
N CYS E 304 -1.69 16.98 -6.22
CA CYS E 304 -2.97 16.55 -5.64
C CYS E 304 -2.88 15.89 -4.26
N PRO E 305 -3.75 16.33 -3.33
CA PRO E 305 -3.83 15.74 -2.00
C PRO E 305 -4.45 14.37 -2.07
N LYS E 306 -4.20 13.57 -1.04
CA LYS E 306 -4.53 12.15 -1.08
C LYS E 306 -6.02 11.96 -1.04
N TYR E 307 -6.50 11.03 -1.85
CA TYR E 307 -7.90 10.66 -1.81
C TYR E 307 -8.11 9.74 -0.64
N ILE E 308 -9.17 9.97 0.11
CA ILE E 308 -9.56 9.06 1.19
C ILE E 308 -11.06 8.81 1.14
N ARG E 309 -11.55 7.94 2.01
CA ARG E 309 -12.96 7.58 2.02
C ARG E 309 -13.78 8.47 2.95
N GLN E 310 -13.15 9.10 3.93
CA GLN E 310 -13.86 10.02 4.82
C GLN E 310 -13.92 11.40 4.17
N ASN E 311 -15.06 12.04 4.33
CA ASN E 311 -15.36 13.33 3.70
C ASN E 311 -15.14 14.49 4.66
N THR E 312 -14.86 14.17 5.92
CA THR E 312 -14.53 15.21 6.89
C THR E 312 -13.61 14.66 7.98
N LEU E 313 -12.63 15.47 8.36
CA LEU E 313 -11.70 15.17 9.45
C LEU E 313 -11.28 16.47 10.10
N LYS E 314 -11.39 16.57 11.42
CA LYS E 314 -11.01 17.80 12.11
C LYS E 314 -9.70 17.68 12.88
N LEU E 315 -8.75 18.54 12.55
CA LEU E 315 -7.52 18.69 13.32
C LEU E 315 -7.67 19.89 14.27
N ALA E 316 -7.54 19.67 15.57
CA ALA E 316 -7.61 20.75 16.54
C ALA E 316 -6.38 21.66 16.40
N THR E 317 -6.61 22.97 16.46
CA THR E 317 -5.54 23.97 16.41
C THR E 317 -5.69 24.90 17.62
N GLY E 318 -6.26 24.36 18.69
CA GLY E 318 -6.54 25.13 19.86
C GLY E 318 -6.72 24.21 21.03
N MET E 319 -6.86 24.78 22.22
CA MET E 319 -6.94 24.01 23.45
C MET E 319 -8.35 23.50 23.67
N ARG E 320 -8.55 22.76 24.75
CA ARG E 320 -9.89 22.33 25.13
C ARG E 320 -10.69 23.55 25.58
N ASN E 321 -11.93 23.64 25.10
CA ASN E 321 -12.76 24.80 25.34
C ASN E 321 -13.71 24.50 26.48
N VAL E 322 -13.51 25.17 27.60
CA VAL E 322 -14.36 24.93 28.77
C VAL E 322 -15.13 26.20 29.12
N PRO E 323 -16.37 26.32 28.59
CA PRO E 323 -17.17 27.47 28.99
C PRO E 323 -17.61 27.34 30.44
N GLU E 324 -18.29 28.34 30.97
CA GLU E 324 -18.57 28.40 32.40
C GLU E 324 -19.55 27.30 32.87
N LYS E 325 -19.10 26.46 33.81
CA LYS E 325 -19.89 25.35 34.35
C LYS E 325 -20.84 25.83 35.44
N GLY F 1 -6.48 17.61 30.05
CA GLY F 1 -6.29 16.16 29.74
C GLY F 1 -5.68 15.40 30.91
N ILE F 2 -4.39 15.15 30.84
CA ILE F 2 -3.72 14.24 31.78
C ILE F 2 -3.12 14.91 33.02
N PHE F 3 -2.77 16.20 32.93
CA PHE F 3 -2.23 16.92 34.08
C PHE F 3 -3.30 17.37 35.08
N GLY F 4 -4.56 17.26 34.68
CA GLY F 4 -5.67 17.62 35.54
C GLY F 4 -5.76 19.12 35.74
N ALA F 5 -5.17 19.88 34.82
CA ALA F 5 -5.16 21.34 34.92
C ALA F 5 -6.32 21.93 34.14
N ILE F 6 -6.33 21.74 32.82
CA ILE F 6 -7.43 22.24 31.98
C ILE F 6 -8.65 21.34 32.15
N ALA F 7 -9.77 21.94 32.54
CA ALA F 7 -10.99 21.18 32.84
C ALA F 7 -10.82 20.22 34.02
N GLY F 8 -9.85 20.52 34.91
CA GLY F 8 -9.50 19.62 36.01
C GLY F 8 -9.60 20.34 37.35
N PHE F 9 -8.49 20.87 37.85
CA PHE F 9 -8.53 21.71 39.06
C PHE F 9 -8.82 23.18 38.73
N ILE F 10 -8.76 23.53 37.45
CA ILE F 10 -9.28 24.81 36.96
C ILE F 10 -10.67 24.59 36.39
N GLU F 11 -11.68 25.09 37.11
CA GLU F 11 -13.10 24.83 36.78
C GLU F 11 -13.45 25.13 35.32
N ASN F 12 -13.00 26.28 34.80
CA ASN F 12 -13.37 26.71 33.45
C ASN F 12 -12.43 27.75 32.84
N GLY F 13 -12.64 28.02 31.55
CA GLY F 13 -11.87 29.01 30.81
C GLY F 13 -12.39 30.41 31.00
N TRP F 14 -11.70 31.38 30.43
CA TRP F 14 -12.04 32.79 30.54
C TRP F 14 -12.28 33.39 29.17
N GLU F 15 -13.55 33.43 28.75
CA GLU F 15 -13.92 33.97 27.45
C GLU F 15 -13.60 35.47 27.33
N GLY F 16 -13.57 36.17 28.45
CA GLY F 16 -13.22 37.58 28.49
C GLY F 16 -11.73 37.88 28.34
N MET F 17 -10.92 36.87 28.01
CA MET F 17 -9.51 37.07 27.74
C MET F 17 -9.20 36.87 26.26
N VAL F 18 -9.14 37.96 25.51
CA VAL F 18 -8.72 37.93 24.12
C VAL F 18 -7.22 38.22 23.99
N ASP F 19 -6.58 38.64 25.10
CA ASP F 19 -5.14 38.96 25.11
C ASP F 19 -4.27 37.79 24.64
N GLY F 20 -4.56 36.60 25.16
CA GLY F 20 -3.77 35.42 24.87
C GLY F 20 -4.48 34.12 25.23
N TRP F 21 -3.68 33.08 25.46
CA TRP F 21 -4.20 31.73 25.70
C TRP F 21 -4.12 31.34 27.16
N TYR F 22 -3.05 31.78 27.83
CA TYR F 22 -2.88 31.61 29.26
C TYR F 22 -2.68 32.99 29.90
N GLY F 23 -3.14 33.16 31.12
CA GLY F 23 -3.05 34.47 31.78
C GLY F 23 -3.42 34.48 33.25
N PHE F 24 -3.46 35.69 33.81
CA PHE F 24 -3.68 35.89 35.24
C PHE F 24 -4.90 36.75 35.52
N ARG F 25 -5.49 36.56 36.70
CA ARG F 25 -6.56 37.39 37.22
C ARG F 25 -6.29 37.65 38.68
N TYR F 26 -5.87 38.86 39.00
CA TYR F 26 -5.42 39.17 40.35
C TYR F 26 -6.30 40.20 41.01
N GLN F 27 -6.68 39.92 42.27
CA GLN F 27 -7.35 40.87 43.14
C GLN F 27 -6.38 41.30 44.24
N ASN F 28 -6.21 42.60 44.41
CA ASN F 28 -5.17 43.11 45.28
C ASN F 28 -5.55 44.45 45.88
N SER F 29 -4.56 45.24 46.32
CA SER F 29 -4.78 46.55 46.92
C SER F 29 -5.36 47.57 45.95
N GLU F 30 -5.09 47.39 44.66
CA GLU F 30 -5.58 48.29 43.62
C GLU F 30 -6.71 47.60 42.83
N GLY F 31 -7.81 47.33 43.52
CA GLY F 31 -8.99 46.68 42.92
C GLY F 31 -8.69 45.27 42.45
N THR F 32 -8.97 45.01 41.18
CA THR F 32 -8.68 43.73 40.56
C THR F 32 -7.82 43.99 39.31
N GLY F 33 -7.86 43.08 38.34
CA GLY F 33 -7.11 43.23 37.10
C GLY F 33 -6.84 41.88 36.44
N GLN F 34 -6.65 41.92 35.12
CA GLN F 34 -6.36 40.74 34.33
C GLN F 34 -5.14 40.96 33.45
N ALA F 35 -4.42 39.88 33.14
CA ALA F 35 -3.27 39.95 32.25
C ALA F 35 -3.13 38.67 31.45
N ALA F 36 -2.19 38.66 30.52
CA ALA F 36 -1.86 37.47 29.75
C ALA F 36 -0.38 37.16 29.90
N ASP F 37 -0.02 35.89 29.74
CA ASP F 37 1.38 35.46 29.74
C ASP F 37 1.76 35.02 28.33
N LEU F 38 2.62 35.80 27.68
CA LEU F 38 2.93 35.55 26.28
C LEU F 38 4.11 34.60 26.04
N LYS F 39 4.74 34.11 27.11
CA LYS F 39 5.76 33.06 26.99
C LYS F 39 5.11 31.69 26.84
N SER F 40 4.04 31.46 27.60
CA SER F 40 3.29 30.21 27.56
C SER F 40 2.34 30.15 26.39
N THR F 41 1.76 31.29 26.03
CA THR F 41 0.95 31.40 24.83
C THR F 41 1.80 31.09 23.59
N GLN F 42 2.98 31.68 23.54
CA GLN F 42 3.90 31.46 22.42
C GLN F 42 4.38 30.01 22.36
N ALA F 43 4.71 29.44 23.52
CA ALA F 43 5.27 28.10 23.58
C ALA F 43 4.32 27.01 23.05
N ALA F 44 3.02 27.22 23.24
CA ALA F 44 2.00 26.27 22.73
C ALA F 44 1.75 26.51 21.25
N ILE F 45 1.47 27.76 20.90
CA ILE F 45 1.25 28.17 19.51
C ILE F 45 2.36 27.66 18.61
N ASP F 46 3.60 27.81 19.03
CA ASP F 46 4.76 27.39 18.23
C ASP F 46 4.73 25.91 17.89
N GLN F 47 4.28 25.10 18.84
CA GLN F 47 4.20 23.65 18.66
C GLN F 47 2.97 23.24 17.83
N ILE F 48 1.92 24.05 17.84
CA ILE F 48 0.73 23.80 17.03
C ILE F 48 0.83 24.34 15.61
N ASN F 49 1.67 25.36 15.38
CA ASN F 49 1.93 25.86 14.02
C ASN F 49 2.90 24.94 13.32
N GLY F 50 2.54 24.48 12.13
CA GLY F 50 3.33 23.51 11.40
C GLY F 50 3.31 22.16 12.09
N LYS F 51 2.21 21.88 12.77
CA LYS F 51 2.02 20.63 13.50
C LYS F 51 1.93 19.46 12.53
N LEU F 52 1.24 19.68 11.42
CA LEU F 52 1.00 18.63 10.44
C LEU F 52 2.16 18.45 9.47
N ASN F 53 2.95 19.50 9.26
CA ASN F 53 4.07 19.45 8.30
C ASN F 53 5.24 18.60 8.74
N ARG F 54 5.28 18.22 10.01
CA ARG F 54 6.38 17.42 10.51
C ARG F 54 6.16 15.94 10.16
N VAL F 55 4.98 15.64 9.59
CA VAL F 55 4.59 14.27 9.26
C VAL F 55 4.21 14.07 7.78
N ILE F 56 3.27 14.87 7.29
CA ILE F 56 2.89 14.83 5.86
C ILE F 56 3.85 15.68 5.01
N GLU F 57 4.53 15.03 4.07
CA GLU F 57 5.32 15.74 3.06
C GLU F 57 4.41 16.69 2.26
N ARG F 58 4.91 17.88 1.93
CA ARG F 58 4.21 18.82 1.05
C ARG F 58 3.85 18.17 -0.30
N THR F 59 2.59 18.29 -0.69
CA THR F 59 2.02 17.58 -1.84
C THR F 59 2.95 17.44 -3.05
N ASN F 60 3.10 16.21 -3.54
CA ASN F 60 3.99 15.90 -4.66
C ASN F 60 3.21 15.69 -5.98
N GLU F 61 3.69 16.30 -7.06
CA GLU F 61 3.07 16.18 -8.39
C GLU F 61 2.93 14.72 -8.80
N LYS F 62 1.71 14.31 -9.14
CA LYS F 62 1.47 13.02 -9.78
C LYS F 62 0.82 13.26 -11.13
N PHE F 63 1.31 12.59 -12.17
CA PHE F 63 0.84 12.81 -13.52
C PHE F 63 0.15 11.57 -14.08
N HIS F 64 0.66 11.01 -15.18
CA HIS F 64 -0.03 9.88 -15.79
C HIS F 64 0.12 8.64 -14.89
N GLN F 65 -1.02 8.18 -14.40
CA GLN F 65 -1.08 7.02 -13.55
C GLN F 65 -1.88 5.98 -14.31
N ILE F 66 -2.45 5.02 -13.59
CA ILE F 66 -3.33 4.02 -14.17
C ILE F 66 -4.77 4.52 -14.26
N GLU F 67 -5.59 3.75 -14.97
CA GLU F 67 -7.01 4.06 -15.13
C GLU F 67 -7.77 3.45 -13.97
N LYS F 68 -8.74 4.19 -13.43
CA LYS F 68 -9.43 3.79 -12.20
C LYS F 68 -10.95 3.65 -12.36
N GLU F 69 -11.44 3.84 -13.59
CA GLU F 69 -12.85 3.71 -13.92
C GLU F 69 -12.91 3.01 -15.26
N PHE F 70 -13.82 2.04 -15.39
CA PHE F 70 -13.89 1.21 -16.60
C PHE F 70 -15.31 1.15 -17.18
N SER F 71 -15.39 1.26 -18.50
CA SER F 71 -16.65 1.08 -19.22
C SER F 71 -16.86 -0.40 -19.57
N GLU F 72 -15.76 -1.11 -19.81
CA GLU F 72 -15.80 -2.50 -20.26
C GLU F 72 -15.59 -3.48 -19.10
N VAL F 73 -15.95 -4.73 -19.31
CA VAL F 73 -15.64 -5.80 -18.37
C VAL F 73 -14.54 -6.67 -18.98
N GLU F 74 -13.33 -6.57 -18.47
CA GLU F 74 -12.15 -7.18 -19.08
C GLU F 74 -11.62 -8.39 -18.32
N GLY F 75 -12.11 -8.61 -17.11
CA GLY F 75 -11.59 -9.68 -16.27
C GLY F 75 -10.32 -9.31 -15.53
N ARG F 76 -9.23 -10.00 -15.86
CA ARG F 76 -8.10 -10.12 -14.92
C ARG F 76 -7.34 -8.85 -14.63
N ILE F 77 -7.04 -8.06 -15.67
CA ILE F 77 -6.18 -6.89 -15.47
C ILE F 77 -6.97 -5.79 -14.79
N GLN F 78 -8.27 -5.71 -15.09
CA GLN F 78 -9.15 -4.76 -14.46
C GLN F 78 -9.39 -5.12 -13.00
N ASP F 79 -9.40 -6.40 -12.68
CA ASP F 79 -9.46 -6.81 -11.27
C ASP F 79 -8.28 -6.22 -10.52
N LEU F 80 -7.08 -6.43 -11.08
CA LEU F 80 -5.83 -6.03 -10.44
C LEU F 80 -5.73 -4.51 -10.31
N GLU F 81 -6.00 -3.81 -11.39
CA GLU F 81 -6.04 -2.36 -11.38
C GLU F 81 -6.97 -1.81 -10.31
N LYS F 82 -8.07 -2.51 -10.06
CA LYS F 82 -9.03 -2.10 -9.03
C LYS F 82 -8.51 -2.39 -7.64
N TYR F 83 -8.01 -3.60 -7.45
CA TYR F 83 -7.51 -4.05 -6.15
C TYR F 83 -6.34 -3.19 -5.67
N VAL F 84 -5.43 -2.86 -6.58
CA VAL F 84 -4.33 -1.95 -6.26
C VAL F 84 -4.90 -0.63 -5.75
N GLU F 85 -5.79 -0.04 -6.54
CA GLU F 85 -6.37 1.24 -6.19
C GLU F 85 -7.08 1.22 -4.83
N ASP F 86 -7.84 0.16 -4.55
CA ASP F 86 -8.55 0.08 -3.26
C ASP F 86 -7.62 -0.18 -2.10
N THR F 87 -6.64 -1.03 -2.30
CA THR F 87 -5.62 -1.26 -1.30
C THR F 87 -5.04 0.07 -0.82
N LYS F 88 -4.71 0.93 -1.79
CA LYS F 88 -4.11 2.23 -1.53
C LYS F 88 -5.02 3.18 -0.75
N ILE F 89 -6.28 3.22 -1.12
CA ILE F 89 -7.25 4.11 -0.49
C ILE F 89 -7.56 3.69 0.94
N ASP F 90 -7.75 2.39 1.15
CA ASP F 90 -7.97 1.84 2.48
C ASP F 90 -6.81 2.18 3.41
N LEU F 91 -5.58 2.08 2.87
CA LEU F 91 -4.36 2.30 3.64
C LEU F 91 -4.15 3.76 3.98
N TRP F 92 -4.46 4.64 3.03
CA TRP F 92 -4.35 6.08 3.24
C TRP F 92 -5.46 6.61 4.13
N SER F 93 -6.66 6.05 3.99
CA SER F 93 -7.76 6.42 4.85
C SER F 93 -7.43 6.09 6.32
N TYR F 94 -6.87 4.92 6.56
CA TYR F 94 -6.48 4.56 7.93
C TYR F 94 -5.39 5.48 8.45
N ASN F 95 -4.39 5.72 7.61
CA ASN F 95 -3.32 6.70 7.90
C ASN F 95 -3.91 8.02 8.31
N ALA F 96 -4.87 8.49 7.53
CA ALA F 96 -5.49 9.79 7.77
C ALA F 96 -6.29 9.81 9.08
N GLU F 97 -7.03 8.74 9.36
CA GLU F 97 -7.84 8.69 10.58
C GLU F 97 -6.95 8.63 11.81
N LEU F 98 -5.95 7.75 11.78
CA LEU F 98 -5.01 7.61 12.90
C LEU F 98 -4.17 8.85 13.12
N LEU F 99 -3.77 9.53 12.05
CA LEU F 99 -2.96 10.74 12.19
C LEU F 99 -3.73 11.81 12.94
N VAL F 100 -4.91 12.14 12.41
CA VAL F 100 -5.81 13.06 13.05
C VAL F 100 -6.06 12.72 14.51
N ALA F 101 -6.23 11.44 14.80
CA ALA F 101 -6.58 11.00 16.15
C ALA F 101 -5.48 11.29 17.17
N LEU F 102 -4.23 11.00 16.81
CA LEU F 102 -3.13 11.13 17.77
C LEU F 102 -2.39 12.46 17.68
N GLU F 103 -2.53 13.17 16.56
CA GLU F 103 -2.08 14.55 16.49
C GLU F 103 -2.99 15.42 17.34
N ASN F 104 -4.28 15.10 17.36
CA ASN F 104 -5.22 15.78 18.24
C ASN F 104 -4.96 15.42 19.69
N GLN F 105 -4.75 14.15 19.97
CA GLN F 105 -4.44 13.72 21.34
C GLN F 105 -3.34 14.58 21.91
N HIS F 106 -2.32 14.76 21.08
CA HIS F 106 -1.12 15.49 21.45
C HIS F 106 -1.41 16.97 21.68
N THR F 107 -2.17 17.57 20.77
CA THR F 107 -2.57 18.96 20.90
C THR F 107 -3.25 19.25 22.23
N ILE F 108 -4.07 18.32 22.70
CA ILE F 108 -4.80 18.47 23.96
C ILE F 108 -3.88 18.46 25.18
N ASP F 109 -2.93 17.53 25.17
CA ASP F 109 -2.03 17.35 26.30
C ASP F 109 -0.93 18.41 26.34
N LEU F 110 -0.46 18.82 25.16
CA LEU F 110 0.52 19.91 25.03
C LEU F 110 0.02 21.17 25.68
N THR F 111 -1.23 21.51 25.40
CA THR F 111 -1.86 22.72 25.92
C THR F 111 -2.07 22.62 27.43
N ASP F 112 -2.66 21.50 27.86
CA ASP F 112 -2.86 21.18 29.28
C ASP F 112 -1.55 21.26 30.05
N ALA F 113 -0.46 20.83 29.44
CA ALA F 113 0.84 20.88 30.08
C ALA F 113 1.21 22.31 30.40
N GLU F 114 1.15 23.18 29.39
CA GLU F 114 1.60 24.56 29.51
C GLU F 114 0.94 25.30 30.66
N MET F 115 -0.33 24.96 30.91
CA MET F 115 -1.04 25.49 32.07
C MET F 115 -0.34 25.06 33.36
N ASN F 116 -0.21 23.75 33.54
CA ASN F 116 0.44 23.17 34.71
C ASN F 116 1.80 23.80 34.95
N LYS F 117 2.61 23.86 33.89
CA LYS F 117 3.94 24.43 33.97
C LYS F 117 3.92 25.86 34.47
N LEU F 118 2.97 26.66 33.98
CA LEU F 118 2.84 28.07 34.39
C LEU F 118 2.47 28.15 35.86
N PHE F 119 1.44 27.40 36.24
CA PHE F 119 1.01 27.31 37.63
C PHE F 119 2.18 26.96 38.54
N GLU F 120 2.89 25.90 38.19
CA GLU F 120 4.00 25.43 39.00
C GLU F 120 5.10 26.48 39.03
N LYS F 121 5.39 27.09 37.89
CA LYS F 121 6.45 28.08 37.80
C LYS F 121 6.17 29.23 38.75
N THR F 122 4.93 29.68 38.79
CA THR F 122 4.55 30.79 39.67
C THR F 122 4.41 30.34 41.12
N ARG F 123 4.07 29.07 41.32
CA ARG F 123 4.05 28.48 42.66
C ARG F 123 5.44 28.47 43.28
N ARG F 124 6.42 28.00 42.52
CA ARG F 124 7.80 27.92 43.00
C ARG F 124 8.44 29.29 43.28
N GLN F 125 7.86 30.35 42.75
CA GLN F 125 8.32 31.70 43.06
C GLN F 125 7.86 32.11 44.45
N LEU F 126 6.56 31.97 44.68
CA LEU F 126 5.93 32.34 45.94
C LEU F 126 6.51 31.59 47.15
N ARG F 127 6.73 30.29 47.00
CA ARG F 127 7.37 29.47 48.04
C ARG F 127 6.59 29.56 49.36
N GLU F 128 7.27 29.91 50.46
CA GLU F 128 6.62 29.96 51.77
C GLU F 128 5.43 30.92 51.83
N ASN F 129 5.44 31.94 50.97
CA ASN F 129 4.59 33.12 51.13
C ASN F 129 3.19 33.04 50.53
N ALA F 130 2.72 31.84 50.20
CA ALA F 130 1.42 31.72 49.52
C ALA F 130 0.72 30.40 49.81
N GLU F 131 -0.44 30.22 49.19
CA GLU F 131 -1.22 29.00 49.36
C GLU F 131 -1.99 28.60 48.11
N ASP F 132 -1.89 27.32 47.77
CA ASP F 132 -2.63 26.72 46.67
C ASP F 132 -4.05 26.45 47.16
N MET F 133 -5.02 27.19 46.63
CA MET F 133 -6.41 27.07 47.05
C MET F 133 -7.14 25.88 46.41
N GLY F 134 -6.57 25.29 45.35
CA GLY F 134 -7.20 24.18 44.64
C GLY F 134 -7.97 24.62 43.42
N ASP F 135 -8.28 25.91 43.33
CA ASP F 135 -8.90 26.51 42.14
C ASP F 135 -7.87 26.79 41.05
N GLY F 136 -6.65 26.30 41.22
CA GLY F 136 -5.52 26.74 40.40
C GLY F 136 -5.26 28.21 40.69
N CYS F 137 -5.35 28.54 41.98
CA CYS F 137 -5.49 29.91 42.40
C CYS F 137 -4.75 30.10 43.72
N PHE F 138 -4.08 31.23 43.85
CA PHE F 138 -3.20 31.47 45.00
C PHE F 138 -3.74 32.52 45.95
N LYS F 139 -3.59 32.24 47.24
CA LYS F 139 -3.85 33.19 48.30
C LYS F 139 -2.49 33.64 48.82
N ILE F 140 -2.17 34.91 48.60
CA ILE F 140 -0.89 35.45 49.02
C ILE F 140 -1.05 36.09 50.39
N TYR F 141 -0.19 35.70 51.33
CA TYR F 141 -0.28 36.13 52.72
C TYR F 141 0.48 37.43 52.97
N HIS F 142 0.44 38.35 52.00
CA HIS F 142 0.99 39.68 52.18
C HIS F 142 0.43 40.64 51.12
N LYS F 143 0.81 41.90 51.21
CA LYS F 143 0.24 42.95 50.36
C LYS F 143 1.08 43.11 49.08
N CYS F 144 0.46 42.79 47.93
CA CYS F 144 1.08 43.02 46.62
C CYS F 144 0.31 44.11 45.89
N ASP F 145 0.93 45.27 45.71
CA ASP F 145 0.43 46.24 44.75
C ASP F 145 0.57 45.67 43.32
N ASN F 146 0.28 46.47 42.30
CA ASN F 146 0.36 45.97 40.92
C ASN F 146 1.78 45.81 40.40
N ALA F 147 2.71 46.61 40.90
CA ALA F 147 4.13 46.41 40.58
C ALA F 147 4.67 45.13 41.24
N CYS F 148 4.02 44.70 42.32
CA CYS F 148 4.33 43.42 42.97
C CYS F 148 3.87 42.24 42.12
N ILE F 149 2.64 42.33 41.61
CA ILE F 149 2.09 41.28 40.76
C ILE F 149 2.87 41.25 39.45
N GLU F 150 3.22 42.43 38.93
CA GLU F 150 4.16 42.56 37.83
C GLU F 150 5.36 41.62 38.01
N SER F 151 6.04 41.75 39.15
CA SER F 151 7.28 41.00 39.41
C SER F 151 7.10 39.48 39.33
N ILE F 152 5.96 38.96 39.78
CA ILE F 152 5.68 37.52 39.74
C ILE F 152 5.55 37.02 38.30
N ARG F 153 5.08 37.87 37.40
CA ARG F 153 4.90 37.52 36.00
C ARG F 153 6.19 37.65 35.21
N THR F 154 6.93 38.73 35.44
CA THR F 154 8.26 38.89 34.86
C THR F 154 9.22 37.80 35.34
N GLY F 155 8.94 37.24 36.52
CA GLY F 155 9.77 36.19 37.11
C GLY F 155 10.75 36.74 38.14
N THR F 156 10.68 38.03 38.41
CA THR F 156 11.62 38.68 39.31
C THR F 156 11.00 38.97 40.69
N TYR F 157 10.21 38.03 41.22
CA TYR F 157 9.58 38.18 42.53
C TYR F 157 10.49 37.63 43.62
N ASP F 158 11.01 38.52 44.45
CA ASP F 158 11.90 38.13 45.54
C ASP F 158 11.07 37.70 46.75
N HIS F 159 11.10 36.40 47.04
CA HIS F 159 10.26 35.85 48.10
C HIS F 159 10.83 36.14 49.51
N TYR F 160 12.16 36.31 49.62
CA TYR F 160 12.81 36.54 50.92
C TYR F 160 12.44 37.90 51.52
N ILE F 161 12.10 38.85 50.66
CA ILE F 161 11.74 40.21 51.09
C ILE F 161 10.41 40.25 51.83
N TYR F 162 9.45 39.46 51.39
CA TYR F 162 8.12 39.44 52.01
C TYR F 162 7.95 38.34 53.07
N ARG F 163 8.94 37.46 53.19
CA ARG F 163 8.83 36.29 54.07
C ARG F 163 8.40 36.65 55.50
N ASP F 164 9.02 37.68 56.06
CA ASP F 164 8.69 38.11 57.43
C ASP F 164 7.24 38.53 57.54
N GLU F 165 6.84 39.44 56.66
CA GLU F 165 5.46 39.88 56.55
C GLU F 165 4.53 38.67 56.39
N ALA F 166 4.89 37.76 55.49
CA ALA F 166 4.08 36.59 55.16
C ALA F 166 3.74 35.74 56.37
N LEU F 167 4.71 35.53 57.24
CA LEU F 167 4.55 34.68 58.42
C LEU F 167 3.61 35.29 59.49
N ASN F 168 3.72 36.59 59.73
CA ASN F 168 2.83 37.26 60.69
C ASN F 168 1.37 37.20 60.28
N ASN F 169 1.11 37.27 58.98
CA ASN F 169 -0.25 37.12 58.45
C ASN F 169 -0.67 35.65 58.46
N ARG F 170 0.26 34.78 58.08
CA ARG F 170 0.04 33.33 58.07
C ARG F 170 -0.26 32.80 59.47
N PHE F 171 0.66 33.02 60.39
CA PHE F 171 0.52 32.57 61.77
C PHE F 171 -0.18 33.63 62.61
N GLN F 172 -1.41 33.29 63.01
CA GLN F 172 -2.12 34.00 64.06
C GLN F 172 -3.38 33.17 64.34
N SER F 173 -3.15 31.94 64.81
CA SER F 173 -4.18 30.90 64.91
C SER F 173 -3.86 29.75 65.89
N GLY F 174 -4.79 29.48 66.80
CA GLY F 174 -4.68 28.34 67.71
C GLY F 174 -5.94 28.17 68.55
#